data_6XLE
#
_entry.id   6XLE
#
_cell.length_a   1.00
_cell.length_b   1.00
_cell.length_c   1.00
_cell.angle_alpha   90.00
_cell.angle_beta   90.00
_cell.angle_gamma   90.00
#
_symmetry.space_group_name_H-M   'P 1'
#
loop_
_entity.id
_entity.type
_entity.pdbx_description
1 polymer 'ATP-dependent molecular chaperone HSC82'
2 polymer 'Hsp90 co-chaperone AHA1'
3 non-polymer 'PHOSPHOAMINOPHOSPHONIC ACID-ADENYLATE ESTER'
4 non-polymer 'MAGNESIUM ION'
5 non-polymer 'POTASSIUM ION'
#
loop_
_entity_poly.entity_id
_entity_poly.type
_entity_poly.pdbx_seq_one_letter_code
_entity_poly.pdbx_strand_id
1 'polypeptide(L)'
;MAGETFEFQAEITQLMSLIINTVYSNKEIFLRELISNASDALDKIRYQALSDPKQLETEPDLFIRITPKPEEKVLEIRDS
GIGMTKAELINNLGTIAKSGTKAFMEALSAGADVSMIGQFGVGFYSLFLVADRVQVISKNNEDEQYIWESNAGGSFTVTL
DEVNERIGRGTVLRLFLKDDQLEYLEEKRIKEVIKRHSEFVAYPIQLLVTKEVEKEVPIPEEEKKDEEKKDEDDKKPKLE
EVDEEEEEKKPKTKKVKEEVQELEELNKTKPLWTRNPSDITQEEYNAFYKSISNDWEDPLYVKHFSVEGQLEFRAILFIP
KRAPFDLFESKKKKNNIKLYVRRVFITDEAEDLIPEWLSFVKGVVDSEDLPLNLSREMLQQNKIMKVIRKNIVKKLIEAF
NEIAEDSEQFDKFYSAFAKNIKLGVHEDTQNRAALAKLLRYNSTKSVDELTSLTDYVTRMPEHQKNIYYITGESLKAVEK
SPFLDALKAKNFEVLFLTDPIDEYAFTQLKEFEGKTLVDITKDFELEETDEEKAEREKEIKEYEPLTKALKDILGDQVEK
VVVSYKLLDAPAAIRTGQFGWSANMERIMKAQALRDSSMSSYMSSKKTFEISPKSPIIKELKKRVDEGGAQDKTVKDLTN
LLFETALLTSGFSLEEPTSFASRINRLISLGLNIDEDEETETAPEASTEAPVEEVPADTEMEEVD
;
A,B
2 'polypeptide(L)'
;MVVNNPNNWHWVDKNCIGWAKEYFKQKLVGVEAGSVKDKKYAKIKSVSSIEGDCEVNQRKGKVISLFDLKITVLIEGHVD
SKDGSALPFEGSINVPEVAFDSEASSYQFDISIFKETSELSEAKPLIRSELLPKLRQIFQQFGKDLLATHGNDIQVPESQ
VKSNYTRGNQKSSFTEIKDSASKPKKNALPSSTSTSAPVSSTNKVPQNGSGNSTSIYLEPTFNVPSSELYETFLDKQRIL
AWTRSAQFFNSGPKLETKEKFELFGGNVISELVSCEKDKKLVFHWKLKDWSAPFNSTIEMTFHESQEFHETKLQVKWTGI
PVGEEDRVRANFEEYYVRSIKLTFGFGAVL
;
C,D
#
loop_
_chem_comp.id
_chem_comp.type
_chem_comp.name
_chem_comp.formula
ANP non-polymer 'PHOSPHOAMINOPHOSPHONIC ACID-ADENYLATE ESTER' 'C10 H17 N6 O12 P3'
K non-polymer 'POTASSIUM ION' 'K 1'
MG non-polymer 'MAGNESIUM ION' 'Mg 2'
#
# COMPACT_ATOMS: atom_id res chain seq x y z
N GLY A 3 54.46 -18.25 7.60
CA GLY A 3 55.32 -17.35 8.36
C GLY A 3 54.86 -17.16 9.80
N GLU A 4 54.59 -15.93 10.17
CA GLU A 4 54.14 -15.59 11.52
C GLU A 4 52.62 -15.74 11.59
N THR A 5 52.15 -16.71 12.35
CA THR A 5 50.72 -16.98 12.50
C THR A 5 50.22 -16.37 13.81
N PHE A 6 49.15 -15.60 13.72
CA PHE A 6 48.54 -14.96 14.88
C PHE A 6 47.05 -15.29 14.92
N GLU A 7 46.56 -15.58 16.11
CA GLU A 7 45.14 -15.84 16.30
C GLU A 7 44.37 -14.54 16.40
N PHE A 8 43.11 -14.58 15.95
CA PHE A 8 42.27 -13.40 15.98
C PHE A 8 41.99 -12.97 17.41
N GLN A 9 41.95 -11.65 17.63
CA GLN A 9 41.67 -11.06 18.92
C GLN A 9 40.40 -10.22 18.84
N ALA A 10 39.95 -9.77 20.00
CA ALA A 10 38.73 -8.94 20.08
C ALA A 10 38.91 -7.92 21.17
N GLU A 11 38.74 -6.64 20.82
CA GLU A 11 38.85 -5.57 21.81
C GLU A 11 37.60 -5.55 22.68
N ILE A 12 37.78 -5.76 23.99
CA ILE A 12 36.65 -5.90 24.89
C ILE A 12 35.90 -4.58 25.03
N THR A 13 36.63 -3.48 25.25
CA THR A 13 35.99 -2.18 25.46
C THR A 13 35.23 -1.69 24.24
N GLN A 14 35.56 -2.20 23.05
CA GLN A 14 34.85 -1.82 21.83
C GLN A 14 33.80 -2.83 21.40
N LEU A 15 34.04 -4.12 21.65
CA LEU A 15 33.04 -5.13 21.31
C LEU A 15 31.81 -5.02 22.20
N MET A 16 31.99 -4.63 23.46
CA MET A 16 30.85 -4.47 24.36
C MET A 16 29.91 -3.37 23.89
N SER A 17 30.45 -2.33 23.26
CA SER A 17 29.62 -1.27 22.72
C SER A 17 28.95 -1.68 21.41
N LEU A 18 29.60 -2.53 20.62
CA LEU A 18 29.02 -2.97 19.36
C LEU A 18 27.83 -3.90 19.55
N ILE A 19 27.72 -4.56 20.71
CA ILE A 19 26.62 -5.47 20.98
C ILE A 19 25.52 -4.81 21.79
N ILE A 20 25.63 -3.52 22.08
CA ILE A 20 24.61 -2.83 22.88
C ILE A 20 24.03 -1.65 22.11
N ASN A 21 24.87 -0.67 21.78
CA ASN A 21 24.41 0.58 21.19
C ASN A 21 24.49 0.60 19.67
N THR A 22 24.87 -0.51 19.05
CA THR A 22 24.84 -0.63 17.59
C THR A 22 23.88 -1.70 17.10
N VAL A 23 23.64 -2.75 17.88
CA VAL A 23 22.67 -3.78 17.56
C VAL A 23 21.46 -3.57 18.48
N TYR A 24 20.38 -4.32 18.21
CA TYR A 24 19.13 -4.22 18.96
C TYR A 24 18.55 -2.81 18.82
N SER A 25 18.13 -2.51 17.58
CA SER A 25 17.62 -1.19 17.25
C SER A 25 16.49 -0.75 18.18
N ASN A 26 15.75 -1.69 18.77
CA ASN A 26 14.71 -1.40 19.72
C ASN A 26 15.18 -1.78 21.12
N LYS A 27 14.82 -0.96 22.11
CA LYS A 27 15.27 -1.17 23.47
C LYS A 27 14.33 -2.05 24.29
N GLU A 28 13.09 -2.25 23.84
CA GLU A 28 12.15 -3.08 24.59
C GLU A 28 12.43 -4.56 24.44
N ILE A 29 13.37 -4.96 23.57
CA ILE A 29 13.66 -6.38 23.38
C ILE A 29 14.52 -6.96 24.49
N PHE A 30 14.97 -6.14 25.44
CA PHE A 30 15.73 -6.67 26.57
C PHE A 30 14.88 -7.63 27.40
N LEU A 31 13.58 -7.35 27.52
CA LEU A 31 12.68 -8.25 28.21
C LEU A 31 12.47 -9.54 27.42
N ARG A 32 12.49 -9.45 26.08
CA ARG A 32 12.31 -10.64 25.26
C ARG A 32 13.48 -11.61 25.41
N GLU A 33 14.68 -11.09 25.69
CA GLU A 33 15.84 -11.95 25.85
C GLU A 33 15.96 -12.53 27.26
N LEU A 34 15.62 -11.74 28.28
CA LEU A 34 15.70 -12.25 29.64
C LEU A 34 14.62 -13.28 29.92
N ILE A 35 13.42 -13.07 29.38
CA ILE A 35 12.37 -14.08 29.49
C ILE A 35 12.78 -15.35 28.76
N SER A 36 13.38 -15.21 27.58
CA SER A 36 13.82 -16.38 26.83
C SER A 36 14.95 -17.11 27.55
N ASN A 37 15.91 -16.36 28.09
CA ASN A 37 16.99 -17.00 28.85
C ASN A 37 16.46 -17.72 30.07
N ALA A 38 15.39 -17.20 30.69
CA ALA A 38 14.75 -17.91 31.79
C ALA A 38 14.01 -19.15 31.30
N SER A 39 13.54 -19.13 30.04
CA SER A 39 12.87 -20.30 29.49
C SER A 39 13.86 -21.42 29.21
N ASP A 40 15.08 -21.07 28.78
CA ASP A 40 16.10 -22.10 28.54
C ASP A 40 16.54 -22.73 29.85
N ALA A 41 16.65 -21.93 30.92
CA ALA A 41 17.05 -22.48 32.21
C ALA A 41 15.99 -23.42 32.76
N LEU A 42 14.72 -23.11 32.53
CA LEU A 42 13.65 -24.01 32.98
C LEU A 42 13.61 -25.29 32.15
N ASP A 43 14.08 -25.24 30.90
CA ASP A 43 14.17 -26.44 30.09
C ASP A 43 15.32 -27.34 30.50
N LYS A 44 16.40 -26.75 31.03
CA LYS A 44 17.54 -27.55 31.47
C LYS A 44 17.20 -28.31 32.75
N ILE A 45 16.54 -27.66 33.71
CA ILE A 45 16.17 -28.33 34.95
C ILE A 45 15.05 -29.33 34.69
N ARG A 46 14.24 -29.11 33.66
CA ARG A 46 13.18 -30.07 33.31
C ARG A 46 13.76 -31.30 32.64
N TYR A 47 14.80 -31.13 31.81
CA TYR A 47 15.44 -32.28 31.19
C TYR A 47 16.15 -33.15 32.21
N GLN A 48 16.67 -32.55 33.28
CA GLN A 48 17.30 -33.32 34.35
C GLN A 48 16.29 -34.01 35.26
N ALA A 49 15.05 -33.51 35.29
CA ALA A 49 14.02 -34.14 36.13
C ALA A 49 13.59 -35.49 35.57
N LEU A 50 13.76 -35.69 34.25
CA LEU A 50 13.39 -36.97 33.66
C LEU A 50 14.28 -38.10 34.13
N SER A 51 15.53 -37.80 34.48
CA SER A 51 16.46 -38.80 34.98
C SER A 51 16.69 -38.71 36.48
N ASP A 52 16.43 -37.56 37.10
CA ASP A 52 16.61 -37.39 38.54
C ASP A 52 15.50 -36.49 39.06
N PRO A 53 14.43 -37.06 39.64
CA PRO A 53 13.34 -36.23 40.15
C PRO A 53 13.74 -35.37 41.34
N LYS A 54 14.85 -35.67 42.01
CA LYS A 54 15.29 -34.91 43.17
C LYS A 54 15.82 -33.53 42.81
N GLN A 55 16.01 -33.23 41.52
CA GLN A 55 16.49 -31.92 41.13
C GLN A 55 15.45 -30.84 41.38
N LEU A 56 14.17 -31.20 41.41
CA LEU A 56 13.08 -30.26 41.65
C LEU A 56 12.63 -30.24 43.10
N GLU A 57 13.37 -30.87 44.00
CA GLU A 57 13.01 -30.86 45.41
C GLU A 57 13.38 -29.54 46.10
N THR A 58 14.36 -28.81 45.56
CA THR A 58 14.67 -27.50 46.11
C THR A 58 13.53 -26.51 45.86
N GLU A 59 12.92 -26.58 44.68
CA GLU A 59 11.75 -25.78 44.36
C GLU A 59 10.93 -26.51 43.30
N PRO A 60 9.70 -26.91 43.62
CA PRO A 60 8.92 -27.71 42.65
C PRO A 60 8.29 -26.88 41.55
N ASP A 61 7.99 -25.62 41.84
CA ASP A 61 7.30 -24.77 40.88
C ASP A 61 8.27 -24.24 39.83
N LEU A 62 7.79 -24.15 38.59
CA LEU A 62 8.55 -23.62 37.47
C LEU A 62 7.82 -22.39 36.95
N PHE A 63 8.43 -21.22 37.13
CA PHE A 63 7.78 -19.97 36.76
C PHE A 63 8.84 -18.92 36.48
N ILE A 64 8.40 -17.81 35.90
CA ILE A 64 9.25 -16.64 35.64
C ILE A 64 8.54 -15.44 36.24
N ARG A 65 9.07 -14.93 37.34
CA ARG A 65 8.43 -13.85 38.09
C ARG A 65 9.12 -12.53 37.83
N ILE A 66 8.33 -11.49 37.61
CA ILE A 66 8.81 -10.14 37.40
C ILE A 66 8.20 -9.25 38.47
N THR A 67 9.05 -8.67 39.32
CA THR A 67 8.60 -7.83 40.43
C THR A 67 9.14 -6.42 40.27
N PRO A 68 8.37 -5.49 39.73
CA PRO A 68 8.86 -4.10 39.62
C PRO A 68 8.91 -3.42 40.97
N LYS A 69 9.92 -2.58 41.15
CA LYS A 69 10.09 -1.79 42.37
C LYS A 69 10.38 -0.34 41.99
N PRO A 70 9.34 0.47 41.84
CA PRO A 70 9.57 1.89 41.50
C PRO A 70 10.21 2.68 42.62
N GLU A 71 10.16 2.20 43.87
CA GLU A 71 10.75 2.93 44.98
C GLU A 71 12.26 3.02 44.85
N GLU A 72 12.90 1.95 44.38
CA GLU A 72 14.35 1.92 44.22
C GLU A 72 14.78 1.82 42.76
N LYS A 73 13.84 1.93 41.82
CA LYS A 73 14.13 1.94 40.39
C LYS A 73 14.85 0.67 39.96
N VAL A 74 14.27 -0.48 40.34
CA VAL A 74 14.84 -1.78 40.02
C VAL A 74 13.74 -2.65 39.41
N LEU A 75 14.04 -3.26 38.27
CA LEU A 75 13.14 -4.19 37.59
C LEU A 75 13.70 -5.59 37.78
N GLU A 76 13.14 -6.32 38.73
CA GLU A 76 13.65 -7.64 39.10
C GLU A 76 12.95 -8.72 38.28
N ILE A 77 13.73 -9.64 37.74
CA ILE A 77 13.22 -10.78 36.97
C ILE A 77 13.76 -12.05 37.62
N ARG A 78 12.86 -12.85 38.19
CA ARG A 78 13.21 -14.06 38.90
C ARG A 78 12.61 -15.28 38.20
N ASP A 79 13.42 -16.32 38.05
CA ASP A 79 12.97 -17.60 37.52
C ASP A 79 13.49 -18.72 38.40
N SER A 80 12.92 -19.91 38.23
CA SER A 80 13.29 -21.09 38.98
C SER A 80 13.95 -22.14 38.09
N GLY A 81 14.80 -21.68 37.17
CA GLY A 81 15.46 -22.57 36.23
C GLY A 81 16.54 -23.43 36.86
N ILE A 82 17.49 -23.89 36.02
CA ILE A 82 18.54 -24.76 36.52
C ILE A 82 19.52 -23.99 37.40
N GLY A 83 19.75 -22.72 37.12
CA GLY A 83 20.70 -21.93 37.86
C GLY A 83 22.12 -22.12 37.37
N MET A 84 22.96 -21.15 37.72
CA MET A 84 24.36 -21.14 37.31
C MET A 84 25.27 -21.22 38.54
N THR A 85 26.33 -22.02 38.43
CA THR A 85 27.30 -22.13 39.50
C THR A 85 28.29 -20.97 39.43
N LYS A 86 29.29 -20.98 40.31
CA LYS A 86 30.30 -19.93 40.29
C LYS A 86 31.13 -19.98 39.02
N ALA A 87 31.40 -21.20 38.52
CA ALA A 87 32.16 -21.34 37.27
C ALA A 87 31.32 -20.95 36.06
N GLU A 88 30.01 -21.19 36.11
CA GLU A 88 29.17 -20.85 34.97
C GLU A 88 28.94 -19.35 34.86
N LEU A 89 29.00 -18.63 35.99
CA LEU A 89 28.84 -17.18 35.95
C LEU A 89 30.03 -16.48 35.32
N ILE A 90 31.16 -17.16 35.20
CA ILE A 90 32.37 -16.57 34.62
C ILE A 90 32.54 -16.97 33.17
N ASN A 91 32.25 -18.22 32.82
CA ASN A 91 32.44 -18.72 31.47
C ASN A 91 31.22 -18.48 30.59
N ASN A 92 30.04 -18.96 31.04
CA ASN A 92 28.84 -18.83 30.23
C ASN A 92 28.28 -17.41 30.25
N LEU A 93 28.44 -16.70 31.37
CA LEU A 93 27.86 -15.36 31.52
C LEU A 93 28.87 -14.24 31.32
N GLY A 94 30.15 -14.48 31.62
CA GLY A 94 31.16 -13.43 31.53
C GLY A 94 31.90 -13.35 30.22
N THR A 95 31.72 -14.31 29.32
CA THR A 95 32.43 -14.36 28.04
C THR A 95 31.46 -14.00 26.92
N ILE A 96 31.88 -13.08 26.06
CA ILE A 96 31.06 -12.68 24.92
C ILE A 96 30.98 -13.83 23.93
N ALA A 97 29.80 -13.99 23.32
CA ALA A 97 29.54 -15.01 22.30
C ALA A 97 29.71 -16.44 22.84
N LYS A 98 29.70 -16.60 24.15
CA LYS A 98 29.77 -17.91 24.78
C LYS A 98 28.38 -18.28 25.29
N SER A 99 27.81 -19.34 24.73
CA SER A 99 26.44 -19.76 25.04
C SER A 99 26.48 -21.13 25.69
N GLY A 100 26.23 -21.17 27.01
CA GLY A 100 26.09 -22.44 27.70
C GLY A 100 24.86 -23.22 27.30
N THR A 101 23.84 -22.53 26.80
CA THR A 101 22.64 -23.23 26.31
C THR A 101 22.94 -23.97 25.01
N LYS A 102 23.72 -23.36 24.12
CA LYS A 102 24.08 -24.02 22.88
C LYS A 102 24.92 -25.27 23.14
N ALA A 103 25.78 -25.22 24.16
CA ALA A 103 26.58 -26.40 24.52
C ALA A 103 25.72 -27.49 25.10
N PHE A 104 24.62 -27.13 25.79
CA PHE A 104 23.73 -28.14 26.35
C PHE A 104 22.97 -28.88 25.26
N MET A 105 22.65 -28.20 24.16
CA MET A 105 21.95 -28.86 23.06
C MET A 105 22.81 -29.90 22.37
N GLU A 106 24.12 -29.65 22.28
CA GLU A 106 25.02 -30.60 21.63
C GLU A 106 25.29 -31.83 22.50
N ALA A 107 24.99 -31.75 23.79
CA ALA A 107 25.21 -32.87 24.72
C ALA A 107 23.93 -33.66 24.99
N LEU A 108 22.85 -33.37 24.27
CA LEU A 108 21.61 -34.08 24.48
C LEU A 108 21.71 -35.51 23.95
N SER A 109 20.94 -36.41 24.57
CA SER A 109 20.92 -37.79 24.15
C SER A 109 20.21 -37.95 22.80
N ALA A 110 20.40 -39.11 22.19
CA ALA A 110 19.76 -39.38 20.90
C ALA A 110 18.25 -39.45 21.06
N GLY A 111 17.55 -38.66 20.26
CA GLY A 111 16.09 -38.63 20.32
C GLY A 111 15.50 -37.63 21.30
N ALA A 112 16.23 -36.57 21.62
CA ALA A 112 15.72 -35.58 22.55
C ALA A 112 14.58 -34.78 21.93
N ASP A 113 13.68 -34.28 22.78
CA ASP A 113 12.53 -33.51 22.34
C ASP A 113 12.58 -32.05 22.77
N VAL A 114 13.50 -31.68 23.65
CA VAL A 114 13.59 -30.29 24.11
C VAL A 114 14.22 -29.44 23.02
N SER A 115 13.67 -28.24 22.83
CA SER A 115 14.16 -27.29 21.82
C SER A 115 14.41 -25.96 22.53
N MET A 116 15.67 -25.68 22.85
CA MET A 116 16.04 -24.49 23.57
C MET A 116 16.24 -23.32 22.61
N ILE A 117 16.17 -22.11 23.17
CA ILE A 117 16.15 -20.88 22.37
C ILE A 117 17.57 -20.33 22.15
N GLY A 118 18.31 -20.15 23.23
CA GLY A 118 19.62 -19.54 23.15
C GLY A 118 20.64 -20.31 22.33
N GLN A 119 21.18 -19.67 21.29
CA GLN A 119 22.17 -20.31 20.45
C GLN A 119 23.31 -19.39 20.03
N PHE A 120 23.36 -18.16 20.51
CA PHE A 120 24.39 -17.21 20.12
C PHE A 120 25.35 -16.87 21.25
N GLY A 121 24.83 -16.52 22.42
CA GLY A 121 25.66 -16.15 23.55
C GLY A 121 25.82 -14.66 23.79
N VAL A 122 24.94 -13.83 23.22
CA VAL A 122 25.01 -12.39 23.41
C VAL A 122 23.67 -11.80 23.85
N GLY A 123 22.65 -12.61 24.03
CA GLY A 123 21.34 -12.08 24.40
C GLY A 123 21.28 -11.54 25.81
N PHE A 124 22.13 -12.05 26.71
CA PHE A 124 22.12 -11.57 28.09
C PHE A 124 22.54 -10.11 28.18
N TYR A 125 23.52 -9.71 27.37
CA TYR A 125 24.06 -8.35 27.42
C TYR A 125 23.10 -7.30 26.89
N SER A 126 21.90 -7.70 26.44
CA SER A 126 20.93 -6.73 25.94
C SER A 126 20.27 -5.93 27.06
N LEU A 127 20.36 -6.40 28.31
CA LEU A 127 19.71 -5.69 29.41
C LEU A 127 20.35 -4.35 29.71
N PHE A 128 21.58 -4.11 29.24
CA PHE A 128 22.26 -2.85 29.49
C PHE A 128 21.73 -1.71 28.64
N LEU A 129 20.79 -1.99 27.71
CA LEU A 129 20.17 -0.91 26.95
C LEU A 129 19.31 -0.01 27.82
N VAL A 130 18.72 -0.57 28.88
CA VAL A 130 17.85 0.20 29.77
C VAL A 130 18.36 0.26 31.19
N ALA A 131 19.43 -0.47 31.53
CA ALA A 131 19.99 -0.49 32.87
C ALA A 131 21.47 -0.17 32.83
N ASP A 132 21.94 0.60 33.81
CA ASP A 132 23.35 0.94 33.90
C ASP A 132 24.17 -0.13 34.61
N ARG A 133 23.57 -0.85 35.55
CA ARG A 133 24.25 -1.94 36.24
C ARG A 133 23.23 -3.00 36.61
N VAL A 134 23.68 -4.26 36.62
CA VAL A 134 22.82 -5.40 36.90
C VAL A 134 23.47 -6.24 38.00
N GLN A 135 22.62 -6.84 38.84
CA GLN A 135 23.06 -7.71 39.92
C GLN A 135 22.39 -9.07 39.71
N VAL A 136 23.07 -9.97 38.99
CA VAL A 136 22.53 -11.29 38.71
C VAL A 136 22.81 -12.20 39.89
N ILE A 137 21.75 -12.64 40.56
CA ILE A 137 21.84 -13.52 41.72
C ILE A 137 21.44 -14.92 41.27
N SER A 138 22.41 -15.82 41.20
CA SER A 138 22.19 -17.18 40.75
C SER A 138 22.29 -18.16 41.91
N LYS A 139 21.66 -19.31 41.75
CA LYS A 139 21.67 -20.36 42.77
C LYS A 139 21.45 -21.70 42.09
N ASN A 140 22.43 -22.58 42.18
CA ASN A 140 22.37 -23.91 41.60
C ASN A 140 22.37 -24.96 42.70
N ASN A 141 21.84 -26.14 42.38
CA ASN A 141 21.81 -27.23 43.35
C ASN A 141 23.19 -27.79 43.65
N GLU A 142 24.16 -27.55 42.76
CA GLU A 142 25.51 -28.08 42.92
C GLU A 142 26.51 -27.02 43.38
N ASP A 143 26.03 -25.85 43.81
CA ASP A 143 26.92 -24.77 44.24
C ASP A 143 26.16 -23.87 45.20
N GLU A 144 26.85 -22.85 45.68
CA GLU A 144 26.25 -21.88 46.60
C GLU A 144 25.55 -20.77 45.81
N GLN A 145 25.02 -19.79 46.54
CA GLN A 145 24.33 -18.66 45.95
C GLN A 145 25.32 -17.50 45.81
N TYR A 146 25.53 -17.05 44.58
CA TYR A 146 26.48 -15.99 44.28
C TYR A 146 25.77 -14.80 43.65
N ILE A 147 26.50 -13.70 43.52
CA ILE A 147 25.98 -12.47 42.95
C ILE A 147 26.89 -12.06 41.80
N TRP A 148 26.30 -11.90 40.60
CA TRP A 148 27.03 -11.48 39.42
C TRP A 148 26.68 -10.01 39.15
N GLU A 149 27.62 -9.12 39.41
CA GLU A 149 27.40 -7.69 39.26
C GLU A 149 28.36 -7.12 38.22
N SER A 150 27.84 -6.21 37.40
CA SER A 150 28.64 -5.56 36.37
C SER A 150 28.03 -4.21 36.05
N ASN A 151 28.86 -3.33 35.47
CA ASN A 151 28.45 -1.98 35.10
C ASN A 151 28.60 -1.74 33.60
N ALA A 152 28.58 -2.80 32.80
CA ALA A 152 28.73 -2.71 31.34
C ALA A 152 30.04 -2.03 30.94
N GLY A 153 31.07 -2.16 31.78
CA GLY A 153 32.35 -1.56 31.50
C GLY A 153 33.33 -2.53 30.86
N GLY A 154 34.37 -2.90 31.60
CA GLY A 154 35.36 -3.83 31.09
C GLY A 154 35.57 -5.03 31.97
N SER A 155 34.85 -5.10 33.09
CA SER A 155 35.00 -6.20 34.03
C SER A 155 33.69 -6.38 34.79
N PHE A 156 33.61 -7.50 35.50
CA PHE A 156 32.45 -7.81 36.33
C PHE A 156 32.94 -8.37 37.67
N THR A 157 32.04 -8.36 38.65
CA THR A 157 32.36 -8.77 40.01
C THR A 157 31.46 -9.93 40.41
N VAL A 158 32.06 -10.98 40.97
CA VAL A 158 31.33 -12.16 41.44
C VAL A 158 31.57 -12.27 42.94
N THR A 159 30.52 -12.04 43.74
CA THR A 159 30.61 -12.08 45.18
C THR A 159 29.62 -13.10 45.75
N LEU A 160 29.99 -13.71 46.86
CA LEU A 160 29.11 -14.65 47.53
C LEU A 160 27.94 -13.90 48.16
N ASP A 161 26.72 -14.40 47.93
CA ASP A 161 25.53 -13.73 48.43
C ASP A 161 25.42 -13.90 49.94
N GLU A 162 25.30 -12.78 50.66
CA GLU A 162 25.18 -12.81 52.11
C GLU A 162 24.08 -11.90 52.63
N VAL A 163 23.43 -11.11 51.77
CA VAL A 163 22.40 -10.17 52.22
C VAL A 163 21.06 -10.35 51.53
N ASN A 164 20.99 -11.06 50.41
CA ASN A 164 19.74 -11.20 49.67
C ASN A 164 18.99 -12.46 50.13
N GLU A 165 17.84 -12.71 49.49
CA GLU A 165 17.02 -13.85 49.85
C GLU A 165 17.72 -15.16 49.49
N ARG A 166 17.52 -16.18 50.32
CA ARG A 166 18.09 -17.50 50.08
C ARG A 166 17.11 -18.30 49.22
N ILE A 167 17.19 -18.07 47.91
CA ILE A 167 16.30 -18.76 46.97
C ILE A 167 16.70 -20.23 46.88
N GLY A 168 15.70 -21.08 46.59
CA GLY A 168 15.97 -22.50 46.48
C GLY A 168 16.73 -22.85 45.21
N ARG A 169 16.23 -22.40 44.07
CA ARG A 169 16.86 -22.69 42.79
C ARG A 169 16.37 -21.68 41.76
N GLY A 170 17.29 -21.24 40.90
CA GLY A 170 16.97 -20.31 39.84
C GLY A 170 17.94 -19.14 39.85
N THR A 171 17.56 -18.08 39.14
CA THR A 171 18.36 -16.87 39.03
C THR A 171 17.51 -15.65 39.25
N VAL A 172 18.05 -14.67 39.98
CA VAL A 172 17.39 -13.40 40.24
C VAL A 172 18.25 -12.30 39.64
N LEU A 173 17.67 -11.50 38.76
CA LEU A 173 18.39 -10.44 38.06
C LEU A 173 17.85 -9.09 38.52
N ARG A 174 18.68 -8.35 39.25
CA ARG A 174 18.33 -7.00 39.70
C ARG A 174 18.77 -6.00 38.62
N LEU A 175 17.81 -5.43 37.92
CA LEU A 175 18.09 -4.48 36.83
C LEU A 175 17.84 -3.07 37.34
N PHE A 176 18.92 -2.35 37.64
CA PHE A 176 18.84 -0.94 38.02
C PHE A 176 18.63 -0.14 36.75
N LEU A 177 17.38 0.17 36.44
CA LEU A 177 17.05 0.83 35.19
C LEU A 177 17.57 2.27 35.18
N LYS A 178 17.89 2.75 33.97
CA LYS A 178 18.39 4.10 33.81
C LYS A 178 17.29 5.12 34.06
N ASP A 179 17.70 6.37 34.30
CA ASP A 179 16.73 7.43 34.58
C ASP A 179 15.87 7.73 33.36
N ASP A 180 16.42 7.63 32.16
CA ASP A 180 15.68 7.90 30.94
C ASP A 180 14.94 6.66 30.43
N GLN A 181 15.06 5.52 31.11
CA GLN A 181 14.40 4.29 30.71
C GLN A 181 13.47 3.78 31.81
N LEU A 182 12.92 4.70 32.62
CA LEU A 182 12.03 4.32 33.71
C LEU A 182 10.63 3.94 33.24
N GLU A 183 10.37 3.95 31.92
CA GLU A 183 9.06 3.58 31.42
C GLU A 183 8.74 2.10 31.63
N TYR A 184 9.77 1.27 31.82
CA TYR A 184 9.58 -0.16 32.01
C TYR A 184 9.26 -0.54 33.44
N LEU A 185 9.00 0.43 34.32
CA LEU A 185 8.62 0.16 35.70
C LEU A 185 7.11 0.15 35.89
N GLU A 186 6.34 0.52 34.86
CA GLU A 186 4.89 0.55 34.96
C GLU A 186 4.29 -0.78 34.49
N GLU A 187 3.05 -1.04 34.92
CA GLU A 187 2.39 -2.29 34.58
C GLU A 187 2.03 -2.34 33.10
N LYS A 188 1.61 -1.20 32.53
CA LYS A 188 1.13 -1.20 31.15
C LYS A 188 2.27 -1.47 30.17
N ARG A 189 3.46 -0.94 30.45
CA ARG A 189 4.58 -1.11 29.52
C ARG A 189 5.11 -2.54 29.55
N ILE A 190 5.14 -3.15 30.75
CA ILE A 190 5.66 -4.51 30.86
C ILE A 190 4.74 -5.50 30.15
N LYS A 191 3.42 -5.36 30.36
CA LYS A 191 2.48 -6.24 29.68
C LYS A 191 2.46 -6.02 28.18
N GLU A 192 2.88 -4.86 27.70
CA GLU A 192 2.91 -4.61 26.26
C GLU A 192 4.05 -5.36 25.60
N VAL A 193 5.18 -5.51 26.29
CA VAL A 193 6.32 -6.22 25.72
C VAL A 193 6.07 -7.73 25.73
N ILE A 194 5.49 -8.24 26.80
CA ILE A 194 5.20 -9.67 26.87
C ILE A 194 4.14 -10.06 25.85
N LYS A 195 3.11 -9.22 25.68
CA LYS A 195 2.08 -9.49 24.69
C LYS A 195 2.66 -9.47 23.27
N ARG A 196 3.73 -8.71 23.05
CA ARG A 196 4.31 -8.56 21.72
C ARG A 196 5.34 -9.64 21.41
N HIS A 197 6.17 -10.01 22.39
CA HIS A 197 7.31 -10.90 22.15
C HIS A 197 7.18 -12.24 22.86
N SER A 198 6.94 -12.23 24.17
CA SER A 198 6.99 -13.44 25.00
C SER A 198 5.59 -13.87 25.45
N GLU A 199 4.61 -13.77 24.56
CA GLU A 199 3.24 -14.15 24.92
C GLU A 199 3.05 -15.66 24.98
N PHE A 200 3.73 -16.41 24.11
CA PHE A 200 3.52 -17.85 23.99
C PHE A 200 4.67 -18.65 24.61
N VAL A 201 5.22 -18.16 25.71
CA VAL A 201 6.22 -18.92 26.45
C VAL A 201 5.56 -20.11 27.12
N ALA A 202 6.20 -21.27 27.05
CA ALA A 202 5.61 -22.48 27.61
C ALA A 202 5.48 -22.40 29.12
N TYR A 203 6.43 -21.76 29.78
CA TYR A 203 6.38 -21.66 31.23
C TYR A 203 5.60 -20.42 31.67
N PRO A 204 4.89 -20.49 32.79
CA PRO A 204 4.10 -19.35 33.24
C PRO A 204 4.99 -18.16 33.58
N ILE A 205 4.54 -16.97 33.16
CA ILE A 205 5.24 -15.72 33.41
C ILE A 205 4.42 -14.94 34.43
N GLN A 206 4.95 -14.80 35.64
CA GLN A 206 4.25 -14.09 36.71
C GLN A 206 4.70 -12.64 36.76
N LEU A 207 3.75 -11.75 37.05
CA LEU A 207 4.01 -10.31 37.14
C LEU A 207 3.41 -9.79 38.44
N LEU A 208 4.22 -9.10 39.23
CA LEU A 208 3.77 -8.54 40.50
C LEU A 208 3.07 -7.22 40.24
N VAL A 209 1.76 -7.19 40.45
CA VAL A 209 0.93 -6.01 40.23
C VAL A 209 0.58 -5.40 41.59
N THR A 210 0.85 -4.12 41.74
CA THR A 210 0.53 -3.42 42.99
C THR A 210 -0.83 -2.76 42.92
N VAL A 260 -1.87 -3.50 47.59
CA VAL A 260 -1.84 -4.94 47.84
C VAL A 260 -1.03 -5.64 46.74
N GLN A 261 -0.11 -6.51 47.15
CA GLN A 261 0.74 -7.24 46.23
C GLN A 261 0.02 -8.51 45.77
N GLU A 262 -0.19 -8.63 44.45
CA GLU A 262 -0.81 -9.81 43.87
C GLU A 262 -0.10 -10.15 42.57
N LEU A 263 -0.22 -11.42 42.17
CA LEU A 263 0.44 -11.94 40.97
C LEU A 263 -0.58 -12.19 39.88
N GLU A 264 -0.20 -11.88 38.64
CA GLU A 264 -1.03 -12.12 37.48
C GLU A 264 -0.19 -12.80 36.40
N GLU A 265 -0.68 -13.94 35.91
CA GLU A 265 0.02 -14.67 34.86
C GLU A 265 -0.25 -14.00 33.51
N LEU A 266 0.82 -13.64 32.81
CA LEU A 266 0.69 -12.94 31.55
C LEU A 266 0.49 -13.88 30.36
N ASN A 267 1.14 -15.04 30.39
CA ASN A 267 1.05 -16.00 29.27
C ASN A 267 0.00 -17.07 29.57
N LYS A 268 -1.25 -16.64 29.67
CA LYS A 268 -2.34 -17.57 29.91
C LYS A 268 -2.73 -18.33 28.65
N THR A 269 -2.62 -17.70 27.48
CA THR A 269 -2.97 -18.34 26.21
C THR A 269 -1.77 -19.17 25.75
N LYS A 270 -1.87 -20.48 25.92
CA LYS A 270 -0.81 -21.38 25.48
C LYS A 270 -0.87 -21.60 23.98
N PRO A 271 0.29 -21.78 23.33
CA PRO A 271 0.28 -21.99 21.88
C PRO A 271 -0.33 -23.34 21.51
N LEU A 272 -0.89 -23.39 20.29
CA LEU A 272 -1.56 -24.59 19.81
C LEU A 272 -0.78 -25.33 18.73
N TRP A 273 0.32 -24.77 18.22
CA TRP A 273 1.09 -25.46 17.19
C TRP A 273 1.86 -26.65 17.74
N THR A 274 2.08 -26.71 19.05
CA THR A 274 2.74 -27.87 19.64
C THR A 274 1.78 -29.04 19.81
N ARG A 275 0.52 -28.76 20.09
CA ARG A 275 -0.47 -29.81 20.30
C ARG A 275 -0.86 -30.44 18.96
N ASN A 276 -1.50 -31.60 19.05
CA ASN A 276 -1.98 -32.29 17.87
C ASN A 276 -3.19 -31.56 17.31
N PRO A 277 -3.20 -31.21 16.02
CA PRO A 277 -4.37 -30.51 15.45
C PRO A 277 -5.67 -31.28 15.59
N SER A 278 -5.62 -32.62 15.54
CA SER A 278 -6.84 -33.41 15.69
C SER A 278 -7.35 -33.45 17.12
N ASP A 279 -6.55 -33.01 18.10
CA ASP A 279 -6.95 -33.03 19.49
C ASP A 279 -7.39 -31.65 20.00
N ILE A 280 -7.32 -30.62 19.16
CA ILE A 280 -7.70 -29.27 19.56
C ILE A 280 -9.16 -29.04 19.19
N THR A 281 -9.93 -28.53 20.14
CA THR A 281 -11.34 -28.26 19.90
C THR A 281 -11.51 -26.92 19.19
N GLN A 282 -12.76 -26.64 18.81
CA GLN A 282 -13.04 -25.40 18.08
C GLN A 282 -12.95 -24.19 19.00
N GLU A 283 -13.38 -24.33 20.25
CA GLU A 283 -13.32 -23.21 21.19
C GLU A 283 -11.89 -22.83 21.52
N GLU A 284 -10.97 -23.79 21.51
CA GLU A 284 -9.56 -23.47 21.77
C GLU A 284 -8.95 -22.68 20.62
N TYR A 285 -9.40 -22.91 19.39
CA TYR A 285 -8.95 -22.09 18.28
C TYR A 285 -9.49 -20.67 18.37
N ASN A 286 -10.69 -20.50 18.93
CA ASN A 286 -11.25 -19.17 19.07
C ASN A 286 -10.48 -18.35 20.10
N ALA A 287 -10.14 -18.96 21.23
CA ALA A 287 -9.35 -18.26 22.24
C ALA A 287 -7.94 -17.96 21.74
N PHE A 288 -7.39 -18.81 20.88
CA PHE A 288 -6.08 -18.55 20.31
C PHE A 288 -6.12 -17.43 19.29
N TYR A 289 -7.24 -17.29 18.57
CA TYR A 289 -7.37 -16.21 17.60
C TYR A 289 -7.50 -14.85 18.29
N LYS A 290 -8.12 -14.81 19.47
CA LYS A 290 -8.25 -13.56 20.21
C LYS A 290 -6.93 -13.07 20.79
N SER A 291 -5.89 -13.90 20.77
CA SER A 291 -4.59 -13.53 21.31
C SER A 291 -3.60 -13.08 20.24
N ILE A 292 -3.54 -13.78 19.10
CA ILE A 292 -2.65 -13.38 18.03
C ILE A 292 -3.16 -12.11 17.34
N SER A 293 -4.48 -11.91 17.34
CA SER A 293 -5.09 -10.74 16.73
C SER A 293 -6.01 -10.06 17.73
N ASN A 294 -6.14 -8.75 17.60
CA ASN A 294 -7.00 -7.95 18.47
C ASN A 294 -8.46 -7.98 18.04
N ASP A 295 -8.81 -8.82 17.08
CA ASP A 295 -10.18 -8.89 16.61
C ASP A 295 -11.12 -9.39 17.71
N TRP A 296 -12.36 -8.93 17.67
CA TRP A 296 -13.38 -9.36 18.62
C TRP A 296 -14.24 -10.50 18.10
N GLU A 297 -14.24 -10.74 16.79
CA GLU A 297 -15.03 -11.80 16.21
C GLU A 297 -14.28 -13.13 16.23
N ASP A 298 -15.02 -14.22 16.41
CA ASP A 298 -14.42 -15.54 16.35
C ASP A 298 -14.00 -15.85 14.92
N PRO A 299 -12.95 -16.65 14.74
CA PRO A 299 -12.51 -16.99 13.38
C PRO A 299 -13.54 -17.82 12.65
N LEU A 300 -13.57 -17.66 11.33
CA LEU A 300 -14.54 -18.37 10.50
C LEU A 300 -14.06 -19.79 10.19
N TYR A 301 -12.81 -19.93 9.76
CA TYR A 301 -12.24 -21.24 9.45
C TYR A 301 -10.79 -21.26 9.89
N VAL A 302 -10.34 -22.43 10.33
CA VAL A 302 -8.99 -22.63 10.83
C VAL A 302 -8.31 -23.70 9.99
N LYS A 303 -7.09 -23.40 9.53
CA LYS A 303 -6.28 -24.35 8.78
C LYS A 303 -4.99 -24.59 9.57
N HIS A 304 -4.94 -25.70 10.28
CA HIS A 304 -3.78 -26.08 11.09
C HIS A 304 -3.11 -27.27 10.41
N PHE A 305 -1.98 -27.00 9.75
CA PHE A 305 -1.22 -28.03 9.05
C PHE A 305 0.23 -27.99 9.53
N SER A 306 1.00 -28.97 9.07
CA SER A 306 2.41 -29.07 9.44
C SER A 306 3.16 -29.78 8.31
N VAL A 307 4.14 -29.10 7.74
CA VAL A 307 4.99 -29.68 6.70
C VAL A 307 6.22 -30.27 7.36
N GLU A 308 6.55 -31.51 7.01
CA GLU A 308 7.68 -32.21 7.60
C GLU A 308 8.68 -32.64 6.53
N GLY A 309 8.84 -31.84 5.49
CA GLY A 309 9.80 -32.14 4.44
C GLY A 309 11.19 -31.67 4.78
N GLN A 310 11.88 -31.06 3.82
CA GLN A 310 13.22 -30.52 4.08
C GLN A 310 13.16 -29.35 5.06
N LEU A 311 12.11 -28.53 4.95
CA LEU A 311 11.91 -27.39 5.84
C LEU A 311 10.67 -27.68 6.68
N GLU A 312 10.88 -28.04 7.94
CA GLU A 312 9.80 -28.41 8.85
C GLU A 312 9.30 -27.19 9.61
N PHE A 313 7.99 -26.94 9.56
CA PHE A 313 7.40 -25.81 10.24
C PHE A 313 5.92 -26.06 10.45
N ARG A 314 5.38 -25.45 11.49
CA ARG A 314 3.95 -25.50 11.78
C ARG A 314 3.31 -24.14 11.47
N ALA A 315 2.03 -24.17 11.10
CA ALA A 315 1.32 -22.94 10.77
C ALA A 315 -0.16 -23.13 11.06
N ILE A 316 -0.71 -22.21 11.85
CA ILE A 316 -2.14 -22.21 12.16
C ILE A 316 -2.76 -20.97 11.53
N LEU A 317 -3.30 -21.12 10.33
CA LEU A 317 -3.84 -19.99 9.57
C LEU A 317 -5.33 -19.85 9.85
N PHE A 318 -5.75 -18.64 10.24
CA PHE A 318 -7.13 -18.35 10.56
C PHE A 318 -7.76 -17.50 9.47
N ILE A 319 -9.06 -17.69 9.27
CA ILE A 319 -9.86 -16.91 8.33
C ILE A 319 -10.84 -16.08 9.15
N PRO A 320 -10.73 -14.75 9.15
CA PRO A 320 -11.64 -13.93 9.95
C PRO A 320 -13.03 -13.86 9.35
N LYS A 321 -13.96 -13.20 10.05
CA LYS A 321 -15.32 -13.03 9.55
C LYS A 321 -15.52 -11.77 8.74
N ARG A 322 -14.63 -10.78 8.89
CA ARG A 322 -14.73 -9.52 8.17
C ARG A 322 -13.37 -9.15 7.60
N ALA A 323 -13.40 -8.45 6.46
CA ALA A 323 -12.17 -8.04 5.81
C ALA A 323 -11.50 -6.93 6.61
N PRO A 324 -10.17 -6.94 6.73
CA PRO A 324 -9.48 -5.88 7.49
C PRO A 324 -9.36 -4.56 6.75
N PHE A 325 -9.91 -4.45 5.54
CA PHE A 325 -9.84 -3.21 4.79
C PHE A 325 -11.22 -2.55 4.73
N ASN A 335 2.60 -7.24 9.24
CA ASN A 335 1.49 -7.85 8.52
C ASN A 335 0.59 -8.64 9.48
N ASN A 336 -0.25 -9.51 8.91
CA ASN A 336 -1.18 -10.30 9.70
C ASN A 336 -0.61 -11.66 10.10
N ILE A 337 0.35 -12.18 9.34
CA ILE A 337 0.95 -13.48 9.63
C ILE A 337 2.22 -13.25 10.44
N LYS A 338 2.26 -13.80 11.65
CA LYS A 338 3.43 -13.66 12.51
C LYS A 338 4.36 -14.85 12.33
N LEU A 339 5.64 -14.62 12.63
CA LEU A 339 6.67 -15.64 12.54
C LEU A 339 7.21 -15.93 13.93
N TYR A 340 7.28 -17.22 14.28
CA TYR A 340 7.77 -17.66 15.58
C TYR A 340 8.86 -18.70 15.37
N VAL A 341 9.92 -18.59 16.17
CA VAL A 341 11.03 -19.53 16.16
C VAL A 341 11.27 -19.97 17.59
N ARG A 342 10.90 -21.21 17.91
CA ARG A 342 11.10 -21.79 19.24
C ARG A 342 10.36 -20.98 20.31
N ARG A 343 9.06 -20.83 20.09
CA ARG A 343 8.14 -20.18 21.03
C ARG A 343 8.50 -18.72 21.29
N VAL A 344 9.19 -18.07 20.35
CA VAL A 344 9.59 -16.68 20.48
C VAL A 344 9.15 -15.93 19.23
N PHE A 345 8.48 -14.79 19.43
CA PHE A 345 8.06 -13.96 18.31
C PHE A 345 9.28 -13.31 17.68
N ILE A 346 9.44 -13.50 16.37
CA ILE A 346 10.60 -12.96 15.66
C ILE A 346 10.21 -11.65 14.98
N THR A 347 9.25 -11.70 14.07
CA THR A 347 8.83 -10.52 13.34
C THR A 347 7.47 -10.78 12.69
N ASP A 348 6.83 -9.68 12.27
CA ASP A 348 5.57 -9.75 11.54
C ASP A 348 5.61 -8.90 10.27
N GLU A 349 6.81 -8.64 9.76
CA GLU A 349 7.00 -7.79 8.57
C GLU A 349 7.66 -8.58 7.45
N ALA A 350 7.21 -9.82 7.24
CA ALA A 350 7.76 -10.67 6.21
C ALA A 350 7.04 -10.40 4.89
N GLU A 351 7.78 -9.92 3.89
CA GLU A 351 7.18 -9.54 2.62
C GLU A 351 6.79 -10.77 1.80
N ASP A 352 7.78 -11.62 1.51
CA ASP A 352 7.56 -12.77 0.64
C ASP A 352 6.76 -13.89 1.31
N LEU A 353 6.45 -13.76 2.60
CA LEU A 353 5.77 -14.85 3.31
C LEU A 353 4.39 -15.12 2.72
N ILE A 354 3.61 -14.07 2.49
CA ILE A 354 2.23 -14.23 2.04
C ILE A 354 1.95 -13.27 0.89
N PRO A 355 1.21 -13.68 -0.14
CA PRO A 355 0.91 -12.77 -1.25
C PRO A 355 0.09 -11.58 -0.82
N GLU A 356 -0.04 -10.62 -1.73
CA GLU A 356 -0.76 -9.39 -1.43
C GLU A 356 -2.26 -9.63 -1.33
N TRP A 357 -2.83 -10.33 -2.31
CA TRP A 357 -4.27 -10.59 -2.32
C TRP A 357 -4.70 -11.54 -1.20
N LEU A 358 -3.76 -12.22 -0.56
CA LEU A 358 -4.06 -13.18 0.50
C LEU A 358 -3.80 -12.58 1.89
N SER A 359 -3.59 -11.26 1.98
CA SER A 359 -3.24 -10.62 3.24
C SER A 359 -4.37 -10.66 4.26
N PHE A 360 -5.60 -10.97 3.85
CA PHE A 360 -6.70 -11.05 4.79
C PHE A 360 -6.57 -12.24 5.75
N VAL A 361 -5.81 -13.27 5.36
CA VAL A 361 -5.62 -14.42 6.23
C VAL A 361 -4.73 -14.06 7.39
N LYS A 362 -5.12 -14.51 8.60
CA LYS A 362 -4.35 -14.29 9.81
C LYS A 362 -3.84 -15.62 10.34
N GLY A 363 -2.97 -15.55 11.34
CA GLY A 363 -2.40 -16.71 11.96
C GLY A 363 -0.91 -16.53 12.17
N VAL A 364 -0.26 -17.61 12.62
CA VAL A 364 1.16 -17.60 12.93
C VAL A 364 1.83 -18.78 12.23
N VAL A 365 3.14 -18.67 12.09
CA VAL A 365 3.97 -19.72 11.49
C VAL A 365 5.14 -19.98 12.42
N ASP A 366 5.25 -21.22 12.91
CA ASP A 366 6.28 -21.61 13.86
C ASP A 366 7.26 -22.55 13.16
N SER A 367 8.51 -22.11 13.05
CA SER A 367 9.57 -22.91 12.43
C SER A 367 10.76 -22.98 13.38
N GLU A 368 11.71 -23.85 13.05
CA GLU A 368 12.92 -24.03 13.83
C GLU A 368 14.19 -23.71 13.06
N ASP A 369 14.32 -24.22 11.83
CA ASP A 369 15.53 -24.01 11.03
C ASP A 369 15.38 -22.76 10.17
N LEU A 370 15.41 -21.61 10.85
CA LEU A 370 15.37 -20.32 10.18
C LEU A 370 16.62 -19.51 10.52
N PRO A 371 17.20 -18.82 9.53
CA PRO A 371 18.44 -18.05 9.76
C PRO A 371 18.20 -16.73 10.52
N LEU A 372 18.17 -16.84 11.84
CA LEU A 372 18.01 -15.66 12.68
C LEU A 372 19.29 -14.83 12.69
N ASN A 373 19.14 -13.52 12.70
CA ASN A 373 20.27 -12.61 12.74
C ASN A 373 20.68 -12.36 14.19
N LEU A 374 21.64 -11.45 14.38
CA LEU A 374 22.13 -11.16 15.72
C LEU A 374 21.03 -10.57 16.59
N SER A 375 20.17 -9.72 16.01
CA SER A 375 19.10 -9.09 16.76
C SER A 375 17.87 -9.98 16.91
N ARG A 376 17.79 -11.08 16.17
CA ARG A 376 16.65 -11.99 16.18
C ARG A 376 15.35 -11.29 15.79
N GLU A 377 15.45 -10.18 15.05
CA GLU A 377 14.27 -9.41 14.65
C GLU A 377 13.90 -9.61 13.19
N MET A 378 14.71 -10.34 12.42
CA MET A 378 14.43 -10.56 11.00
C MET A 378 15.20 -11.79 10.54
N LEU A 379 14.82 -12.30 9.38
CA LEU A 379 15.43 -13.49 8.80
C LEU A 379 16.43 -13.11 7.72
N GLN A 380 17.49 -13.91 7.61
CA GLN A 380 18.49 -13.70 6.58
C GLN A 380 17.96 -14.10 5.21
N GLN A 381 18.52 -13.49 4.17
CA GLN A 381 18.15 -13.79 2.79
C GLN A 381 18.90 -15.04 2.36
N ASN A 382 18.26 -16.20 2.53
CA ASN A 382 18.84 -17.48 2.16
C ASN A 382 18.01 -18.23 1.11
N LYS A 383 17.06 -17.55 0.48
CA LYS A 383 16.23 -18.15 -0.57
C LYS A 383 15.48 -19.37 -0.06
N ILE A 384 14.79 -19.20 1.07
CA ILE A 384 13.99 -20.28 1.65
C ILE A 384 12.56 -19.86 1.97
N MET A 385 12.25 -18.57 2.04
CA MET A 385 10.89 -18.16 2.38
C MET A 385 9.89 -18.40 1.25
N LYS A 386 10.38 -18.56 0.01
CA LYS A 386 9.48 -18.89 -1.09
C LYS A 386 8.90 -20.29 -0.97
N VAL A 387 9.56 -21.18 -0.22
CA VAL A 387 9.01 -22.51 0.00
C VAL A 387 7.83 -22.43 0.97
N ILE A 388 7.94 -21.61 2.01
CA ILE A 388 6.83 -21.41 2.92
C ILE A 388 5.69 -20.68 2.21
N ARG A 389 6.03 -19.76 1.31
CA ARG A 389 5.01 -19.06 0.54
C ARG A 389 4.22 -20.04 -0.33
N LYS A 390 4.90 -21.07 -0.85
CA LYS A 390 4.21 -22.06 -1.67
C LYS A 390 3.31 -22.94 -0.82
N ASN A 391 3.77 -23.35 0.35
CA ASN A 391 2.97 -24.24 1.19
C ASN A 391 1.78 -23.52 1.82
N ILE A 392 1.93 -22.23 2.12
CA ILE A 392 0.81 -21.47 2.69
C ILE A 392 -0.31 -21.34 1.67
N VAL A 393 0.03 -20.98 0.43
CA VAL A 393 -0.97 -20.87 -0.62
C VAL A 393 -1.54 -22.24 -0.96
N LYS A 394 -0.69 -23.27 -0.94
CA LYS A 394 -1.16 -24.62 -1.25
C LYS A 394 -2.22 -25.10 -0.25
N LYS A 395 -2.01 -24.82 1.03
CA LYS A 395 -2.96 -25.25 2.05
C LYS A 395 -4.19 -24.35 2.10
N LEU A 396 -4.03 -23.05 1.82
CA LEU A 396 -5.18 -22.15 1.84
C LEU A 396 -6.08 -22.35 0.63
N ILE A 397 -5.51 -22.75 -0.51
CA ILE A 397 -6.33 -23.12 -1.65
C ILE A 397 -7.19 -24.34 -1.31
N GLU A 398 -6.58 -25.35 -0.67
CA GLU A 398 -7.35 -26.49 -0.21
C GLU A 398 -8.28 -26.11 0.95
N ALA A 399 -7.88 -25.13 1.76
CA ALA A 399 -8.76 -24.66 2.83
C ALA A 399 -10.03 -24.04 2.27
N PHE A 400 -9.90 -23.29 1.16
CA PHE A 400 -11.09 -22.71 0.53
C PHE A 400 -11.96 -23.78 -0.10
N ASN A 401 -11.36 -24.88 -0.54
CA ASN A 401 -12.15 -25.98 -1.10
C ASN A 401 -12.97 -26.68 -0.02
N GLU A 402 -12.42 -26.81 1.19
CA GLU A 402 -13.16 -27.42 2.28
C GLU A 402 -14.32 -26.53 2.72
N ILE A 403 -14.17 -25.22 2.64
CA ILE A 403 -15.27 -24.32 2.93
C ILE A 403 -16.34 -24.43 1.84
N ALA A 404 -15.92 -24.64 0.59
CA ALA A 404 -16.88 -24.79 -0.50
C ALA A 404 -17.71 -26.07 -0.38
N GLU A 405 -17.21 -27.08 0.33
CA GLU A 405 -17.99 -28.29 0.52
C GLU A 405 -19.19 -28.07 1.43
N ASP A 406 -19.19 -27.01 2.22
CA ASP A 406 -20.31 -26.66 3.08
C ASP A 406 -21.09 -25.51 2.46
N SER A 407 -22.41 -25.61 2.49
CA SER A 407 -23.25 -24.61 1.85
C SER A 407 -23.30 -23.31 2.65
N GLU A 408 -23.69 -23.40 3.92
CA GLU A 408 -23.84 -22.20 4.74
C GLU A 408 -22.49 -21.58 5.10
N GLN A 409 -21.47 -22.41 5.33
CA GLN A 409 -20.16 -21.88 5.72
C GLN A 409 -19.51 -21.10 4.57
N PHE A 410 -19.77 -21.49 3.32
CA PHE A 410 -19.19 -20.77 2.20
C PHE A 410 -19.92 -19.47 1.90
N ASP A 411 -21.20 -19.39 2.25
CA ASP A 411 -21.94 -18.15 2.04
C ASP A 411 -21.41 -17.05 2.96
N LYS A 412 -21.04 -17.40 4.19
CA LYS A 412 -20.46 -16.42 5.09
C LYS A 412 -19.05 -16.03 4.66
N PHE A 413 -18.32 -16.95 4.04
CA PHE A 413 -16.96 -16.67 3.60
C PHE A 413 -16.94 -15.86 2.32
N TYR A 414 -17.79 -16.22 1.35
CA TYR A 414 -17.78 -15.52 0.07
C TYR A 414 -18.35 -14.11 0.19
N SER A 415 -19.30 -13.90 1.10
CA SER A 415 -19.88 -12.57 1.28
C SER A 415 -18.93 -11.61 1.98
N ALA A 416 -17.88 -12.13 2.63
CA ALA A 416 -16.93 -11.29 3.35
C ALA A 416 -15.63 -11.06 2.59
N PHE A 417 -15.21 -12.02 1.77
CA PHE A 417 -13.96 -11.92 1.02
C PHE A 417 -14.22 -12.15 -0.47
N ALA A 418 -15.25 -11.49 -1.00
CA ALA A 418 -15.55 -11.60 -2.42
C ALA A 418 -14.48 -10.94 -3.27
N LYS A 419 -14.04 -9.74 -2.88
CA LYS A 419 -13.02 -9.04 -3.65
C LYS A 419 -11.64 -9.66 -3.47
N ASN A 420 -11.40 -10.32 -2.34
CA ASN A 420 -10.09 -10.93 -2.11
C ASN A 420 -9.86 -12.13 -3.02
N ILE A 421 -10.90 -12.95 -3.22
CA ILE A 421 -10.76 -14.11 -4.10
C ILE A 421 -10.61 -13.66 -5.55
N LYS A 422 -11.41 -12.67 -5.96
CA LYS A 422 -11.34 -12.17 -7.33
C LYS A 422 -10.04 -11.41 -7.59
N LEU A 423 -9.43 -10.84 -6.55
CA LEU A 423 -8.15 -10.16 -6.75
C LEU A 423 -7.03 -11.13 -7.06
N GLY A 424 -7.09 -12.34 -6.51
CA GLY A 424 -6.07 -13.34 -6.82
C GLY A 424 -6.11 -13.79 -8.26
N VAL A 425 -7.30 -13.82 -8.88
CA VAL A 425 -7.40 -14.17 -10.28
C VAL A 425 -6.77 -13.11 -11.17
N HIS A 426 -6.65 -11.87 -10.67
CA HIS A 426 -6.11 -10.79 -11.48
C HIS A 426 -4.58 -10.85 -11.53
N GLU A 427 -3.93 -10.98 -10.38
CA GLU A 427 -2.47 -10.92 -10.31
C GLU A 427 -1.83 -12.31 -10.28
N ASP A 428 -2.30 -13.20 -9.41
CA ASP A 428 -1.71 -14.52 -9.32
C ASP A 428 -2.02 -15.34 -10.58
N THR A 429 -1.06 -16.18 -10.97
CA THR A 429 -1.15 -16.96 -12.20
C THR A 429 -1.13 -18.46 -11.96
N GLN A 430 -0.28 -18.94 -11.06
CA GLN A 430 -0.16 -20.38 -10.83
C GLN A 430 -1.44 -20.96 -10.23
N ASN A 431 -2.14 -20.20 -9.40
CA ASN A 431 -3.40 -20.64 -8.80
C ASN A 431 -4.58 -19.87 -9.37
N ARG A 432 -4.49 -19.43 -10.62
CA ARG A 432 -5.58 -18.71 -11.24
C ARG A 432 -6.74 -19.63 -11.57
N ALA A 433 -6.45 -20.85 -12.03
CA ALA A 433 -7.50 -21.80 -12.34
C ALA A 433 -8.15 -22.35 -11.07
N ALA A 434 -7.39 -22.46 -9.98
CA ALA A 434 -7.96 -22.96 -8.74
C ALA A 434 -8.91 -21.95 -8.11
N LEU A 435 -8.59 -20.66 -8.22
CA LEU A 435 -9.47 -19.63 -7.67
C LEU A 435 -10.74 -19.44 -8.50
N ALA A 436 -10.75 -19.91 -9.75
CA ALA A 436 -11.94 -19.80 -10.57
C ALA A 436 -13.07 -20.69 -10.06
N LYS A 437 -12.72 -21.79 -9.37
CA LYS A 437 -13.74 -22.66 -8.80
C LYS A 437 -14.47 -22.02 -7.63
N LEU A 438 -13.88 -21.00 -7.02
CA LEU A 438 -14.48 -20.32 -5.88
C LEU A 438 -15.40 -19.16 -6.27
N LEU A 439 -15.36 -18.73 -7.54
CA LEU A 439 -16.15 -17.59 -7.96
C LEU A 439 -17.64 -17.94 -7.97
N ARG A 440 -18.44 -17.11 -7.32
CA ARG A 440 -19.89 -17.26 -7.28
C ARG A 440 -20.54 -15.99 -7.79
N TYR A 441 -21.50 -16.14 -8.69
CA TYR A 441 -22.21 -14.99 -9.25
C TYR A 441 -23.66 -15.38 -9.49
N ASN A 442 -24.48 -14.36 -9.76
CA ASN A 442 -25.87 -14.57 -10.14
C ASN A 442 -25.99 -14.66 -11.66
N SER A 443 -27.10 -15.20 -12.11
CA SER A 443 -27.33 -15.37 -13.54
C SER A 443 -28.84 -15.37 -13.80
N THR A 444 -29.20 -15.57 -15.08
CA THR A 444 -30.60 -15.60 -15.46
C THR A 444 -31.30 -16.84 -14.91
N LYS A 445 -30.57 -17.94 -14.73
CA LYS A 445 -31.13 -19.16 -14.17
C LYS A 445 -30.80 -19.34 -12.69
N SER A 446 -30.03 -18.42 -12.11
CA SER A 446 -29.67 -18.48 -10.70
C SER A 446 -29.85 -17.10 -10.08
N VAL A 447 -31.05 -16.53 -10.25
CA VAL A 447 -31.31 -15.19 -9.75
C VAL A 447 -31.23 -15.14 -8.23
N ASP A 448 -31.81 -16.14 -7.55
CA ASP A 448 -31.85 -16.10 -6.09
C ASP A 448 -30.55 -16.57 -5.44
N GLU A 449 -30.19 -17.84 -5.67
CA GLU A 449 -28.95 -18.36 -5.11
C GLU A 449 -27.77 -18.01 -6.02
N LEU A 450 -26.58 -18.11 -5.45
CA LEU A 450 -25.36 -17.94 -6.24
C LEU A 450 -24.97 -19.26 -6.88
N THR A 451 -24.27 -19.17 -8.02
CA THR A 451 -23.80 -20.35 -8.73
C THR A 451 -22.32 -20.19 -9.07
N SER A 452 -21.63 -21.32 -9.15
CA SER A 452 -20.22 -21.34 -9.48
C SER A 452 -19.99 -21.52 -10.97
N LEU A 453 -18.74 -21.36 -11.39
CA LEU A 453 -18.39 -21.56 -12.80
C LEU A 453 -18.47 -23.02 -13.20
N THR A 454 -18.32 -23.95 -12.26
CA THR A 454 -18.43 -25.37 -12.59
C THR A 454 -19.88 -25.75 -12.88
N ASP A 455 -20.81 -25.31 -12.03
CA ASP A 455 -22.22 -25.58 -12.26
C ASP A 455 -22.75 -24.87 -13.49
N TYR A 456 -22.08 -23.80 -13.93
CA TYR A 456 -22.50 -23.12 -15.15
C TYR A 456 -22.26 -23.99 -16.38
N VAL A 457 -21.11 -24.67 -16.44
CA VAL A 457 -20.81 -25.51 -17.59
C VAL A 457 -21.72 -26.73 -17.63
N THR A 458 -22.15 -27.24 -16.48
CA THR A 458 -23.04 -28.39 -16.46
C THR A 458 -24.40 -28.06 -17.07
N ARG A 459 -24.85 -26.82 -16.96
CA ARG A 459 -26.12 -26.39 -17.53
C ARG A 459 -25.98 -25.84 -18.95
N MET A 460 -24.77 -25.80 -19.49
CA MET A 460 -24.58 -25.31 -20.85
C MET A 460 -25.08 -26.35 -21.85
N PRO A 461 -25.89 -25.95 -22.84
CA PRO A 461 -26.32 -26.91 -23.86
C PRO A 461 -25.15 -27.43 -24.67
N GLU A 462 -25.44 -28.46 -25.48
CA GLU A 462 -24.40 -29.10 -26.28
C GLU A 462 -23.85 -28.20 -27.37
N HIS A 463 -24.62 -27.19 -27.80
CA HIS A 463 -24.21 -26.32 -28.89
C HIS A 463 -23.62 -24.99 -28.42
N GLN A 464 -23.48 -24.78 -27.12
CA GLN A 464 -22.89 -23.57 -26.58
C GLN A 464 -21.40 -23.81 -26.31
N LYS A 465 -20.55 -22.93 -26.84
CA LYS A 465 -19.11 -23.06 -26.72
C LYS A 465 -18.46 -21.88 -25.99
N ASN A 466 -19.26 -20.97 -25.43
CA ASN A 466 -18.72 -19.79 -24.77
C ASN A 466 -19.52 -19.49 -23.51
N ILE A 467 -18.82 -18.95 -22.51
CA ILE A 467 -19.44 -18.52 -21.27
C ILE A 467 -19.78 -17.04 -21.39
N TYR A 468 -21.07 -16.73 -21.31
CA TYR A 468 -21.56 -15.36 -21.46
C TYR A 468 -21.77 -14.72 -20.09
N TYR A 469 -21.39 -13.45 -19.98
CA TYR A 469 -21.55 -12.69 -18.75
C TYR A 469 -21.83 -11.24 -19.12
N ILE A 470 -22.12 -10.43 -18.11
CA ILE A 470 -22.42 -9.01 -18.31
C ILE A 470 -22.00 -8.24 -17.07
N THR A 471 -21.36 -7.09 -17.29
CA THR A 471 -20.96 -6.21 -16.21
C THR A 471 -21.94 -5.05 -16.08
N GLY A 472 -21.91 -4.40 -14.93
CA GLY A 472 -22.81 -3.29 -14.68
C GLY A 472 -22.54 -2.68 -13.33
N GLU A 473 -23.24 -1.57 -13.06
CA GLU A 473 -23.05 -0.85 -11.80
C GLU A 473 -23.79 -1.55 -10.65
N SER A 474 -24.96 -2.11 -10.93
CA SER A 474 -25.76 -2.78 -9.90
C SER A 474 -26.38 -4.04 -10.48
N LEU A 475 -26.98 -4.83 -9.60
CA LEU A 475 -27.63 -6.07 -10.04
C LEU A 475 -28.99 -5.81 -10.68
N LYS A 476 -29.73 -4.80 -10.19
CA LYS A 476 -31.03 -4.49 -10.77
C LYS A 476 -30.91 -3.90 -12.17
N ALA A 477 -29.76 -3.32 -12.51
CA ALA A 477 -29.58 -2.75 -13.84
C ALA A 477 -29.21 -3.81 -14.88
N VAL A 478 -28.56 -4.89 -14.46
CA VAL A 478 -28.15 -5.92 -15.41
C VAL A 478 -29.16 -7.06 -15.55
N GLU A 479 -30.08 -7.21 -14.61
CA GLU A 479 -31.07 -8.28 -14.71
C GLU A 479 -32.09 -8.01 -15.80
N LYS A 480 -32.34 -6.74 -16.11
CA LYS A 480 -33.27 -6.35 -17.17
C LYS A 480 -32.57 -5.67 -18.34
N SER A 481 -31.27 -5.92 -18.51
CA SER A 481 -30.54 -5.31 -19.61
C SER A 481 -31.03 -5.89 -20.93
N PRO A 482 -31.07 -5.08 -21.99
CA PRO A 482 -31.53 -5.59 -23.30
C PRO A 482 -30.57 -6.58 -23.94
N PHE A 483 -29.40 -6.82 -23.37
CA PHE A 483 -28.44 -7.77 -23.92
C PHE A 483 -28.74 -9.21 -23.52
N LEU A 484 -29.68 -9.43 -22.60
CA LEU A 484 -29.96 -10.78 -22.13
C LEU A 484 -30.95 -11.52 -23.03
N ASP A 485 -31.87 -10.79 -23.66
CA ASP A 485 -32.92 -11.43 -24.45
C ASP A 485 -32.34 -12.17 -25.64
N ALA A 486 -31.17 -11.77 -26.14
CA ALA A 486 -30.53 -12.49 -27.23
C ALA A 486 -30.12 -13.90 -26.80
N LEU A 487 -29.59 -14.04 -25.58
CA LEU A 487 -29.19 -15.34 -25.09
C LEU A 487 -30.35 -16.12 -24.48
N LYS A 488 -31.36 -15.41 -23.97
CA LYS A 488 -32.53 -16.09 -23.42
C LYS A 488 -33.32 -16.81 -24.51
N ALA A 489 -33.30 -16.28 -25.74
CA ALA A 489 -33.94 -16.97 -26.85
C ALA A 489 -33.19 -18.25 -27.20
N LYS A 490 -31.88 -18.26 -27.05
CA LYS A 490 -31.06 -19.45 -27.25
C LYS A 490 -30.95 -20.30 -25.99
N ASN A 491 -31.64 -19.92 -24.91
CA ASN A 491 -31.60 -20.64 -23.64
C ASN A 491 -30.18 -20.71 -23.09
N PHE A 492 -29.42 -19.65 -23.29
CA PHE A 492 -28.04 -19.56 -22.80
C PHE A 492 -28.01 -18.78 -21.50
N GLU A 493 -27.42 -19.37 -20.47
CA GLU A 493 -27.28 -18.69 -19.19
C GLU A 493 -26.21 -17.62 -19.26
N VAL A 494 -26.47 -16.48 -18.63
CA VAL A 494 -25.57 -15.34 -18.65
C VAL A 494 -25.29 -14.92 -17.20
N LEU A 495 -24.02 -14.92 -16.82
CA LEU A 495 -23.63 -14.52 -15.48
C LEU A 495 -23.78 -13.02 -15.29
N PHE A 496 -23.91 -12.61 -14.03
CA PHE A 496 -24.07 -11.21 -13.66
C PHE A 496 -22.86 -10.76 -12.86
N LEU A 497 -22.16 -9.73 -13.37
CA LEU A 497 -21.01 -9.15 -12.70
C LEU A 497 -21.42 -7.77 -12.16
N THR A 498 -21.48 -7.65 -10.84
CA THR A 498 -21.93 -6.42 -10.20
C THR A 498 -20.83 -5.70 -9.42
N ASP A 499 -19.65 -6.30 -9.29
CA ASP A 499 -18.58 -5.65 -8.55
C ASP A 499 -17.54 -5.07 -9.49
N PRO A 500 -16.91 -3.96 -9.11
CA PRO A 500 -15.88 -3.37 -9.99
C PRO A 500 -14.69 -4.27 -10.22
N ILE A 501 -14.41 -5.23 -9.33
CA ILE A 501 -13.29 -6.13 -9.50
C ILE A 501 -13.65 -7.37 -10.31
N ASP A 502 -14.91 -7.52 -10.70
CA ASP A 502 -15.32 -8.70 -11.46
C ASP A 502 -14.64 -8.75 -12.83
N GLU A 503 -14.67 -7.64 -13.56
CA GLU A 503 -14.11 -7.63 -14.91
C GLU A 503 -12.59 -7.78 -14.89
N TYR A 504 -11.93 -7.34 -13.81
CA TYR A 504 -10.48 -7.50 -13.72
C TYR A 504 -10.10 -8.97 -13.59
N ALA A 505 -10.99 -9.81 -13.05
CA ALA A 505 -10.70 -11.23 -12.94
C ALA A 505 -11.02 -11.98 -14.22
N PHE A 506 -12.10 -11.60 -14.90
CA PHE A 506 -12.47 -12.25 -16.16
C PHE A 506 -11.55 -11.83 -17.30
N THR A 507 -10.91 -10.67 -17.21
CA THR A 507 -9.97 -10.25 -18.25
C THR A 507 -8.66 -11.03 -18.18
N GLN A 508 -8.33 -11.58 -17.02
CA GLN A 508 -7.11 -12.38 -16.86
C GLN A 508 -7.35 -13.87 -16.96
N LEU A 509 -8.56 -14.34 -16.61
CA LEU A 509 -8.87 -15.76 -16.74
C LEU A 509 -9.06 -16.15 -18.21
N LYS A 510 -10.05 -15.54 -18.86
CA LYS A 510 -10.33 -15.64 -20.29
C LYS A 510 -10.80 -17.03 -20.73
N GLU A 511 -10.84 -18.01 -19.83
CA GLU A 511 -11.25 -19.36 -20.20
C GLU A 511 -11.47 -20.17 -18.93
N PHE A 512 -12.48 -21.04 -18.96
CA PHE A 512 -12.78 -21.92 -17.83
C PHE A 512 -13.19 -23.28 -18.40
N GLU A 513 -12.36 -24.30 -18.14
CA GLU A 513 -12.62 -25.66 -18.61
C GLU A 513 -12.78 -25.71 -20.13
N GLY A 514 -11.99 -24.89 -20.84
CA GLY A 514 -12.02 -24.84 -22.28
C GLY A 514 -13.06 -23.91 -22.87
N LYS A 515 -13.95 -23.35 -22.05
CA LYS A 515 -14.98 -22.44 -22.54
C LYS A 515 -14.48 -21.00 -22.47
N THR A 516 -14.59 -20.29 -23.59
CA THR A 516 -14.08 -18.93 -23.67
C THR A 516 -15.06 -17.97 -23.00
N LEU A 517 -14.53 -17.08 -22.15
CA LEU A 517 -15.35 -16.07 -21.48
C LEU A 517 -15.65 -14.94 -22.46
N VAL A 518 -16.92 -14.74 -22.77
CA VAL A 518 -17.36 -13.74 -23.72
C VAL A 518 -18.30 -12.78 -23.01
N ASP A 519 -18.01 -11.48 -23.11
CA ASP A 519 -18.86 -10.45 -22.53
C ASP A 519 -19.91 -10.03 -23.53
N ILE A 520 -21.18 -10.07 -23.12
CA ILE A 520 -22.27 -9.74 -24.03
C ILE A 520 -22.40 -8.24 -24.27
N THR A 521 -21.83 -7.41 -23.39
CA THR A 521 -21.83 -5.98 -23.65
C THR A 521 -20.90 -5.62 -24.81
N LYS A 522 -19.88 -6.43 -25.03
CA LYS A 522 -18.99 -6.26 -26.17
C LYS A 522 -19.58 -6.94 -27.41
N ASP A 523 -18.99 -6.64 -28.56
CA ASP A 523 -19.45 -7.24 -29.80
C ASP A 523 -19.06 -8.71 -29.87
N PHE A 524 -20.00 -9.54 -30.29
CA PHE A 524 -19.76 -10.98 -30.44
C PHE A 524 -20.74 -11.52 -31.48
N GLU A 525 -20.39 -12.68 -32.02
CA GLU A 525 -21.17 -13.32 -33.07
C GLU A 525 -21.91 -14.52 -32.49
N LEU A 526 -23.22 -14.52 -32.63
CA LEU A 526 -24.06 -15.63 -32.18
C LEU A 526 -24.36 -16.55 -33.36
N GLU A 527 -24.31 -17.85 -33.10
CA GLU A 527 -24.51 -18.83 -34.17
C GLU A 527 -25.91 -18.71 -34.75
N GLU A 528 -26.01 -18.85 -36.07
CA GLU A 528 -27.29 -18.81 -36.76
C GLU A 528 -27.26 -19.83 -37.90
N THR A 529 -28.45 -20.16 -38.40
CA THR A 529 -28.59 -21.10 -39.48
C THR A 529 -28.52 -20.40 -40.83
N ASP A 530 -28.41 -21.19 -41.90
CA ASP A 530 -28.37 -20.63 -43.24
C ASP A 530 -29.73 -20.07 -43.66
N GLU A 531 -30.81 -20.61 -43.10
CA GLU A 531 -32.13 -20.10 -43.43
C GLU A 531 -32.37 -18.73 -42.83
N GLU A 532 -31.74 -18.42 -41.70
CA GLU A 532 -31.89 -17.12 -41.05
C GLU A 532 -30.83 -16.13 -41.50
N LYS A 533 -29.62 -16.58 -41.79
CA LYS A 533 -28.57 -15.68 -42.25
C LYS A 533 -28.91 -15.08 -43.61
N ALA A 534 -29.59 -15.84 -44.47
CA ALA A 534 -30.03 -15.29 -45.75
C ALA A 534 -31.13 -14.26 -45.56
N GLU A 535 -31.89 -14.37 -44.46
CA GLU A 535 -32.91 -13.37 -44.15
C GLU A 535 -32.28 -12.12 -43.57
N ARG A 536 -31.27 -12.27 -42.72
CA ARG A 536 -30.63 -11.11 -42.10
C ARG A 536 -29.86 -10.29 -43.13
N GLU A 537 -29.06 -10.94 -43.97
CA GLU A 537 -28.34 -10.23 -45.02
C GLU A 537 -29.30 -9.57 -46.01
N LYS A 538 -30.50 -10.14 -46.18
CA LYS A 538 -31.49 -9.52 -47.06
C LYS A 538 -32.06 -8.26 -46.44
N GLU A 539 -32.15 -8.21 -45.11
CA GLU A 539 -32.72 -7.06 -44.42
C GLU A 539 -31.68 -6.01 -44.03
N ILE A 540 -30.39 -6.37 -44.00
CA ILE A 540 -29.37 -5.41 -43.60
C ILE A 540 -29.25 -4.31 -44.64
N LYS A 541 -29.17 -4.68 -45.92
CA LYS A 541 -29.07 -3.68 -46.98
C LYS A 541 -30.34 -2.84 -47.11
N GLU A 542 -31.48 -3.35 -46.64
CA GLU A 542 -32.70 -2.55 -46.65
C GLU A 542 -32.58 -1.38 -45.68
N TYR A 543 -31.97 -1.61 -44.52
CA TYR A 543 -31.73 -0.56 -43.53
C TYR A 543 -30.40 0.14 -43.75
N GLU A 544 -29.70 -0.15 -44.85
CA GLU A 544 -28.43 0.51 -45.10
C GLU A 544 -28.56 2.02 -45.30
N PRO A 545 -29.55 2.54 -46.05
CA PRO A 545 -29.71 4.01 -46.09
C PRO A 545 -30.05 4.62 -44.73
N LEU A 546 -30.68 3.84 -43.84
CA LEU A 546 -31.00 4.36 -42.52
C LEU A 546 -29.78 4.36 -41.61
N THR A 547 -28.96 3.31 -41.68
CA THR A 547 -27.76 3.27 -40.84
C THR A 547 -26.78 4.36 -41.22
N LYS A 548 -26.66 4.67 -42.52
CA LYS A 548 -25.80 5.77 -42.94
C LYS A 548 -26.39 7.11 -42.55
N ALA A 549 -27.72 7.24 -42.56
CA ALA A 549 -28.36 8.49 -42.15
C ALA A 549 -28.14 8.76 -40.67
N LEU A 550 -28.18 7.71 -39.83
CA LEU A 550 -27.93 7.87 -38.41
C LEU A 550 -26.46 8.15 -38.11
N LYS A 551 -25.57 7.88 -39.07
CA LYS A 551 -24.15 8.13 -38.86
C LYS A 551 -23.81 9.61 -39.02
N ASP A 552 -24.43 10.28 -39.99
CA ASP A 552 -24.17 11.71 -40.19
C ASP A 552 -24.79 12.54 -39.07
N ILE A 553 -25.84 12.04 -38.43
CA ILE A 553 -26.47 12.77 -37.34
C ILE A 553 -25.59 12.73 -36.10
N LEU A 554 -25.14 11.54 -35.71
CA LEU A 554 -24.30 11.42 -34.52
C LEU A 554 -22.88 11.88 -34.80
N GLY A 555 -22.38 11.67 -36.02
CA GLY A 555 -21.04 12.07 -36.37
C GLY A 555 -19.97 11.19 -35.77
N ASP A 556 -19.05 11.78 -35.01
CA ASP A 556 -17.96 11.05 -34.39
C ASP A 556 -18.32 10.46 -33.03
N GLN A 557 -19.59 10.54 -32.62
CA GLN A 557 -19.99 9.95 -31.35
C GLN A 557 -19.92 8.43 -31.39
N VAL A 558 -20.16 7.84 -32.55
CA VAL A 558 -20.06 6.40 -32.73
C VAL A 558 -19.23 6.12 -33.97
N GLU A 559 -18.62 4.93 -34.02
CA GLU A 559 -17.82 4.56 -35.17
C GLU A 559 -18.68 4.13 -36.35
N LYS A 560 -19.76 3.40 -36.08
CA LYS A 560 -20.62 2.89 -37.13
C LYS A 560 -21.98 2.53 -36.54
N VAL A 561 -22.97 2.44 -37.42
CA VAL A 561 -24.33 2.01 -37.06
C VAL A 561 -24.58 0.69 -37.77
N VAL A 562 -24.72 -0.39 -37.00
CA VAL A 562 -24.86 -1.74 -37.53
C VAL A 562 -26.21 -2.28 -37.08
N VAL A 563 -26.95 -2.90 -38.01
CA VAL A 563 -28.21 -3.55 -37.67
C VAL A 563 -27.88 -4.83 -36.91
N SER A 564 -28.27 -4.88 -35.64
CA SER A 564 -27.98 -6.01 -34.77
C SER A 564 -29.26 -6.78 -34.48
N TYR A 565 -29.21 -8.10 -34.65
CA TYR A 565 -30.34 -8.96 -34.35
C TYR A 565 -30.29 -9.53 -32.93
N LYS A 566 -29.31 -9.12 -32.13
CA LYS A 566 -29.21 -9.51 -30.73
C LYS A 566 -30.02 -8.59 -29.82
N LEU A 567 -30.89 -7.76 -30.39
CA LEU A 567 -31.76 -6.86 -29.63
C LEU A 567 -33.21 -7.18 -30.01
N LEU A 568 -34.00 -7.55 -29.00
CA LEU A 568 -35.38 -7.98 -29.23
C LEU A 568 -36.40 -6.99 -28.71
N ASP A 569 -36.33 -6.61 -27.44
CA ASP A 569 -37.31 -5.72 -26.84
C ASP A 569 -36.88 -4.26 -26.84
N ALA A 570 -35.63 -3.97 -27.17
CA ALA A 570 -35.16 -2.59 -27.15
C ALA A 570 -35.01 -2.05 -28.56
N PRO A 571 -35.36 -0.78 -28.78
CA PRO A 571 -35.21 -0.21 -30.14
C PRO A 571 -33.76 -0.04 -30.55
N ALA A 572 -32.87 0.30 -29.61
CA ALA A 572 -31.47 0.52 -29.95
C ALA A 572 -30.61 0.28 -28.73
N ALA A 573 -29.35 -0.07 -28.98
CA ALA A 573 -28.38 -0.28 -27.91
C ALA A 573 -26.99 0.02 -28.46
N ILE A 574 -26.04 0.22 -27.55
CA ILE A 574 -24.69 0.64 -27.90
C ILE A 574 -23.70 -0.32 -27.27
N ARG A 575 -22.77 -0.82 -28.09
CA ARG A 575 -21.67 -1.65 -27.62
C ARG A 575 -20.35 -0.93 -27.86
N THR A 576 -19.37 -1.20 -26.98
CA THR A 576 -18.06 -0.56 -27.12
C THR A 576 -17.32 -1.11 -28.33
N GLY A 577 -17.30 -2.42 -28.50
CA GLY A 577 -16.59 -3.04 -29.60
C GLY A 577 -16.20 -4.46 -29.24
N GLN A 578 -15.14 -4.93 -29.90
CA GLN A 578 -14.59 -6.25 -29.64
C GLN A 578 -13.39 -6.22 -28.70
N PHE A 579 -12.56 -5.19 -28.80
CA PHE A 579 -11.35 -5.07 -28.00
C PHE A 579 -11.47 -3.88 -27.04
N GLY A 580 -10.49 -3.76 -26.15
CA GLY A 580 -10.41 -2.64 -25.25
C GLY A 580 -11.39 -2.74 -24.10
N TRP A 581 -11.55 -1.60 -23.41
CA TRP A 581 -12.42 -1.51 -22.26
C TRP A 581 -13.88 -1.68 -22.66
N SER A 582 -14.69 -2.17 -21.73
CA SER A 582 -16.12 -2.31 -21.93
C SER A 582 -16.83 -1.02 -21.53
N ALA A 583 -18.16 -1.06 -21.47
CA ALA A 583 -18.92 0.13 -21.08
C ALA A 583 -18.76 0.41 -19.59
N ASN A 584 -18.75 -0.64 -18.77
CA ASN A 584 -18.60 -0.47 -17.33
C ASN A 584 -17.15 -0.22 -16.92
N MET A 585 -16.20 -0.71 -17.70
CA MET A 585 -14.79 -0.59 -17.33
C MET A 585 -14.34 0.87 -17.35
N GLU A 586 -14.69 1.61 -18.40
CA GLU A 586 -14.29 3.01 -18.48
C GLU A 586 -14.97 3.86 -17.41
N ARG A 587 -16.18 3.48 -16.99
CA ARG A 587 -16.84 4.20 -15.91
C ARG A 587 -16.12 4.01 -14.59
N ILE A 588 -15.52 2.84 -14.37
CA ILE A 588 -14.77 2.59 -13.14
C ILE A 588 -13.43 3.30 -13.18
N MET A 589 -12.76 3.32 -14.34
CA MET A 589 -11.47 3.99 -14.46
C MET A 589 -11.60 5.49 -14.24
N LYS A 590 -12.69 6.08 -14.72
CA LYS A 590 -12.93 7.50 -14.54
C LYS A 590 -13.57 7.84 -13.20
N ALA A 591 -13.63 6.89 -12.27
CA ALA A 591 -14.21 7.12 -10.96
C ALA A 591 -13.27 6.77 -9.82
N GLN A 592 -12.09 6.22 -10.09
CA GLN A 592 -11.15 5.89 -9.03
C GLN A 592 -10.50 7.15 -8.47
N ALA A 593 -10.21 7.12 -7.17
CA ALA A 593 -9.59 8.28 -6.53
C ALA A 593 -8.18 8.52 -7.02
N LEU A 594 -7.46 7.45 -7.38
CA LEU A 594 -6.08 7.56 -7.85
C LEU A 594 -5.99 7.59 -9.37
N ARG A 595 -7.10 7.71 -10.08
CA ARG A 595 -7.09 7.76 -11.54
C ARG A 595 -7.77 9.03 -12.04
N SER A 605 -15.11 6.03 -24.51
CA SER A 605 -14.14 5.68 -25.55
C SER A 605 -14.84 5.28 -26.84
N LYS A 606 -14.48 4.11 -27.36
CA LYS A 606 -15.09 3.63 -28.61
C LYS A 606 -16.52 3.15 -28.35
N LYS A 607 -17.39 3.44 -29.31
CA LYS A 607 -18.81 3.07 -29.21
C LYS A 607 -19.31 2.61 -30.57
N THR A 608 -20.16 1.60 -30.56
CA THR A 608 -20.80 1.08 -31.77
C THR A 608 -22.30 1.08 -31.57
N PHE A 609 -23.02 1.78 -32.45
CA PHE A 609 -24.46 1.92 -32.34
C PHE A 609 -25.15 0.74 -33.02
N GLU A 610 -26.11 0.14 -32.32
CA GLU A 610 -26.88 -0.97 -32.84
C GLU A 610 -28.37 -0.66 -32.72
N ILE A 611 -29.14 -1.10 -33.71
CA ILE A 611 -30.59 -0.89 -33.72
C ILE A 611 -31.27 -2.22 -34.01
N SER A 612 -32.53 -2.33 -33.57
CA SER A 612 -33.32 -3.52 -33.81
C SER A 612 -34.18 -3.32 -35.06
N PRO A 613 -34.08 -4.19 -36.07
CA PRO A 613 -34.84 -3.98 -37.30
C PRO A 613 -36.31 -4.32 -37.20
N LYS A 614 -36.76 -4.97 -36.12
CA LYS A 614 -38.15 -5.37 -35.97
C LYS A 614 -38.86 -4.56 -34.89
N SER A 615 -38.27 -3.46 -34.42
CA SER A 615 -38.95 -2.66 -33.42
C SER A 615 -39.81 -1.59 -34.09
N PRO A 616 -40.96 -1.25 -33.48
CA PRO A 616 -41.84 -0.26 -34.12
C PRO A 616 -41.23 1.12 -34.21
N ILE A 617 -40.25 1.45 -33.37
CA ILE A 617 -39.63 2.77 -33.43
C ILE A 617 -38.65 2.85 -34.59
N ILE A 618 -37.80 1.84 -34.75
CA ILE A 618 -36.83 1.85 -35.84
C ILE A 618 -37.52 1.70 -37.19
N LYS A 619 -38.56 0.87 -37.26
CA LYS A 619 -39.31 0.72 -38.50
C LYS A 619 -40.02 2.01 -38.88
N GLU A 620 -40.49 2.77 -37.88
CA GLU A 620 -41.10 4.06 -38.18
C GLU A 620 -40.07 5.09 -38.61
N LEU A 621 -38.82 4.93 -38.19
CA LEU A 621 -37.74 5.77 -38.67
C LEU A 621 -37.27 5.38 -40.06
N LYS A 622 -37.59 4.16 -40.51
CA LYS A 622 -37.17 3.72 -41.83
C LYS A 622 -37.94 4.47 -42.92
N LYS A 623 -39.23 4.71 -42.70
CA LYS A 623 -40.03 5.47 -43.66
C LYS A 623 -39.72 6.97 -43.62
N ARG A 624 -39.06 7.45 -42.56
CA ARG A 624 -38.72 8.86 -42.48
C ARG A 624 -37.64 9.22 -43.50
N VAL A 625 -36.64 8.35 -43.66
CA VAL A 625 -35.60 8.62 -44.65
C VAL A 625 -36.05 8.29 -46.07
N ASP A 626 -37.11 7.50 -46.22
CA ASP A 626 -37.63 7.22 -47.56
C ASP A 626 -38.33 8.43 -48.16
N GLU A 627 -38.78 9.37 -47.34
CA GLU A 627 -39.42 10.59 -47.80
C GLU A 627 -38.44 11.77 -47.86
N GLY A 628 -37.14 11.48 -47.89
CA GLY A 628 -36.15 12.54 -47.91
C GLY A 628 -35.91 13.19 -46.57
N GLY A 629 -36.02 12.44 -45.48
CA GLY A 629 -35.85 13.00 -44.16
C GLY A 629 -34.54 12.60 -43.50
N ALA A 630 -33.50 12.40 -44.31
CA ALA A 630 -32.20 12.05 -43.74
C ALA A 630 -31.60 13.20 -42.96
N GLN A 631 -31.82 14.43 -43.42
CA GLN A 631 -31.35 15.63 -42.74
C GLN A 631 -32.51 16.46 -42.17
N ASP A 632 -33.65 15.83 -41.91
CA ASP A 632 -34.80 16.54 -41.39
C ASP A 632 -34.53 17.05 -39.99
N LYS A 633 -35.19 18.15 -39.63
CA LYS A 633 -34.97 18.77 -38.32
C LYS A 633 -35.61 17.95 -37.21
N THR A 634 -36.71 17.26 -37.48
CA THR A 634 -37.41 16.51 -36.45
C THR A 634 -36.70 15.19 -36.14
N VAL A 635 -36.15 14.53 -37.16
CA VAL A 635 -35.47 13.25 -36.94
C VAL A 635 -34.18 13.43 -36.17
N LYS A 636 -33.58 14.63 -36.18
CA LYS A 636 -32.34 14.85 -35.44
C LYS A 636 -32.57 14.87 -33.94
N ASP A 637 -33.72 15.37 -33.49
CA ASP A 637 -33.99 15.43 -32.06
C ASP A 637 -34.28 14.05 -31.51
N LEU A 638 -34.99 13.21 -32.26
CA LEU A 638 -35.31 11.87 -31.80
C LEU A 638 -34.12 10.93 -31.91
N THR A 639 -33.24 11.14 -32.89
CA THR A 639 -32.05 10.30 -33.02
C THR A 639 -31.08 10.53 -31.87
N ASN A 640 -30.81 11.79 -31.55
CA ASN A 640 -29.94 12.10 -30.42
C ASN A 640 -30.56 11.67 -29.11
N LEU A 641 -31.88 11.74 -28.99
CA LEU A 641 -32.55 11.27 -27.79
C LEU A 641 -32.45 9.75 -27.65
N LEU A 642 -32.67 9.03 -28.74
CA LEU A 642 -32.55 7.57 -28.71
C LEU A 642 -31.10 7.14 -28.51
N PHE A 643 -30.14 7.93 -29.01
CA PHE A 643 -28.74 7.61 -28.82
C PHE A 643 -28.33 7.75 -27.36
N GLU A 644 -28.65 8.90 -26.75
CA GLU A 644 -28.27 9.12 -25.36
C GLU A 644 -29.07 8.23 -24.41
N THR A 645 -30.27 7.82 -24.82
CA THR A 645 -31.05 6.88 -24.00
C THR A 645 -30.38 5.51 -23.99
N ALA A 646 -29.80 5.10 -25.12
CA ALA A 646 -29.07 3.84 -25.17
C ALA A 646 -27.79 3.87 -24.36
N LEU A 647 -27.21 5.07 -24.14
CA LEU A 647 -26.05 5.18 -23.27
C LEU A 647 -26.38 4.82 -21.84
N LEU A 648 -27.60 5.10 -21.39
CA LEU A 648 -27.99 4.80 -20.03
C LEU A 648 -28.24 3.30 -19.82
N THR A 649 -28.80 2.63 -20.83
CA THR A 649 -29.09 1.20 -20.71
C THR A 649 -27.83 0.36 -20.90
N SER A 650 -26.88 0.83 -21.69
CA SER A 650 -25.65 0.08 -21.93
C SER A 650 -24.60 0.28 -20.84
N GLY A 651 -24.77 1.30 -19.99
CA GLY A 651 -23.83 1.55 -18.92
C GLY A 651 -22.89 2.71 -19.13
N PHE A 652 -23.18 3.62 -20.05
CA PHE A 652 -22.34 4.77 -20.31
C PHE A 652 -22.79 5.97 -19.47
N SER A 653 -22.03 7.05 -19.59
CA SER A 653 -22.33 8.32 -18.93
C SER A 653 -22.58 9.39 -19.99
N LEU A 654 -23.62 10.19 -19.77
CA LEU A 654 -23.98 11.23 -20.73
C LEU A 654 -22.92 12.32 -20.76
N GLU A 655 -22.68 12.87 -21.96
CA GLU A 655 -21.73 13.96 -22.09
C GLU A 655 -22.18 15.18 -21.30
N GLU A 656 -23.47 15.47 -21.32
CA GLU A 656 -24.03 16.56 -20.52
C GLU A 656 -25.48 16.25 -20.20
N PRO A 657 -25.82 16.03 -18.93
CA PRO A 657 -27.22 15.72 -18.58
C PRO A 657 -28.17 16.87 -18.79
N THR A 658 -27.68 18.12 -18.83
CA THR A 658 -28.56 19.25 -19.04
C THR A 658 -29.22 19.19 -20.42
N SER A 659 -28.43 18.92 -21.46
CA SER A 659 -28.99 18.84 -22.80
C SER A 659 -29.92 17.63 -22.96
N PHE A 660 -29.62 16.53 -22.26
CA PHE A 660 -30.51 15.37 -22.30
C PHE A 660 -31.84 15.65 -21.63
N ALA A 661 -31.83 16.45 -20.55
CA ALA A 661 -33.08 16.80 -19.88
C ALA A 661 -33.86 17.85 -20.66
N SER A 662 -33.18 18.68 -21.44
CA SER A 662 -33.88 19.69 -22.24
C SER A 662 -34.74 19.05 -23.32
N ARG A 663 -34.24 17.96 -23.93
CA ARG A 663 -35.04 17.26 -24.93
C ARG A 663 -36.20 16.52 -24.30
N ILE A 664 -36.04 16.02 -23.07
CA ILE A 664 -37.14 15.36 -22.38
C ILE A 664 -38.19 16.37 -21.95
N ASN A 665 -37.75 17.52 -21.42
CA ASN A 665 -38.68 18.56 -21.02
C ASN A 665 -39.47 19.10 -22.21
N ARG A 666 -38.94 19.00 -23.42
CA ARG A 666 -39.71 19.40 -24.61
C ARG A 666 -40.82 18.40 -24.88
N LEU A 667 -40.55 17.10 -24.73
CA LEU A 667 -41.59 16.09 -24.92
C LEU A 667 -42.62 16.13 -23.81
N ILE A 668 -42.20 16.50 -22.59
CA ILE A 668 -43.17 16.67 -21.51
C ILE A 668 -44.06 17.87 -21.76
N SER A 669 -43.51 18.93 -22.37
CA SER A 669 -44.30 20.12 -22.66
C SER A 669 -45.39 19.81 -23.69
N LEU A 670 -45.01 19.17 -24.81
CA LEU A 670 -46.00 18.83 -25.82
C LEU A 670 -46.94 17.74 -25.33
N GLY A 671 -46.49 16.90 -24.40
CA GLY A 671 -47.38 15.93 -23.78
C GLY A 671 -48.47 16.56 -22.95
N LEU A 672 -48.25 17.77 -22.45
CA LEU A 672 -49.25 18.53 -21.71
C LEU A 672 -49.88 19.63 -22.55
N ASN A 673 -49.61 19.65 -23.85
CA ASN A 673 -50.14 20.66 -24.76
C ASN A 673 -49.72 22.06 -24.33
N ILE A 674 -48.44 22.23 -24.06
CA ILE A 674 -47.88 23.52 -23.68
C ILE A 674 -47.35 24.20 -24.94
N ASP A 675 -47.90 25.37 -25.25
CA ASP A 675 -47.49 26.10 -26.45
C ASP A 675 -46.46 27.17 -26.12
N GLY B 3 34.66 -9.38 46.45
CA GLY B 3 34.90 -10.66 45.82
C GLY B 3 35.90 -10.59 44.68
N GLU B 4 36.01 -11.67 43.92
CA GLU B 4 36.94 -11.74 42.80
C GLU B 4 36.36 -11.00 41.60
N THR B 5 37.18 -10.16 40.98
CA THR B 5 36.77 -9.36 39.82
C THR B 5 37.42 -9.93 38.57
N PHE B 6 36.61 -10.21 37.55
CA PHE B 6 37.07 -10.76 36.30
C PHE B 6 36.69 -9.83 35.15
N GLU B 7 37.59 -9.70 34.19
CA GLU B 7 37.32 -8.90 33.00
C GLU B 7 36.60 -9.73 31.95
N PHE B 8 35.84 -9.05 31.10
CA PHE B 8 35.07 -9.74 30.07
C PHE B 8 35.99 -10.36 29.03
N GLN B 9 35.59 -11.52 28.52
CA GLN B 9 36.31 -12.22 27.47
C GLN B 9 35.37 -12.48 26.29
N ALA B 10 35.93 -13.01 25.22
CA ALA B 10 35.16 -13.29 24.01
C ALA B 10 35.64 -14.59 23.39
N GLU B 11 34.70 -15.44 23.00
CA GLU B 11 35.03 -16.69 22.31
C GLU B 11 35.31 -16.37 20.84
N ILE B 12 36.57 -16.45 20.44
CA ILE B 12 36.95 -16.04 19.09
C ILE B 12 36.37 -16.99 18.05
N THR B 13 36.42 -18.30 18.31
CA THR B 13 35.94 -19.27 17.33
C THR B 13 34.43 -19.18 17.11
N GLN B 14 33.69 -18.60 18.04
CA GLN B 14 32.25 -18.44 17.89
C GLN B 14 31.84 -17.02 17.54
N LEU B 15 32.63 -16.01 17.93
CA LEU B 15 32.31 -14.64 17.57
C LEU B 15 32.50 -14.40 16.09
N MET B 16 33.48 -15.06 15.46
CA MET B 16 33.70 -14.89 14.03
C MET B 16 32.50 -15.38 13.23
N SER B 17 31.86 -16.46 13.68
CA SER B 17 30.69 -16.98 12.96
C SER B 17 29.49 -16.06 13.14
N LEU B 18 29.41 -15.33 14.25
CA LEU B 18 28.28 -14.42 14.47
C LEU B 18 28.41 -13.16 13.64
N ILE B 19 29.61 -12.57 13.58
CA ILE B 19 29.81 -11.33 12.83
C ILE B 19 29.60 -11.57 11.33
N ILE B 20 30.00 -12.74 10.84
CA ILE B 20 29.95 -13.01 9.41
C ILE B 20 28.55 -13.45 8.99
N ASN B 21 28.03 -14.50 9.62
CA ASN B 21 26.80 -15.14 9.15
C ASN B 21 25.53 -14.47 9.66
N THR B 22 25.48 -14.10 10.94
CA THR B 22 24.26 -13.66 11.59
C THR B 22 24.25 -12.16 11.87
N VAL B 23 24.74 -11.35 10.94
CA VAL B 23 24.70 -9.90 11.10
C VAL B 23 24.00 -9.27 9.90
N TYR B 24 24.50 -9.56 8.70
CA TYR B 24 23.99 -8.95 7.49
C TYR B 24 22.92 -9.83 6.86
N SER B 25 21.85 -9.19 6.38
CA SER B 25 20.77 -9.94 5.73
C SER B 25 21.19 -10.42 4.35
N ASN B 26 21.85 -9.56 3.58
CA ASN B 26 22.32 -9.90 2.24
C ASN B 26 23.82 -10.12 2.26
N LYS B 27 24.31 -10.82 1.24
CA LYS B 27 25.73 -11.13 1.12
C LYS B 27 26.45 -10.27 0.10
N GLU B 28 25.75 -9.40 -0.61
CA GLU B 28 26.38 -8.52 -1.59
C GLU B 28 26.97 -7.27 -0.97
N ILE B 29 26.70 -7.00 0.30
CA ILE B 29 27.22 -5.80 0.95
C ILE B 29 28.70 -5.88 1.24
N PHE B 30 29.33 -7.03 1.04
CA PHE B 30 30.77 -7.14 1.25
C PHE B 30 31.54 -6.20 0.33
N LEU B 31 31.04 -5.97 -0.88
CA LEU B 31 31.68 -5.02 -1.77
C LEU B 31 31.50 -3.59 -1.29
N ARG B 32 30.38 -3.28 -0.64
CA ARG B 32 30.16 -1.94 -0.12
C ARG B 32 31.16 -1.60 0.97
N GLU B 33 31.45 -2.56 1.86
CA GLU B 33 32.34 -2.28 2.98
C GLU B 33 33.80 -2.19 2.52
N LEU B 34 34.20 -3.04 1.57
CA LEU B 34 35.56 -2.99 1.07
C LEU B 34 35.82 -1.72 0.28
N ILE B 35 34.79 -1.17 -0.38
CA ILE B 35 34.93 0.14 -1.00
C ILE B 35 35.00 1.23 0.07
N SER B 36 34.20 1.08 1.13
CA SER B 36 34.25 2.05 2.22
C SER B 36 35.60 2.02 2.93
N ASN B 37 36.16 0.83 3.12
CA ASN B 37 37.49 0.72 3.72
C ASN B 37 38.55 1.30 2.80
N ALA B 38 38.39 1.13 1.49
CA ALA B 38 39.32 1.72 0.54
C ALA B 38 39.15 3.24 0.47
N SER B 39 37.91 3.71 0.62
CA SER B 39 37.67 5.15 0.61
C SER B 39 38.25 5.81 1.87
N ASP B 40 38.20 5.12 3.01
CA ASP B 40 38.79 5.66 4.23
C ASP B 40 40.31 5.67 4.15
N ALA B 41 40.90 4.65 3.52
CA ALA B 41 42.35 4.62 3.37
C ALA B 41 42.83 5.74 2.45
N LEU B 42 42.05 6.05 1.40
CA LEU B 42 42.41 7.15 0.52
C LEU B 42 42.29 8.50 1.23
N ASP B 43 41.41 8.61 2.22
CA ASP B 43 41.29 9.84 2.99
C ASP B 43 42.44 9.99 3.98
N LYS B 44 43.02 8.89 4.45
CA LYS B 44 44.14 8.97 5.37
C LYS B 44 45.40 9.47 4.66
N ILE B 45 45.68 8.93 3.47
CA ILE B 45 46.85 9.37 2.73
C ILE B 45 46.63 10.78 2.17
N ARG B 46 45.38 11.17 1.94
CA ARG B 46 45.09 12.53 1.48
C ARG B 46 45.25 13.54 2.60
N TYR B 47 44.88 13.15 3.83
CA TYR B 47 45.04 14.05 4.97
C TYR B 47 46.52 14.30 5.26
N GLN B 48 47.38 13.29 5.05
CA GLN B 48 48.81 13.48 5.22
C GLN B 48 49.44 14.22 4.05
N ALA B 49 48.79 14.23 2.89
CA ALA B 49 49.33 14.95 1.74
C ALA B 49 49.22 16.47 1.92
N LEU B 50 48.24 16.93 2.69
CA LEU B 50 48.10 18.36 2.92
C LEU B 50 49.25 18.91 3.75
N SER B 51 49.88 18.06 4.58
CA SER B 51 51.03 18.48 5.36
C SER B 51 52.36 18.04 4.77
N ASP B 52 52.35 17.07 3.86
CA ASP B 52 53.57 16.58 3.24
C ASP B 52 53.26 16.07 1.84
N PRO B 53 53.67 16.79 0.79
CA PRO B 53 53.35 16.32 -0.57
C PRO B 53 54.15 15.10 -1.01
N LYS B 54 55.22 14.75 -0.30
CA LYS B 54 56.05 13.62 -0.72
C LYS B 54 55.39 12.27 -0.44
N GLN B 55 54.26 12.26 0.26
CA GLN B 55 53.57 10.99 0.53
C GLN B 55 52.90 10.41 -0.71
N LEU B 56 52.71 11.22 -1.76
CA LEU B 56 52.07 10.77 -2.98
C LEU B 56 53.07 10.56 -4.12
N GLU B 57 54.37 10.54 -3.83
CA GLU B 57 55.36 10.34 -4.88
C GLU B 57 55.32 8.91 -5.41
N THR B 58 55.10 7.93 -4.53
CA THR B 58 55.03 6.54 -4.97
C THR B 58 53.86 6.32 -5.92
N GLU B 59 52.64 6.57 -5.43
CA GLU B 59 51.43 6.44 -6.24
C GLU B 59 50.73 7.79 -6.31
N PRO B 60 50.83 8.51 -7.43
CA PRO B 60 50.21 9.85 -7.47
C PRO B 60 48.70 9.82 -7.58
N ASP B 61 48.15 8.85 -8.30
CA ASP B 61 46.71 8.78 -8.51
C ASP B 61 46.03 8.06 -7.35
N LEU B 62 44.84 8.54 -6.99
CA LEU B 62 44.02 7.93 -5.94
C LEU B 62 42.80 7.30 -6.59
N PHE B 63 42.72 5.98 -6.53
CA PHE B 63 41.64 5.25 -7.20
C PHE B 63 41.39 3.95 -6.47
N ILE B 64 40.26 3.32 -6.81
CA ILE B 64 39.89 2.00 -6.29
C ILE B 64 39.61 1.11 -7.48
N ARG B 65 40.42 0.07 -7.67
CA ARG B 65 40.33 -0.80 -8.82
C ARG B 65 39.81 -2.18 -8.41
N ILE B 66 38.90 -2.71 -9.21
CA ILE B 66 38.33 -4.04 -8.99
C ILE B 66 38.66 -4.90 -10.21
N THR B 67 39.29 -6.05 -9.96
CA THR B 67 39.73 -6.94 -11.03
C THR B 67 39.11 -8.32 -10.85
N PRO B 68 38.04 -8.64 -11.56
CA PRO B 68 37.47 -9.99 -11.48
C PRO B 68 38.23 -10.96 -12.37
N LYS B 69 38.45 -12.17 -11.84
CA LYS B 69 39.16 -13.23 -12.56
C LYS B 69 38.30 -14.49 -12.55
N PRO B 70 37.51 -14.72 -13.61
CA PRO B 70 36.68 -15.93 -13.63
C PRO B 70 37.50 -17.21 -13.77
N GLU B 71 38.58 -17.19 -14.55
CA GLU B 71 39.38 -18.39 -14.73
C GLU B 71 40.17 -18.77 -13.49
N GLU B 72 40.37 -17.84 -12.56
CA GLU B 72 41.09 -18.11 -11.33
C GLU B 72 40.21 -18.10 -10.09
N LYS B 73 38.93 -17.75 -10.23
CA LYS B 73 38.00 -17.65 -9.09
C LYS B 73 38.54 -16.67 -8.04
N VAL B 74 38.96 -15.51 -8.52
CA VAL B 74 39.60 -14.49 -7.68
C VAL B 74 39.00 -13.14 -8.01
N LEU B 75 38.56 -12.41 -7.00
CA LEU B 75 38.03 -11.05 -7.15
C LEU B 75 38.97 -10.12 -6.39
N GLU B 76 39.84 -9.44 -7.13
CA GLU B 76 40.80 -8.51 -6.54
C GLU B 76 40.20 -7.12 -6.43
N ILE B 77 40.42 -6.49 -5.28
CA ILE B 77 39.98 -5.13 -5.01
C ILE B 77 41.23 -4.36 -4.55
N ARG B 78 41.78 -3.55 -5.43
CA ARG B 78 43.01 -2.81 -5.16
C ARG B 78 42.71 -1.32 -5.04
N ASP B 79 43.30 -0.69 -4.02
CA ASP B 79 43.22 0.74 -3.82
C ASP B 79 44.62 1.30 -3.61
N SER B 80 44.72 2.62 -3.62
CA SER B 80 45.99 3.32 -3.44
C SER B 80 45.96 4.17 -2.17
N GLY B 81 45.35 3.63 -1.11
CA GLY B 81 45.23 4.36 0.13
C GLY B 81 46.52 4.47 0.92
N ILE B 82 46.41 4.73 2.22
CA ILE B 82 47.60 4.89 3.05
C ILE B 82 48.31 3.56 3.26
N GLY B 83 47.61 2.44 3.15
CA GLY B 83 48.19 1.14 3.37
C GLY B 83 48.32 0.81 4.85
N MET B 84 48.66 -0.45 5.11
CA MET B 84 48.82 -0.96 6.46
C MET B 84 50.23 -1.50 6.65
N THR B 85 50.86 -1.12 7.76
CA THR B 85 52.21 -1.56 8.07
C THR B 85 52.16 -2.98 8.64
N LYS B 86 53.28 -3.44 9.21
CA LYS B 86 53.32 -4.77 9.80
C LYS B 86 52.49 -4.83 11.07
N ALA B 87 52.50 -3.76 11.87
CA ALA B 87 51.72 -3.74 13.10
C ALA B 87 50.23 -3.53 12.84
N GLU B 88 49.89 -2.80 11.77
CA GLU B 88 48.48 -2.54 11.47
C GLU B 88 47.79 -3.80 10.96
N LEU B 89 48.52 -4.70 10.30
CA LEU B 89 47.93 -5.95 9.84
C LEU B 89 47.57 -6.89 10.99
N ILE B 90 48.15 -6.66 12.18
CA ILE B 90 47.90 -7.51 13.33
C ILE B 90 46.99 -6.83 14.35
N ASN B 91 47.20 -5.53 14.60
CA ASN B 91 46.39 -4.83 15.59
C ASN B 91 45.07 -4.35 15.01
N ASN B 92 45.12 -3.63 13.89
CA ASN B 92 43.90 -3.09 13.29
C ASN B 92 43.13 -4.16 12.52
N LEU B 93 43.81 -4.88 11.63
CA LEU B 93 43.13 -5.84 10.77
C LEU B 93 42.91 -7.18 11.47
N GLY B 94 43.75 -7.53 12.44
CA GLY B 94 43.68 -8.82 13.08
C GLY B 94 42.83 -8.92 14.32
N THR B 95 42.37 -7.78 14.85
CA THR B 95 41.57 -7.75 16.07
C THR B 95 40.13 -7.38 15.75
N ILE B 96 39.19 -8.21 16.20
CA ILE B 96 37.78 -7.91 16.01
C ILE B 96 37.40 -6.68 16.84
N ALA B 97 36.47 -5.88 16.29
CA ALA B 97 35.96 -4.66 16.88
C ALA B 97 37.02 -3.57 17.04
N LYS B 98 38.19 -3.75 16.45
CA LYS B 98 39.26 -2.75 16.49
C LYS B 98 39.22 -1.98 15.17
N SER B 99 38.89 -0.69 15.25
CA SER B 99 38.76 0.18 14.07
C SER B 99 39.91 1.18 14.08
N GLY B 100 40.91 0.94 13.22
CA GLY B 100 41.98 1.91 13.08
C GLY B 100 41.52 3.22 12.48
N THR B 101 40.42 3.18 11.71
CA THR B 101 39.85 4.41 11.17
C THR B 101 39.25 5.28 12.27
N LYS B 102 38.64 4.65 13.26
CA LYS B 102 38.07 5.41 14.38
C LYS B 102 39.16 6.11 15.19
N ALA B 103 40.28 5.43 15.41
CA ALA B 103 41.39 6.05 16.13
C ALA B 103 42.02 7.18 15.33
N PHE B 104 41.96 7.11 14.00
CA PHE B 104 42.51 8.17 13.17
C PHE B 104 41.65 9.43 13.24
N MET B 105 40.33 9.27 13.36
CA MET B 105 39.45 10.43 13.46
C MET B 105 39.57 11.13 14.81
N GLU B 106 39.99 10.40 15.85
CA GLU B 106 40.14 10.98 17.17
C GLU B 106 41.52 11.55 17.42
N ALA B 107 42.51 11.21 16.58
CA ALA B 107 43.87 11.70 16.75
C ALA B 107 44.16 12.96 15.96
N LEU B 108 43.37 13.24 14.92
CA LEU B 108 43.59 14.42 14.11
C LEU B 108 43.18 15.69 14.87
N SER B 109 43.59 16.83 14.33
CA SER B 109 43.27 18.11 14.95
C SER B 109 41.79 18.41 14.83
N ALA B 110 41.27 19.14 15.82
CA ALA B 110 39.86 19.51 15.84
C ALA B 110 39.56 20.48 14.70
N GLY B 111 38.58 20.13 13.87
CA GLY B 111 38.22 20.95 12.74
C GLY B 111 38.61 20.41 11.38
N ALA B 112 39.01 19.14 11.29
CA ALA B 112 39.40 18.57 10.02
C ALA B 112 38.19 18.37 9.12
N ASP B 113 38.40 18.57 7.81
CA ASP B 113 37.33 18.43 6.84
C ASP B 113 37.02 16.98 6.49
N VAL B 114 37.95 16.07 6.75
CA VAL B 114 37.73 14.67 6.41
C VAL B 114 36.60 14.09 7.26
N SER B 115 35.80 13.22 6.65
CA SER B 115 34.70 12.53 7.33
C SER B 115 34.73 11.08 6.87
N MET B 116 35.41 10.23 7.64
CA MET B 116 35.62 8.85 7.26
C MET B 116 34.41 7.99 7.64
N ILE B 117 34.36 6.80 7.05
CA ILE B 117 33.18 5.94 7.13
C ILE B 117 33.29 4.95 8.27
N GLY B 118 34.39 4.19 8.33
CA GLY B 118 34.49 3.10 9.27
C GLY B 118 34.60 3.60 10.70
N GLN B 119 33.71 3.12 11.57
CA GLN B 119 33.75 3.47 12.98
C GLN B 119 33.44 2.29 13.91
N PHE B 120 33.25 1.09 13.39
CA PHE B 120 32.92 -0.07 14.22
C PHE B 120 34.13 -0.97 14.44
N GLY B 121 34.73 -1.48 13.37
CA GLY B 121 35.86 -2.38 13.45
C GLY B 121 35.58 -3.83 13.12
N VAL B 122 34.43 -4.14 12.51
CA VAL B 122 34.09 -5.50 12.14
C VAL B 122 33.65 -5.62 10.69
N GLY B 123 33.70 -4.53 9.91
CA GLY B 123 33.23 -4.58 8.53
C GLY B 123 34.13 -5.39 7.62
N PHE B 124 35.43 -5.43 7.91
CA PHE B 124 36.36 -6.16 7.05
C PHE B 124 36.04 -7.65 7.00
N TYR B 125 35.53 -8.20 8.10
CA TYR B 125 35.23 -9.64 8.16
C TYR B 125 34.00 -10.02 7.35
N SER B 126 33.34 -9.07 6.70
CA SER B 126 32.15 -9.39 5.91
C SER B 126 32.48 -10.05 4.58
N LEU B 127 33.74 -9.97 4.12
CA LEU B 127 34.11 -10.55 2.84
C LEU B 127 34.08 -12.07 2.86
N PHE B 128 34.10 -12.70 4.05
CA PHE B 128 34.08 -14.15 4.13
C PHE B 128 32.71 -14.75 3.83
N LEU B 129 31.68 -13.92 3.65
CA LEU B 129 30.38 -14.44 3.28
C LEU B 129 30.37 -15.00 1.86
N VAL B 130 31.28 -14.51 1.01
CA VAL B 130 31.35 -14.96 -0.37
C VAL B 130 32.69 -15.61 -0.72
N ALA B 131 33.69 -15.49 0.14
CA ALA B 131 35.01 -16.05 -0.12
C ALA B 131 35.43 -16.94 1.06
N ASP B 132 36.08 -18.06 0.75
CA ASP B 132 36.59 -18.94 1.80
C ASP B 132 37.89 -18.40 2.39
N ARG B 133 38.84 -18.06 1.54
CA ARG B 133 40.16 -17.61 1.97
C ARG B 133 40.49 -16.29 1.29
N VAL B 134 41.07 -15.37 2.04
CA VAL B 134 41.45 -14.06 1.54
C VAL B 134 42.97 -13.95 1.57
N GLN B 135 43.51 -13.12 0.68
CA GLN B 135 44.95 -12.92 0.51
C GLN B 135 45.28 -11.44 0.43
N VAL B 136 44.80 -10.68 1.42
CA VAL B 136 45.02 -9.24 1.44
C VAL B 136 46.51 -8.93 1.42
N ILE B 137 46.91 -8.09 0.48
CA ILE B 137 48.30 -7.64 0.34
C ILE B 137 48.33 -6.15 0.61
N SER B 138 49.23 -5.72 1.50
CA SER B 138 49.34 -4.33 1.89
C SER B 138 50.74 -3.80 1.60
N LYS B 139 50.85 -2.48 1.50
CA LYS B 139 52.13 -1.82 1.26
C LYS B 139 52.03 -0.39 1.74
N ASN B 140 52.86 -0.02 2.71
CA ASN B 140 52.90 1.32 3.26
C ASN B 140 54.17 2.03 2.83
N ASN B 141 54.15 3.36 2.93
CA ASN B 141 55.34 4.15 2.59
C ASN B 141 56.45 3.97 3.62
N GLU B 142 56.09 3.62 4.86
CA GLU B 142 57.05 3.47 5.94
C GLU B 142 57.28 2.01 6.32
N ASP B 143 56.94 1.07 5.43
CA ASP B 143 57.10 -0.34 5.72
C ASP B 143 57.19 -1.08 4.39
N GLU B 144 57.56 -2.36 4.48
CA GLU B 144 57.68 -3.20 3.30
C GLU B 144 56.30 -3.73 2.89
N GLN B 145 56.29 -4.58 1.87
CA GLN B 145 55.06 -5.18 1.37
C GLN B 145 54.85 -6.55 2.00
N TYR B 146 53.68 -6.74 2.61
CA TYR B 146 53.35 -7.97 3.31
C TYR B 146 52.07 -8.56 2.74
N ILE B 147 51.79 -9.80 3.14
CA ILE B 147 50.59 -10.52 2.71
C ILE B 147 49.82 -10.94 3.95
N TRP B 148 48.55 -10.55 4.01
CA TRP B 148 47.66 -10.93 5.11
C TRP B 148 46.70 -12.00 4.59
N GLU B 149 47.00 -13.25 4.90
CA GLU B 149 46.23 -14.39 4.43
C GLU B 149 45.44 -15.00 5.58
N SER B 150 44.17 -15.29 5.32
CA SER B 150 43.30 -15.90 6.32
C SER B 150 42.13 -16.58 5.62
N ASN B 151 41.54 -17.54 6.31
CA ASN B 151 40.41 -18.31 5.80
C ASN B 151 39.25 -18.33 6.78
N ALA B 152 39.04 -17.22 7.51
CA ALA B 152 37.99 -17.08 8.50
C ALA B 152 38.08 -18.11 9.62
N GLY B 153 39.26 -18.70 9.80
CA GLY B 153 39.47 -19.70 10.85
C GLY B 153 39.75 -19.08 12.19
N GLY B 154 40.54 -19.79 12.99
CA GLY B 154 40.89 -19.32 14.32
C GLY B 154 42.09 -18.39 14.34
N SER B 155 42.91 -18.45 13.29
CA SER B 155 44.13 -17.65 13.22
C SER B 155 44.33 -17.16 11.80
N PHE B 156 45.27 -16.24 11.64
CA PHE B 156 45.66 -15.70 10.35
C PHE B 156 47.18 -15.71 10.23
N THR B 157 47.67 -15.57 9.01
CA THR B 157 49.09 -15.63 8.72
C THR B 157 49.52 -14.37 8.00
N VAL B 158 50.62 -13.77 8.46
CA VAL B 158 51.20 -12.58 7.84
C VAL B 158 52.60 -12.94 7.38
N THR B 159 52.83 -12.88 6.06
CA THR B 159 54.11 -13.23 5.48
C THR B 159 54.61 -12.08 4.62
N LEU B 160 55.95 -11.97 4.55
CA LEU B 160 56.56 -10.96 3.69
C LEU B 160 56.32 -11.29 2.23
N ASP B 161 55.85 -10.30 1.47
CA ASP B 161 55.52 -10.52 0.06
C ASP B 161 56.81 -10.61 -0.75
N GLU B 162 57.06 -11.79 -1.32
CA GLU B 162 58.22 -12.01 -2.17
C GLU B 162 57.87 -12.72 -3.46
N VAL B 163 56.59 -12.89 -3.76
CA VAL B 163 56.16 -13.56 -4.99
C VAL B 163 55.28 -12.68 -5.87
N ASN B 164 54.57 -11.70 -5.31
CA ASN B 164 53.69 -10.86 -6.10
C ASN B 164 54.43 -9.62 -6.61
N GLU B 165 53.72 -8.80 -7.36
CA GLU B 165 54.31 -7.60 -7.94
C GLU B 165 54.55 -6.53 -6.88
N ARG B 166 55.54 -5.68 -7.13
CA ARG B 166 55.88 -4.61 -6.20
C ARG B 166 54.97 -3.40 -6.47
N ILE B 167 54.00 -3.20 -5.59
CA ILE B 167 53.08 -2.07 -5.70
C ILE B 167 53.68 -0.87 -4.98
N GLY B 168 53.29 0.33 -5.42
CA GLY B 168 53.80 1.54 -4.83
C GLY B 168 53.21 1.84 -3.47
N ARG B 169 51.89 1.97 -3.41
CA ARG B 169 51.21 2.26 -2.15
C ARG B 169 49.75 1.86 -2.29
N GLY B 170 49.21 1.25 -1.23
CA GLY B 170 47.83 0.83 -1.19
C GLY B 170 47.73 -0.60 -0.71
N THR B 171 46.52 -1.15 -0.82
CA THR B 171 46.24 -2.51 -0.39
C THR B 171 45.59 -3.30 -1.53
N VAL B 172 46.02 -4.54 -1.70
CA VAL B 172 45.47 -5.43 -2.71
C VAL B 172 44.77 -6.58 -1.98
N LEU B 173 43.45 -6.65 -2.11
CA LEU B 173 42.65 -7.65 -1.43
C LEU B 173 42.28 -8.73 -2.44
N ARG B 174 42.96 -9.86 -2.36
CA ARG B 174 42.69 -11.01 -3.22
C ARG B 174 41.70 -11.93 -2.51
N LEU B 175 40.50 -12.07 -3.07
CA LEU B 175 39.42 -12.85 -2.47
C LEU B 175 39.17 -14.09 -3.33
N PHE B 176 39.38 -15.26 -2.74
CA PHE B 176 39.07 -16.53 -3.39
C PHE B 176 37.62 -16.86 -3.10
N LEU B 177 36.74 -16.53 -4.03
CA LEU B 177 35.31 -16.68 -3.83
C LEU B 177 34.92 -18.15 -3.67
N LYS B 178 33.78 -18.36 -3.01
CA LYS B 178 33.28 -19.71 -2.76
C LYS B 178 32.80 -20.36 -4.06
N ASP B 179 32.57 -21.67 -3.99
CA ASP B 179 32.08 -22.42 -5.13
C ASP B 179 30.61 -22.14 -5.43
N ASP B 180 29.88 -21.48 -4.51
CA ASP B 180 28.49 -21.13 -4.72
C ASP B 180 28.27 -19.62 -4.70
N GLN B 181 29.35 -18.84 -4.80
CA GLN B 181 29.27 -17.39 -4.83
C GLN B 181 30.04 -16.81 -6.00
N LEU B 182 30.11 -17.56 -7.10
CA LEU B 182 30.83 -17.11 -8.29
C LEU B 182 30.07 -16.05 -9.08
N GLU B 183 28.88 -15.65 -8.64
CA GLU B 183 28.12 -14.63 -9.35
C GLU B 183 28.79 -13.26 -9.29
N TYR B 184 29.66 -13.03 -8.29
CA TYR B 184 30.35 -11.76 -8.13
C TYR B 184 31.59 -11.64 -9.02
N LEU B 185 31.77 -12.55 -9.97
CA LEU B 185 32.85 -12.46 -10.94
C LEU B 185 32.39 -11.90 -12.28
N GLU B 186 31.08 -11.68 -12.45
CA GLU B 186 30.54 -11.17 -13.70
C GLU B 186 30.72 -9.65 -13.76
N GLU B 187 30.35 -9.07 -14.90
CA GLU B 187 30.44 -7.63 -15.09
C GLU B 187 29.18 -6.91 -14.60
N LYS B 188 28.00 -7.47 -14.85
CA LYS B 188 26.76 -6.82 -14.45
C LYS B 188 26.57 -6.86 -12.94
N ARG B 189 26.94 -7.97 -12.31
CA ARG B 189 26.74 -8.11 -10.87
C ARG B 189 27.59 -7.12 -10.09
N ILE B 190 28.81 -6.86 -10.55
CA ILE B 190 29.67 -5.89 -9.87
C ILE B 190 29.10 -4.48 -10.02
N LYS B 191 28.64 -4.13 -11.23
CA LYS B 191 28.06 -2.81 -11.44
C LYS B 191 26.73 -2.65 -10.71
N GLU B 192 26.02 -3.76 -10.46
CA GLU B 192 24.75 -3.68 -9.75
C GLU B 192 24.95 -3.34 -8.28
N VAL B 193 26.02 -3.86 -7.67
CA VAL B 193 26.29 -3.59 -6.27
C VAL B 193 26.83 -2.17 -6.09
N ILE B 194 27.67 -1.72 -7.04
CA ILE B 194 28.23 -0.38 -6.94
C ILE B 194 27.14 0.68 -7.16
N LYS B 195 26.24 0.44 -8.12
CA LYS B 195 25.16 1.37 -8.39
C LYS B 195 24.07 1.35 -7.32
N ARG B 196 24.24 0.55 -6.26
CA ARG B 196 23.26 0.43 -5.20
C ARG B 196 23.78 0.88 -3.85
N HIS B 197 25.05 0.64 -3.54
CA HIS B 197 25.61 0.94 -2.23
C HIS B 197 26.77 1.91 -2.27
N SER B 198 27.61 1.88 -3.30
CA SER B 198 28.82 2.70 -3.38
C SER B 198 28.82 3.52 -4.67
N GLU B 199 27.69 4.17 -4.96
CA GLU B 199 27.56 4.93 -6.19
C GLU B 199 28.20 6.31 -6.09
N PHE B 200 28.14 6.94 -4.92
CA PHE B 200 28.60 8.31 -4.73
C PHE B 200 29.88 8.38 -3.89
N VAL B 201 30.79 7.43 -4.12
CA VAL B 201 32.10 7.48 -3.46
C VAL B 201 32.90 8.63 -4.06
N ALA B 202 33.59 9.37 -3.18
CA ALA B 202 34.34 10.54 -3.62
C ALA B 202 35.53 10.17 -4.51
N TYR B 203 35.95 8.91 -4.52
CA TYR B 203 37.07 8.47 -5.32
C TYR B 203 36.59 7.59 -6.48
N PRO B 204 37.27 7.64 -7.62
CA PRO B 204 36.83 6.85 -8.78
C PRO B 204 36.98 5.36 -8.54
N ILE B 205 35.93 4.61 -8.82
CA ILE B 205 35.91 3.16 -8.69
C ILE B 205 36.10 2.56 -10.07
N GLN B 206 37.26 1.97 -10.31
CA GLN B 206 37.60 1.40 -11.60
C GLN B 206 37.28 -0.10 -11.62
N LEU B 207 36.79 -0.58 -12.75
CA LEU B 207 36.44 -1.98 -12.94
C LEU B 207 37.06 -2.49 -14.23
N LEU B 208 37.82 -3.58 -14.15
CA LEU B 208 38.47 -4.15 -15.32
C LEU B 208 37.49 -5.06 -16.04
N VAL B 209 37.00 -4.62 -17.20
CA VAL B 209 36.06 -5.38 -17.99
C VAL B 209 36.75 -5.84 -19.27
N THR B 210 36.21 -6.90 -19.87
CA THR B 210 36.76 -7.44 -21.10
C THR B 210 36.13 -6.80 -22.33
N VAL B 260 40.76 -7.17 -25.62
CA VAL B 260 41.58 -6.26 -24.83
C VAL B 260 40.91 -5.99 -23.48
N GLN B 261 41.69 -5.48 -22.54
CA GLN B 261 41.20 -5.16 -21.20
C GLN B 261 41.18 -3.65 -21.00
N GLU B 262 40.08 -3.16 -20.43
CA GLU B 262 39.90 -1.73 -20.21
C GLU B 262 39.30 -1.50 -18.83
N LEU B 263 39.48 -0.28 -18.33
CA LEU B 263 39.00 0.12 -17.02
C LEU B 263 37.85 1.10 -17.17
N GLU B 264 36.70 0.77 -16.62
CA GLU B 264 35.51 1.60 -16.66
C GLU B 264 35.21 2.13 -15.27
N GLU B 265 34.99 3.44 -15.17
CA GLU B 265 34.66 4.07 -13.90
C GLU B 265 33.17 3.90 -13.62
N LEU B 266 32.83 3.43 -12.41
CA LEU B 266 31.46 3.13 -12.04
C LEU B 266 30.81 4.23 -11.21
N ASN B 267 31.51 5.32 -10.94
CA ASN B 267 30.98 6.43 -10.15
C ASN B 267 31.27 7.76 -10.83
N LYS B 268 30.93 7.84 -12.13
CA LYS B 268 31.11 9.08 -12.87
C LYS B 268 30.35 10.23 -12.22
N THR B 269 29.12 9.97 -11.77
CA THR B 269 28.30 11.01 -11.16
C THR B 269 28.79 11.27 -9.73
N LYS B 270 29.18 12.52 -9.46
CA LYS B 270 29.66 12.91 -8.15
C LYS B 270 28.50 13.43 -7.30
N PRO B 271 28.57 13.24 -5.98
CA PRO B 271 27.48 13.72 -5.11
C PRO B 271 27.42 15.24 -5.10
N LEU B 272 26.19 15.76 -5.16
CA LEU B 272 25.96 17.20 -5.19
C LEU B 272 25.66 17.79 -3.82
N TRP B 273 25.47 16.96 -2.79
CA TRP B 273 25.22 17.49 -1.46
C TRP B 273 26.49 17.97 -0.77
N THR B 274 27.67 17.73 -1.35
CA THR B 274 28.92 18.26 -0.84
C THR B 274 29.24 19.64 -1.40
N ARG B 275 28.37 20.18 -2.26
CA ARG B 275 28.56 21.48 -2.86
C ARG B 275 27.37 22.37 -2.54
N ASN B 276 27.61 23.67 -2.57
CA ASN B 276 26.53 24.63 -2.31
C ASN B 276 25.59 24.70 -3.50
N PRO B 277 24.31 25.00 -3.27
CA PRO B 277 23.38 25.14 -4.39
C PRO B 277 23.69 26.32 -5.30
N SER B 278 24.55 27.25 -4.89
CA SER B 278 24.83 28.43 -5.67
C SER B 278 25.81 28.17 -6.82
N ASP B 279 26.60 27.09 -6.75
CA ASP B 279 27.57 26.78 -7.78
C ASP B 279 27.25 25.47 -8.49
N ILE B 280 26.00 25.03 -8.46
CA ILE B 280 25.55 23.83 -9.16
C ILE B 280 24.59 24.25 -10.25
N THR B 281 24.89 23.87 -11.49
CA THR B 281 24.06 24.26 -12.62
C THR B 281 22.80 23.38 -12.68
N GLN B 282 21.90 23.74 -13.60
CA GLN B 282 20.65 22.99 -13.75
C GLN B 282 20.90 21.64 -14.39
N GLU B 283 21.84 21.57 -15.35
CA GLU B 283 22.11 20.30 -16.02
C GLU B 283 22.74 19.29 -15.07
N GLU B 284 23.46 19.75 -14.05
CA GLU B 284 24.03 18.84 -13.07
C GLU B 284 22.96 18.20 -12.21
N TYR B 285 21.87 18.92 -11.94
CA TYR B 285 20.75 18.32 -11.22
C TYR B 285 20.01 17.29 -12.07
N ASN B 286 19.99 17.49 -13.39
CA ASN B 286 19.32 16.52 -14.26
C ASN B 286 20.07 15.20 -14.30
N ALA B 287 21.41 15.25 -14.41
CA ALA B 287 22.19 14.03 -14.40
C ALA B 287 22.18 13.36 -13.04
N PHE B 288 22.06 14.14 -11.97
CA PHE B 288 21.98 13.56 -10.63
C PHE B 288 20.64 12.87 -10.41
N TYR B 289 19.56 13.44 -10.94
CA TYR B 289 18.25 12.83 -10.79
C TYR B 289 18.13 11.56 -11.64
N LYS B 290 18.69 11.58 -12.85
CA LYS B 290 18.66 10.40 -13.70
C LYS B 290 19.60 9.31 -13.23
N SER B 291 20.42 9.57 -12.21
CA SER B 291 21.32 8.57 -11.64
C SER B 291 20.76 7.94 -10.38
N ILE B 292 20.16 8.74 -9.48
CA ILE B 292 19.54 8.19 -8.29
C ILE B 292 18.24 7.46 -8.61
N SER B 293 17.58 7.81 -9.71
CA SER B 293 16.34 7.18 -10.12
C SER B 293 16.45 6.76 -11.58
N ASN B 294 15.64 5.76 -11.94
CA ASN B 294 15.65 5.22 -13.30
C ASN B 294 14.84 6.06 -14.28
N ASP B 295 14.31 7.21 -13.86
CA ASP B 295 13.49 8.03 -14.73
C ASP B 295 14.30 8.51 -15.94
N TRP B 296 13.60 8.66 -17.06
CA TRP B 296 14.21 9.12 -18.30
C TRP B 296 14.00 10.60 -18.55
N GLU B 297 13.35 11.31 -17.64
CA GLU B 297 13.06 12.72 -17.81
C GLU B 297 13.79 13.55 -16.75
N ASP B 298 14.04 14.81 -17.09
CA ASP B 298 14.67 15.72 -16.16
C ASP B 298 13.71 16.08 -15.04
N PRO B 299 14.22 16.40 -13.84
CA PRO B 299 13.34 16.79 -12.75
C PRO B 299 12.68 18.13 -13.01
N LEU B 300 11.43 18.26 -12.57
CA LEU B 300 10.69 19.50 -12.80
C LEU B 300 11.21 20.62 -11.91
N TYR B 301 11.46 20.33 -10.63
CA TYR B 301 11.96 21.32 -9.70
C TYR B 301 12.88 20.63 -8.71
N VAL B 302 13.91 21.37 -8.26
CA VAL B 302 14.92 20.86 -7.35
C VAL B 302 14.91 21.72 -6.10
N LYS B 303 14.87 21.07 -4.93
CA LYS B 303 14.95 21.74 -3.64
C LYS B 303 16.17 21.21 -2.90
N HIS B 304 17.24 22.00 -2.88
CA HIS B 304 18.49 21.66 -2.21
C HIS B 304 18.65 22.59 -1.01
N PHE B 305 18.48 22.03 0.19
CA PHE B 305 18.60 22.79 1.42
C PHE B 305 19.56 22.09 2.36
N SER B 306 19.91 22.78 3.45
CA SER B 306 20.83 22.25 4.45
C SER B 306 20.43 22.78 5.82
N VAL B 307 20.16 21.88 6.75
CA VAL B 307 19.79 22.24 8.11
C VAL B 307 21.02 22.10 8.99
N GLU B 308 21.27 23.09 9.84
CA GLU B 308 22.42 23.11 10.73
C GLU B 308 21.95 23.32 12.16
N GLY B 309 22.91 23.31 13.09
CA GLY B 309 22.60 23.47 14.49
C GLY B 309 22.76 22.17 15.28
N GLN B 310 21.73 21.82 16.05
CA GLN B 310 21.76 20.56 16.79
C GLN B 310 21.77 19.36 15.85
N LEU B 311 20.97 19.41 14.80
CA LEU B 311 20.91 18.36 13.78
C LEU B 311 21.44 18.92 12.47
N GLU B 312 22.45 18.27 11.91
CA GLU B 312 23.08 18.70 10.67
C GLU B 312 22.85 17.63 9.61
N PHE B 313 22.02 17.93 8.62
CA PHE B 313 21.76 17.01 7.52
C PHE B 313 21.42 17.81 6.27
N ARG B 314 21.80 17.27 5.12
CA ARG B 314 21.53 17.88 3.83
C ARG B 314 20.67 16.95 2.99
N ALA B 315 19.81 17.54 2.17
CA ALA B 315 18.90 16.77 1.34
C ALA B 315 18.69 17.50 0.02
N ILE B 316 18.70 16.74 -1.07
CA ILE B 316 18.45 17.28 -2.41
C ILE B 316 17.19 16.59 -2.92
N LEU B 317 16.05 17.23 -2.72
CA LEU B 317 14.76 16.65 -3.09
C LEU B 317 14.37 17.10 -4.49
N PHE B 318 13.95 16.14 -5.32
CA PHE B 318 13.56 16.39 -6.70
C PHE B 318 12.07 16.17 -6.87
N ILE B 319 11.47 16.96 -7.77
CA ILE B 319 10.06 16.82 -8.13
C ILE B 319 10.02 16.33 -9.58
N PRO B 320 9.51 15.13 -9.84
CA PRO B 320 9.47 14.63 -11.22
C PRO B 320 8.50 15.41 -12.10
N LYS B 321 8.44 15.04 -13.38
CA LYS B 321 7.51 15.67 -14.32
C LYS B 321 6.22 14.90 -14.48
N ARG B 322 6.10 13.71 -13.90
CA ARG B 322 4.89 12.92 -13.98
C ARG B 322 4.79 12.03 -12.75
N ALA B 323 3.61 11.44 -12.57
CA ALA B 323 3.33 10.57 -11.44
C ALA B 323 3.08 9.14 -11.92
N PRO B 324 3.39 8.13 -11.10
CA PRO B 324 3.13 6.75 -11.52
C PRO B 324 1.66 6.41 -11.65
N PHE B 325 0.77 7.19 -11.04
CA PHE B 325 -0.67 6.95 -11.15
C PHE B 325 -1.33 8.03 -11.98
N ASN B 335 11.55 2.92 -0.76
CA ASN B 335 10.87 4.17 -1.10
C ASN B 335 11.66 4.97 -2.13
N ASN B 336 11.27 6.23 -2.33
CA ASN B 336 11.93 7.10 -3.30
C ASN B 336 13.02 7.95 -2.68
N ILE B 337 13.02 8.13 -1.37
CA ILE B 337 14.01 8.95 -0.69
C ILE B 337 15.09 8.03 -0.13
N LYS B 338 16.33 8.23 -0.57
CA LYS B 338 17.45 7.42 -0.11
C LYS B 338 18.16 8.11 1.06
N LEU B 339 18.83 7.29 1.87
CA LEU B 339 19.60 7.77 3.01
C LEU B 339 21.07 7.48 2.78
N TYR B 340 21.91 8.50 2.97
CA TYR B 340 23.35 8.38 2.78
C TYR B 340 24.06 8.90 4.02
N VAL B 341 24.87 8.05 4.63
CA VAL B 341 25.71 8.42 5.78
C VAL B 341 27.15 8.11 5.42
N ARG B 342 28.03 9.11 5.61
CA ARG B 342 29.45 8.98 5.27
C ARG B 342 29.63 8.67 3.79
N ARG B 343 28.81 9.31 2.94
CA ARG B 343 28.84 9.13 1.49
C ARG B 343 28.57 7.68 1.09
N VAL B 344 27.82 6.95 1.91
CA VAL B 344 27.50 5.55 1.66
C VAL B 344 26.00 5.37 1.80
N PHE B 345 25.40 4.67 0.84
CA PHE B 345 23.98 4.37 0.90
C PHE B 345 23.68 3.45 2.08
N ILE B 346 22.68 3.82 2.87
CA ILE B 346 22.32 3.06 4.06
C ILE B 346 21.05 2.25 3.78
N THR B 347 19.96 2.94 3.50
CA THR B 347 18.68 2.28 3.25
C THR B 347 17.74 3.25 2.56
N ASP B 348 16.71 2.68 1.92
CA ASP B 348 15.66 3.46 1.27
C ASP B 348 14.28 2.93 1.61
N GLU B 349 14.15 2.21 2.73
CA GLU B 349 12.89 1.62 3.14
C GLU B 349 12.31 2.28 4.39
N ALA B 350 12.72 3.52 4.67
CA ALA B 350 12.25 4.25 5.85
C ALA B 350 11.01 5.04 5.44
N GLU B 351 9.84 4.41 5.56
CA GLU B 351 8.60 5.08 5.19
C GLU B 351 8.20 6.16 6.18
N ASP B 352 8.72 6.12 7.40
CA ASP B 352 8.43 7.15 8.38
C ASP B 352 9.18 8.46 8.12
N LEU B 353 10.16 8.45 7.22
CA LEU B 353 10.92 9.67 6.94
C LEU B 353 10.08 10.68 6.17
N ILE B 354 9.18 10.21 5.31
CA ILE B 354 8.40 11.10 4.44
C ILE B 354 6.95 10.64 4.44
N PRO B 355 5.97 11.54 4.52
CA PRO B 355 4.57 11.13 4.52
C PRO B 355 4.19 10.39 3.24
N GLU B 356 3.09 9.64 3.32
CA GLU B 356 2.65 8.84 2.18
C GLU B 356 2.10 9.72 1.06
N TRP B 357 1.32 10.75 1.41
CA TRP B 357 0.78 11.65 0.39
C TRP B 357 1.87 12.48 -0.28
N LEU B 358 3.02 12.63 0.36
CA LEU B 358 4.14 13.40 -0.18
C LEU B 358 5.22 12.50 -0.78
N SER B 359 4.94 11.21 -0.94
CA SER B 359 5.92 10.24 -1.41
C SER B 359 6.12 10.25 -2.92
N PHE B 360 5.65 11.28 -3.61
CA PHE B 360 5.85 11.39 -5.05
C PHE B 360 7.19 12.03 -5.40
N VAL B 361 7.81 12.74 -4.47
CA VAL B 361 9.11 13.34 -4.73
C VAL B 361 10.22 12.32 -4.54
N LYS B 362 11.37 12.59 -5.14
CA LYS B 362 12.54 11.74 -5.03
C LYS B 362 13.74 12.57 -4.60
N GLY B 363 14.83 11.89 -4.31
CA GLY B 363 16.05 12.54 -3.88
C GLY B 363 16.71 11.73 -2.79
N VAL B 364 17.76 12.32 -2.21
CA VAL B 364 18.55 11.67 -1.17
C VAL B 364 18.63 12.59 0.04
N VAL B 365 18.99 12.01 1.18
CA VAL B 365 19.18 12.74 2.43
C VAL B 365 20.52 12.33 3.02
N ASP B 366 21.43 13.30 3.13
CA ASP B 366 22.76 13.05 3.65
C ASP B 366 22.84 13.49 5.11
N SER B 367 23.37 12.62 5.95
CA SER B 367 23.53 12.91 7.37
C SER B 367 24.76 12.17 7.90
N GLU B 368 25.24 12.62 9.05
CA GLU B 368 26.43 12.03 9.67
C GLU B 368 26.25 11.64 11.12
N ASP B 369 25.15 12.04 11.78
CA ASP B 369 24.95 11.76 13.20
C ASP B 369 23.90 10.68 13.43
N LEU B 370 23.47 9.99 12.38
CA LEU B 370 22.44 8.97 12.54
C LEU B 370 23.03 7.72 13.21
N PRO B 371 22.33 7.14 14.19
CA PRO B 371 22.80 5.91 14.86
C PRO B 371 22.57 4.67 13.99
N LEU B 372 23.53 4.42 13.09
CA LEU B 372 23.42 3.31 12.16
C LEU B 372 23.49 1.97 12.88
N ASN B 373 22.87 0.96 12.27
CA ASN B 373 22.93 -0.40 12.79
C ASN B 373 24.32 -0.98 12.59
N LEU B 374 24.59 -2.08 13.31
CA LEU B 374 25.87 -2.77 13.13
C LEU B 374 26.03 -3.28 11.71
N SER B 375 24.96 -3.77 11.11
CA SER B 375 25.00 -4.23 9.72
C SER B 375 25.02 -3.07 8.73
N ARG B 376 24.75 -1.84 9.18
CA ARG B 376 24.71 -0.63 8.36
C ARG B 376 23.65 -0.70 7.27
N GLU B 377 22.72 -1.65 7.35
CA GLU B 377 21.63 -1.75 6.38
C GLU B 377 20.40 -0.93 6.79
N MET B 378 20.39 -0.41 8.01
CA MET B 378 19.29 0.43 8.49
C MET B 378 19.80 1.19 9.72
N LEU B 379 18.89 1.89 10.40
CA LEU B 379 19.24 2.66 11.57
C LEU B 379 18.28 2.33 12.71
N GLN B 380 18.72 2.64 13.93
CA GLN B 380 17.94 2.30 15.11
C GLN B 380 16.73 3.20 15.25
N GLN B 381 15.81 2.79 16.12
CA GLN B 381 14.66 3.63 16.47
C GLN B 381 15.15 4.85 17.22
N ASN B 382 14.81 6.04 16.72
CA ASN B 382 15.31 7.27 17.31
C ASN B 382 14.30 8.38 17.08
N LYS B 383 14.42 9.44 17.89
CA LYS B 383 13.56 10.61 17.78
C LYS B 383 14.03 11.58 16.71
N ILE B 384 15.13 11.29 16.02
CA ILE B 384 15.64 12.18 14.99
C ILE B 384 14.83 12.05 13.69
N MET B 385 14.12 10.94 13.50
CA MET B 385 13.37 10.74 12.25
C MET B 385 12.28 11.80 12.09
N LYS B 386 11.50 12.03 13.14
CA LYS B 386 10.43 13.03 13.03
C LYS B 386 10.99 14.44 12.90
N VAL B 387 12.21 14.67 13.37
CA VAL B 387 12.84 15.97 13.19
C VAL B 387 13.19 16.19 11.72
N ILE B 388 13.78 15.17 11.08
CA ILE B 388 14.04 15.26 9.65
C ILE B 388 12.75 15.23 8.87
N ARG B 389 11.74 14.49 9.35
CA ARG B 389 10.45 14.46 8.68
C ARG B 389 9.79 15.84 8.68
N LYS B 390 10.00 16.61 9.75
CA LYS B 390 9.42 17.95 9.82
C LYS B 390 10.12 18.90 8.85
N ASN B 391 11.45 18.81 8.74
CA ASN B 391 12.19 19.71 7.87
C ASN B 391 11.97 19.38 6.40
N ILE B 392 11.72 18.11 6.07
CA ILE B 392 11.46 17.73 4.69
C ILE B 392 10.12 18.29 4.23
N VAL B 393 9.09 18.17 5.07
CA VAL B 393 7.78 18.71 4.72
C VAL B 393 7.81 20.23 4.72
N LYS B 394 8.52 20.83 5.68
CA LYS B 394 8.59 22.28 5.76
C LYS B 394 9.26 22.87 4.51
N LYS B 395 10.32 22.22 4.03
CA LYS B 395 11.00 22.72 2.84
C LYS B 395 10.20 22.43 1.57
N LEU B 396 9.50 21.30 1.51
CA LEU B 396 8.70 20.99 0.32
C LEU B 396 7.45 21.87 0.25
N ILE B 397 6.92 22.29 1.39
CA ILE B 397 5.81 23.24 1.37
C ILE B 397 6.27 24.58 0.80
N GLU B 398 7.45 25.04 1.23
CA GLU B 398 8.04 26.24 0.64
C GLU B 398 8.45 25.99 -0.81
N ALA B 399 8.89 24.77 -1.13
CA ALA B 399 9.25 24.45 -2.51
C ALA B 399 8.04 24.57 -3.43
N PHE B 400 6.86 24.17 -2.95
CA PHE B 400 5.65 24.30 -3.75
C PHE B 400 5.25 25.76 -3.89
N ASN B 401 5.56 26.60 -2.90
CA ASN B 401 5.27 28.02 -3.01
C ASN B 401 6.18 28.70 -4.02
N GLU B 402 7.42 28.24 -4.14
CA GLU B 402 8.32 28.78 -5.16
C GLU B 402 7.84 28.41 -6.56
N ILE B 403 7.23 27.24 -6.71
CA ILE B 403 6.65 26.87 -8.00
C ILE B 403 5.37 27.66 -8.24
N ALA B 404 4.60 27.93 -7.18
CA ALA B 404 3.38 28.73 -7.31
C ALA B 404 3.68 30.16 -7.74
N GLU B 405 4.88 30.67 -7.46
CA GLU B 405 5.24 32.01 -7.91
C GLU B 405 5.30 32.11 -9.43
N ASP B 406 5.53 31.00 -10.12
CA ASP B 406 5.53 30.96 -11.57
C ASP B 406 4.20 30.42 -12.08
N SER B 407 3.89 30.75 -13.33
CA SER B 407 2.63 30.34 -13.95
C SER B 407 2.78 29.16 -14.89
N GLU B 408 3.84 29.14 -15.71
CA GLU B 408 4.01 28.04 -16.66
C GLU B 408 4.58 26.80 -15.98
N GLN B 409 5.47 26.99 -14.99
CA GLN B 409 6.05 25.83 -14.30
C GLN B 409 5.05 25.19 -13.36
N PHE B 410 4.18 25.99 -12.74
CA PHE B 410 3.16 25.44 -11.85
C PHE B 410 2.07 24.71 -12.61
N ASP B 411 1.85 25.06 -13.88
CA ASP B 411 0.86 24.35 -14.68
C ASP B 411 1.26 22.90 -14.88
N LYS B 412 2.55 22.64 -15.08
CA LYS B 412 3.02 21.27 -15.22
C LYS B 412 3.05 20.53 -13.89
N PHE B 413 3.28 21.24 -12.78
CA PHE B 413 3.31 20.60 -11.48
C PHE B 413 1.91 20.21 -11.01
N TYR B 414 0.93 21.09 -11.23
CA TYR B 414 -0.43 20.79 -10.75
C TYR B 414 -1.11 19.76 -11.65
N SER B 415 -0.82 19.77 -12.95
CA SER B 415 -1.44 18.80 -13.85
C SER B 415 -0.87 17.40 -13.67
N ALA B 416 0.30 17.27 -13.06
CA ALA B 416 0.93 15.98 -12.85
C ALA B 416 0.77 15.42 -11.45
N PHE B 417 0.64 16.29 -10.45
CA PHE B 417 0.52 15.87 -9.05
C PHE B 417 -0.68 16.53 -8.40
N ALA B 418 -1.82 16.50 -9.09
CA ALA B 418 -3.05 17.04 -8.51
C ALA B 418 -3.56 16.16 -7.38
N LYS B 419 -3.33 14.85 -7.46
CA LYS B 419 -3.82 13.95 -6.43
C LYS B 419 -3.03 14.11 -5.13
N ASN B 420 -1.72 14.28 -5.23
CA ASN B 420 -0.88 14.33 -4.04
C ASN B 420 -1.15 15.58 -3.22
N ILE B 421 -1.39 16.71 -3.88
CA ILE B 421 -1.67 17.95 -3.15
C ILE B 421 -2.99 17.86 -2.43
N LYS B 422 -4.00 17.26 -3.06
CA LYS B 422 -5.31 17.12 -2.44
C LYS B 422 -5.35 16.03 -1.38
N LEU B 423 -4.46 15.04 -1.45
CA LEU B 423 -4.39 14.03 -0.40
C LEU B 423 -3.82 14.59 0.88
N GLY B 424 -2.90 15.55 0.79
CA GLY B 424 -2.37 16.18 1.99
C GLY B 424 -3.40 17.00 2.74
N VAL B 425 -4.34 17.61 2.02
CA VAL B 425 -5.43 18.33 2.67
C VAL B 425 -6.35 17.37 3.40
N HIS B 426 -6.47 16.13 2.90
CA HIS B 426 -7.34 15.14 3.54
C HIS B 426 -6.65 14.45 4.70
N GLU B 427 -5.35 14.17 4.58
CA GLU B 427 -4.62 13.41 5.60
C GLU B 427 -3.96 14.33 6.62
N ASP B 428 -3.08 15.21 6.17
CA ASP B 428 -2.32 16.04 7.09
C ASP B 428 -3.20 17.13 7.68
N THR B 429 -3.03 17.37 8.98
CA THR B 429 -3.78 18.40 9.69
C THR B 429 -2.96 19.62 10.06
N GLN B 430 -1.64 19.57 9.88
CA GLN B 430 -0.79 20.71 10.23
C GLN B 430 -0.56 21.65 9.06
N ASN B 431 -0.32 21.10 7.86
CA ASN B 431 -0.13 21.88 6.66
C ASN B 431 -1.37 21.90 5.77
N ARG B 432 -2.55 21.74 6.37
CA ARG B 432 -3.78 21.74 5.59
C ARG B 432 -4.11 23.13 5.06
N ALA B 433 -3.81 24.17 5.84
CA ALA B 433 -4.05 25.54 5.36
C ALA B 433 -3.03 25.96 4.32
N ALA B 434 -1.79 25.47 4.44
CA ALA B 434 -0.77 25.81 3.45
C ALA B 434 -1.04 25.12 2.11
N LEU B 435 -1.50 23.87 2.17
CA LEU B 435 -1.82 23.14 0.94
C LEU B 435 -3.10 23.63 0.29
N ALA B 436 -3.98 24.28 1.04
CA ALA B 436 -5.22 24.80 0.45
C ALA B 436 -4.93 25.96 -0.51
N LYS B 437 -3.87 26.72 -0.26
CA LYS B 437 -3.50 27.82 -1.14
C LYS B 437 -2.90 27.33 -2.45
N LEU B 438 -2.53 26.06 -2.55
CA LEU B 438 -1.96 25.51 -3.77
C LEU B 438 -3.01 24.91 -4.70
N LEU B 439 -4.22 24.66 -4.21
CA LEU B 439 -5.26 24.06 -5.03
C LEU B 439 -5.68 25.00 -6.14
N ARG B 440 -5.90 24.43 -7.32
CA ARG B 440 -6.35 25.19 -8.49
C ARG B 440 -7.54 24.47 -9.11
N TYR B 441 -8.61 25.23 -9.38
CA TYR B 441 -9.82 24.66 -9.95
C TYR B 441 -10.41 25.66 -10.94
N ASN B 442 -11.45 25.21 -11.65
CA ASN B 442 -12.23 26.06 -12.53
C ASN B 442 -13.46 26.60 -11.80
N SER B 443 -14.06 27.64 -12.36
CA SER B 443 -15.21 28.27 -11.74
C SER B 443 -16.03 28.96 -12.82
N THR B 444 -17.16 29.55 -12.41
CA THR B 444 -18.01 30.28 -13.34
C THR B 444 -17.34 31.54 -13.85
N LYS B 445 -16.50 32.16 -13.03
CA LYS B 445 -15.76 33.36 -13.42
C LYS B 445 -14.38 33.04 -13.99
N SER B 446 -13.98 31.77 -14.01
CA SER B 446 -12.69 31.34 -14.57
C SER B 446 -12.94 30.02 -15.28
N VAL B 447 -13.22 30.08 -16.58
CA VAL B 447 -13.57 28.89 -17.35
C VAL B 447 -12.34 28.23 -17.94
N ASP B 448 -11.39 29.02 -18.45
CA ASP B 448 -10.20 28.48 -19.09
C ASP B 448 -9.01 28.35 -18.13
N GLU B 449 -8.65 29.44 -17.45
CA GLU B 449 -7.53 29.40 -16.52
C GLU B 449 -7.98 28.88 -15.16
N LEU B 450 -7.10 28.13 -14.50
CA LEU B 450 -7.39 27.61 -13.17
C LEU B 450 -7.18 28.71 -12.13
N THR B 451 -8.17 28.87 -11.25
CA THR B 451 -8.11 29.87 -10.20
C THR B 451 -7.85 29.20 -8.85
N SER B 452 -7.24 29.96 -7.94
CA SER B 452 -6.90 29.47 -6.62
C SER B 452 -7.95 29.90 -5.60
N LEU B 453 -7.86 29.31 -4.40
CA LEU B 453 -8.76 29.70 -3.32
C LEU B 453 -8.48 31.10 -2.82
N THR B 454 -7.23 31.57 -2.94
CA THR B 454 -6.91 32.93 -2.54
C THR B 454 -7.51 33.95 -3.50
N ASP B 455 -7.45 33.69 -4.80
CA ASP B 455 -8.07 34.57 -5.77
C ASP B 455 -9.59 34.49 -5.72
N TYR B 456 -10.15 33.46 -5.10
CA TYR B 456 -11.60 33.34 -5.01
C TYR B 456 -12.16 34.35 -4.02
N VAL B 457 -11.56 34.47 -2.84
CA VAL B 457 -12.06 35.38 -1.82
C VAL B 457 -11.82 36.84 -2.21
N THR B 458 -10.91 37.10 -3.15
CA THR B 458 -10.69 38.47 -3.58
C THR B 458 -11.84 38.96 -4.46
N ARG B 459 -12.47 38.07 -5.23
CA ARG B 459 -13.60 38.42 -6.07
C ARG B 459 -14.94 38.27 -5.35
N MET B 460 -14.94 37.81 -4.10
CA MET B 460 -16.19 37.67 -3.36
C MET B 460 -16.71 39.05 -2.95
N PRO B 461 -17.99 39.35 -3.19
CA PRO B 461 -18.53 40.65 -2.76
C PRO B 461 -18.55 40.79 -1.24
N GLU B 462 -18.97 41.97 -0.76
CA GLU B 462 -18.98 42.22 0.68
C GLU B 462 -20.03 41.36 1.40
N HIS B 463 -21.13 41.04 0.72
CA HIS B 463 -22.22 40.31 1.35
C HIS B 463 -22.05 38.79 1.28
N GLN B 464 -21.20 38.28 0.39
CA GLN B 464 -20.97 36.85 0.30
C GLN B 464 -20.07 36.40 1.45
N LYS B 465 -20.53 35.39 2.19
CA LYS B 465 -19.82 34.92 3.38
C LYS B 465 -19.40 33.46 3.29
N ASN B 466 -19.62 32.81 2.14
CA ASN B 466 -19.30 31.40 2.00
C ASN B 466 -18.67 31.14 0.64
N ILE B 467 -17.92 30.03 0.57
CA ILE B 467 -17.30 29.59 -0.67
C ILE B 467 -18.15 28.45 -1.24
N TYR B 468 -18.70 28.67 -2.42
CA TYR B 468 -19.57 27.69 -3.07
C TYR B 468 -18.80 26.90 -4.12
N TYR B 469 -19.08 25.60 -4.17
CA TYR B 469 -18.44 24.70 -5.13
C TYR B 469 -19.46 23.64 -5.55
N ILE B 470 -19.04 22.79 -6.48
CA ILE B 470 -19.90 21.72 -6.99
C ILE B 470 -19.02 20.58 -7.46
N THR B 471 -19.44 19.35 -7.17
CA THR B 471 -18.76 18.15 -7.61
C THR B 471 -19.54 17.48 -8.73
N GLY B 472 -18.84 16.64 -9.49
CA GLY B 472 -19.48 15.96 -10.60
C GLY B 472 -18.52 14.99 -11.25
N GLU B 473 -19.04 14.24 -12.22
CA GLU B 473 -18.24 13.25 -12.92
C GLU B 473 -17.28 13.88 -13.91
N SER B 474 -17.74 14.92 -14.62
CA SER B 474 -16.93 15.57 -15.65
C SER B 474 -17.13 17.07 -15.55
N LEU B 475 -16.31 17.81 -16.32
CA LEU B 475 -16.39 19.26 -16.33
C LEU B 475 -17.59 19.75 -17.14
N LYS B 476 -17.90 19.07 -18.26
CA LYS B 476 -19.04 19.47 -19.07
C LYS B 476 -20.37 19.21 -18.36
N ALA B 477 -20.39 18.29 -17.39
CA ALA B 477 -21.62 18.01 -16.66
C ALA B 477 -21.88 19.01 -15.54
N VAL B 478 -20.84 19.69 -15.05
CA VAL B 478 -21.01 20.65 -13.96
C VAL B 478 -21.08 22.10 -14.45
N GLU B 479 -20.54 22.40 -15.64
CA GLU B 479 -20.58 23.77 -16.14
C GLU B 479 -21.98 24.18 -16.54
N LYS B 480 -22.81 23.22 -16.98
CA LYS B 480 -24.21 23.48 -17.31
C LYS B 480 -25.15 22.85 -16.29
N SER B 481 -24.69 22.67 -15.06
CA SER B 481 -25.51 22.09 -14.02
C SER B 481 -26.67 23.04 -13.68
N PRO B 482 -27.83 22.49 -13.33
CA PRO B 482 -28.97 23.34 -12.97
C PRO B 482 -28.83 24.04 -11.62
N PHE B 483 -27.70 23.89 -10.94
CA PHE B 483 -27.48 24.53 -9.64
C PHE B 483 -26.68 25.82 -9.76
N LEU B 484 -26.19 26.16 -10.95
CA LEU B 484 -25.37 27.36 -11.12
C LEU B 484 -26.19 28.60 -11.45
N ASP B 485 -27.36 28.43 -12.07
CA ASP B 485 -28.14 29.59 -12.48
C ASP B 485 -28.61 30.43 -11.30
N ALA B 486 -28.73 29.82 -10.12
CA ALA B 486 -29.11 30.58 -8.93
C ALA B 486 -27.96 31.44 -8.43
N LEU B 487 -26.74 30.90 -8.41
CA LEU B 487 -25.60 31.65 -7.91
C LEU B 487 -25.07 32.63 -8.96
N LYS B 488 -25.20 32.31 -10.25
CA LYS B 488 -24.76 33.24 -11.28
C LYS B 488 -25.66 34.47 -11.33
N ALA B 489 -26.93 34.33 -10.97
CA ALA B 489 -27.82 35.49 -10.91
C ALA B 489 -27.43 36.43 -9.78
N LYS B 490 -26.95 35.89 -8.66
CA LYS B 490 -26.48 36.69 -7.54
C LYS B 490 -25.01 37.03 -7.64
N ASN B 491 -24.37 36.75 -8.78
CA ASN B 491 -22.96 37.06 -9.01
C ASN B 491 -22.05 36.34 -8.01
N PHE B 492 -22.45 35.16 -7.57
CA PHE B 492 -21.65 34.36 -6.65
C PHE B 492 -20.85 33.34 -7.45
N GLU B 493 -19.52 33.39 -7.33
CA GLU B 493 -18.66 32.45 -8.03
C GLU B 493 -18.75 31.07 -7.40
N VAL B 494 -18.79 30.04 -8.24
CA VAL B 494 -18.89 28.65 -7.79
C VAL B 494 -17.75 27.86 -8.41
N LEU B 495 -16.98 27.18 -7.56
CA LEU B 495 -15.85 26.39 -8.03
C LEU B 495 -16.34 25.08 -8.65
N PHE B 496 -15.48 24.51 -9.49
CA PHE B 496 -15.78 23.26 -10.21
C PHE B 496 -14.82 22.18 -9.74
N LEU B 497 -15.37 21.06 -9.27
CA LEU B 497 -14.59 19.91 -8.84
C LEU B 497 -14.91 18.75 -9.77
N THR B 498 -13.89 18.26 -10.49
CA THR B 498 -14.06 17.22 -11.48
C THR B 498 -13.33 15.92 -11.16
N ASP B 499 -12.45 15.92 -10.15
CA ASP B 499 -11.76 14.69 -9.81
C ASP B 499 -12.41 14.02 -8.61
N PRO B 500 -12.37 12.68 -8.56
CA PRO B 500 -13.01 11.97 -7.43
C PRO B 500 -12.41 12.31 -6.07
N ILE B 501 -11.17 12.83 -6.03
CA ILE B 501 -10.50 13.10 -4.77
C ILE B 501 -10.76 14.52 -4.26
N ASP B 502 -11.47 15.35 -5.02
CA ASP B 502 -11.73 16.71 -4.59
C ASP B 502 -12.60 16.75 -3.34
N GLU B 503 -13.70 16.00 -3.33
CA GLU B 503 -14.62 16.04 -2.20
C GLU B 503 -14.00 15.47 -0.94
N TYR B 504 -13.02 14.57 -1.09
CA TYR B 504 -12.31 14.04 0.07
C TYR B 504 -11.45 15.11 0.75
N ALA B 505 -11.04 16.14 0.01
CA ALA B 505 -10.27 17.24 0.60
C ALA B 505 -11.15 18.36 1.11
N PHE B 506 -12.26 18.65 0.43
CA PHE B 506 -13.16 19.69 0.88
C PHE B 506 -13.96 19.25 2.10
N THR B 507 -14.02 17.95 2.39
CA THR B 507 -14.70 17.47 3.58
C THR B 507 -13.85 17.64 4.83
N GLN B 508 -12.52 17.69 4.68
CA GLN B 508 -11.64 17.86 5.83
C GLN B 508 -11.29 19.32 6.07
N LEU B 509 -11.05 20.08 5.00
CA LEU B 509 -10.72 21.50 5.11
C LEU B 509 -11.86 22.28 5.76
N LYS B 510 -13.02 22.30 5.09
CA LYS B 510 -14.27 22.88 5.57
C LYS B 510 -14.21 24.39 5.78
N GLU B 511 -13.06 25.03 5.57
CA GLU B 511 -12.93 26.45 5.85
C GLU B 511 -11.63 26.95 5.24
N PHE B 512 -11.70 28.12 4.59
CA PHE B 512 -10.52 28.75 3.99
C PHE B 512 -10.56 30.23 4.34
N GLU B 513 -9.63 30.67 5.20
CA GLU B 513 -9.52 32.06 5.61
C GLU B 513 -10.82 32.57 6.24
N GLY B 514 -11.50 31.68 6.96
CA GLY B 514 -12.74 32.03 7.64
C GLY B 514 -13.99 31.81 6.83
N LYS B 515 -13.87 31.48 5.55
CA LYS B 515 -15.03 31.26 4.69
C LYS B 515 -15.39 29.78 4.68
N THR B 516 -16.65 29.49 5.00
CA THR B 516 -17.12 28.11 5.08
C THR B 516 -17.35 27.55 3.68
N LEU B 517 -16.82 26.36 3.43
CA LEU B 517 -17.00 25.69 2.15
C LEU B 517 -18.40 25.08 2.08
N VAL B 518 -19.21 25.54 1.14
CA VAL B 518 -20.59 25.09 0.98
C VAL B 518 -20.72 24.42 -0.38
N ASP B 519 -21.29 23.22 -0.38
CA ASP B 519 -21.53 22.47 -1.62
C ASP B 519 -22.96 22.77 -2.08
N ILE B 520 -23.09 23.25 -3.32
CA ILE B 520 -24.41 23.63 -3.81
C ILE B 520 -25.26 22.41 -4.16
N THR B 521 -24.65 21.24 -4.35
CA THR B 521 -25.44 20.03 -4.57
C THR B 521 -26.21 19.63 -3.32
N LYS B 522 -25.63 19.85 -2.15
CA LYS B 522 -26.33 19.60 -0.90
C LYS B 522 -27.30 20.74 -0.59
N ASP B 523 -28.24 20.47 0.31
CA ASP B 523 -29.19 21.49 0.71
C ASP B 523 -28.50 22.65 1.41
N PHE B 524 -28.92 23.86 1.10
CA PHE B 524 -28.35 25.06 1.71
C PHE B 524 -29.31 26.22 1.51
N GLU B 525 -29.09 27.28 2.27
CA GLU B 525 -29.95 28.46 2.24
C GLU B 525 -29.14 29.69 1.88
N LEU B 526 -29.76 30.58 1.11
CA LEU B 526 -29.16 31.85 0.71
C LEU B 526 -29.93 33.00 1.33
N GLU B 527 -29.20 34.06 1.67
CA GLU B 527 -29.83 35.22 2.28
C GLU B 527 -30.64 36.00 1.24
N GLU B 528 -31.70 36.64 1.72
CA GLU B 528 -32.60 37.39 0.85
C GLU B 528 -33.31 38.45 1.67
N THR B 529 -33.97 39.37 0.97
CA THR B 529 -34.71 40.43 1.64
C THR B 529 -35.94 39.89 2.33
N ASP B 530 -36.38 40.61 3.37
CA ASP B 530 -37.57 40.19 4.11
C ASP B 530 -38.84 40.30 3.25
N GLU B 531 -38.86 41.23 2.30
CA GLU B 531 -40.02 41.37 1.42
C GLU B 531 -40.11 40.18 0.47
N GLU B 532 -38.98 39.65 0.02
CA GLU B 532 -38.97 38.52 -0.89
C GLU B 532 -39.33 37.22 -0.17
N LYS B 533 -38.96 37.08 1.11
CA LYS B 533 -39.30 35.87 1.85
C LYS B 533 -40.81 35.80 2.10
N ALA B 534 -41.44 36.93 2.43
CA ALA B 534 -42.88 36.95 2.67
C ALA B 534 -43.65 36.58 1.41
N GLU B 535 -43.09 36.86 0.24
CA GLU B 535 -43.73 36.49 -1.02
C GLU B 535 -43.48 35.03 -1.39
N ARG B 536 -42.37 34.45 -0.92
CA ARG B 536 -42.09 33.05 -1.23
C ARG B 536 -42.83 32.11 -0.28
N GLU B 537 -42.89 32.45 1.01
CA GLU B 537 -43.57 31.60 1.97
C GLU B 537 -45.05 31.48 1.65
N LYS B 538 -45.68 32.56 1.19
CA LYS B 538 -47.07 32.49 0.78
C LYS B 538 -47.26 31.71 -0.51
N GLU B 539 -46.21 31.60 -1.33
CA GLU B 539 -46.26 30.76 -2.52
C GLU B 539 -46.03 29.29 -2.23
N ILE B 540 -45.34 28.98 -1.12
CA ILE B 540 -45.11 27.57 -0.77
C ILE B 540 -46.42 26.92 -0.35
N LYS B 541 -47.22 27.62 0.46
CA LYS B 541 -48.51 27.07 0.88
C LYS B 541 -49.49 26.96 -0.28
N GLU B 542 -49.29 27.73 -1.35
CA GLU B 542 -50.10 27.54 -2.56
C GLU B 542 -49.72 26.25 -3.27
N TYR B 543 -48.42 25.96 -3.36
CA TYR B 543 -47.92 24.71 -3.90
C TYR B 543 -47.88 23.59 -2.87
N GLU B 544 -48.42 23.83 -1.67
CA GLU B 544 -48.42 22.79 -0.64
C GLU B 544 -49.20 21.55 -1.06
N PRO B 545 -50.41 21.64 -1.63
CA PRO B 545 -51.08 20.41 -2.10
C PRO B 545 -50.31 19.71 -3.21
N LEU B 546 -49.54 20.46 -4.01
CA LEU B 546 -48.77 19.84 -5.07
C LEU B 546 -47.53 19.11 -4.52
N THR B 547 -46.87 19.69 -3.52
CA THR B 547 -45.68 19.06 -2.96
C THR B 547 -46.03 17.77 -2.24
N LYS B 548 -47.12 17.77 -1.46
CA LYS B 548 -47.53 16.56 -0.77
C LYS B 548 -48.08 15.51 -1.74
N ALA B 549 -48.58 15.93 -2.90
CA ALA B 549 -49.05 14.97 -3.89
C ALA B 549 -47.89 14.22 -4.53
N LEU B 550 -46.78 14.91 -4.79
CA LEU B 550 -45.61 14.26 -5.36
C LEU B 550 -44.91 13.35 -4.36
N LYS B 551 -45.16 13.53 -3.06
CA LYS B 551 -44.54 12.67 -2.06
C LYS B 551 -45.15 11.28 -2.07
N ASP B 552 -46.48 11.20 -2.18
CA ASP B 552 -47.13 9.90 -2.23
C ASP B 552 -46.83 9.15 -3.52
N ILE B 553 -46.54 9.88 -4.60
CA ILE B 553 -46.22 9.22 -5.87
C ILE B 553 -44.82 8.63 -5.82
N LEU B 554 -43.83 9.43 -5.41
CA LEU B 554 -42.46 8.93 -5.32
C LEU B 554 -42.28 7.98 -4.15
N GLY B 555 -43.05 8.16 -3.09
CA GLY B 555 -42.94 7.26 -1.94
C GLY B 555 -41.66 7.53 -1.16
N ASP B 556 -40.89 6.46 -0.94
CA ASP B 556 -39.65 6.54 -0.19
C ASP B 556 -38.44 6.81 -1.07
N GLN B 557 -38.64 7.17 -2.33
CA GLN B 557 -37.51 7.48 -3.20
C GLN B 557 -36.80 8.75 -2.76
N VAL B 558 -37.52 9.67 -2.11
CA VAL B 558 -36.94 10.90 -1.58
C VAL B 558 -37.48 11.14 -0.18
N GLU B 559 -36.73 11.92 0.59
CA GLU B 559 -37.16 12.24 1.95
C GLU B 559 -38.40 13.13 1.95
N LYS B 560 -38.39 14.19 1.16
CA LYS B 560 -39.53 15.11 1.10
C LYS B 560 -39.47 15.87 -0.21
N VAL B 561 -40.61 16.48 -0.56
CA VAL B 561 -40.74 17.31 -1.75
C VAL B 561 -41.09 18.72 -1.29
N VAL B 562 -40.19 19.66 -1.57
CA VAL B 562 -40.36 21.04 -1.16
C VAL B 562 -40.12 21.96 -2.35
N VAL B 563 -40.70 23.15 -2.27
CA VAL B 563 -40.52 24.17 -3.31
C VAL B 563 -39.14 24.79 -3.16
N SER B 564 -38.44 24.96 -4.27
CA SER B 564 -37.10 25.52 -4.28
C SER B 564 -37.07 26.73 -5.20
N TYR B 565 -36.44 27.81 -4.74
CA TYR B 565 -36.28 29.03 -5.53
C TYR B 565 -34.85 29.18 -6.07
N LYS B 566 -34.01 28.17 -5.88
CA LYS B 566 -32.66 28.15 -6.45
C LYS B 566 -32.61 27.44 -7.79
N LEU B 567 -33.76 27.27 -8.44
CA LEU B 567 -33.85 26.65 -9.76
C LEU B 567 -34.69 27.56 -10.65
N LEU B 568 -34.05 28.18 -11.63
CA LEU B 568 -34.75 29.12 -12.51
C LEU B 568 -35.29 28.45 -13.76
N ASP B 569 -34.42 27.84 -14.56
CA ASP B 569 -34.81 27.23 -15.81
C ASP B 569 -35.19 25.76 -15.64
N ALA B 570 -34.42 25.02 -14.86
CA ALA B 570 -34.69 23.60 -14.68
C ALA B 570 -36.03 23.39 -14.00
N PRO B 571 -36.83 22.42 -14.45
CA PRO B 571 -38.13 22.19 -13.78
C PRO B 571 -37.99 21.64 -12.38
N ALA B 572 -37.09 20.67 -12.17
CA ALA B 572 -36.94 20.06 -10.86
C ALA B 572 -35.54 19.49 -10.75
N ALA B 573 -35.13 19.22 -9.52
CA ALA B 573 -33.83 18.64 -9.24
C ALA B 573 -33.88 17.97 -7.87
N ILE B 574 -32.93 17.06 -7.65
CA ILE B 574 -32.83 16.32 -6.39
C ILE B 574 -31.59 16.79 -5.66
N ARG B 575 -31.76 17.30 -4.44
CA ARG B 575 -30.67 17.70 -3.58
C ARG B 575 -30.36 16.60 -2.58
N THR B 576 -29.29 16.82 -1.82
CA THR B 576 -28.89 15.96 -0.72
C THR B 576 -29.52 16.47 0.57
N GLY B 577 -29.08 15.94 1.72
CA GLY B 577 -29.64 16.34 3.00
C GLY B 577 -28.66 16.97 3.97
N GLN B 578 -27.72 17.75 3.45
CA GLN B 578 -26.78 18.52 4.27
C GLN B 578 -25.89 17.63 5.13
N PHE B 579 -25.96 16.32 4.92
CA PHE B 579 -25.22 15.37 5.74
C PHE B 579 -24.95 14.12 4.92
N GLY B 580 -23.83 13.47 5.22
CA GLY B 580 -23.49 12.22 4.55
C GLY B 580 -22.90 12.42 3.17
N TRP B 581 -22.89 11.33 2.41
CA TRP B 581 -22.36 11.35 1.06
C TRP B 581 -23.27 12.14 0.14
N SER B 582 -22.66 12.94 -0.74
CA SER B 582 -23.40 13.74 -1.70
C SER B 582 -23.77 12.86 -2.91
N ALA B 583 -24.25 13.50 -3.97
CA ALA B 583 -24.60 12.75 -5.18
C ALA B 583 -23.36 12.17 -5.85
N ASN B 584 -22.26 12.90 -5.84
CA ASN B 584 -21.03 12.42 -6.48
C ASN B 584 -20.25 11.48 -5.56
N MET B 585 -20.33 11.65 -4.25
CA MET B 585 -19.55 10.82 -3.34
C MET B 585 -20.03 9.37 -3.35
N GLU B 586 -21.35 9.15 -3.36
CA GLU B 586 -21.86 7.79 -3.40
C GLU B 586 -21.52 7.10 -4.72
N ARG B 587 -21.38 7.86 -5.80
CA ARG B 587 -20.91 7.28 -7.06
C ARG B 587 -19.47 6.80 -6.94
N ILE B 588 -18.66 7.50 -6.16
CA ILE B 588 -17.27 7.10 -5.97
C ILE B 588 -17.16 5.91 -5.02
N MET B 589 -17.98 5.90 -3.97
CA MET B 589 -17.93 4.81 -3.00
C MET B 589 -18.37 3.48 -3.61
N LYS B 590 -19.31 3.52 -4.55
CA LYS B 590 -19.80 2.31 -5.21
C LYS B 590 -18.99 1.95 -6.46
N ALA B 591 -17.87 2.62 -6.69
CA ALA B 591 -17.03 2.35 -7.85
C ALA B 591 -15.61 1.95 -7.49
N GLN B 592 -15.26 1.93 -6.21
CA GLN B 592 -13.92 1.54 -5.80
C GLN B 592 -13.74 0.03 -5.94
N ALA B 593 -12.68 -0.37 -6.63
CA ALA B 593 -12.45 -1.79 -6.85
C ALA B 593 -11.95 -2.49 -5.59
N LEU B 594 -11.20 -1.79 -4.75
CA LEU B 594 -10.63 -2.36 -3.53
C LEU B 594 -11.45 -2.04 -2.29
N ARG B 595 -12.52 -1.26 -2.41
CA ARG B 595 -13.36 -0.92 -1.27
C ARG B 595 -14.80 -1.34 -1.49
N SER B 605 -26.93 8.55 0.31
CA SER B 605 -27.54 8.98 1.57
C SER B 605 -28.95 9.53 1.34
N LYS B 606 -29.38 10.43 2.23
CA LYS B 606 -30.70 11.02 2.12
C LYS B 606 -30.73 12.05 0.99
N LYS B 607 -31.82 12.04 0.23
CA LYS B 607 -31.99 12.94 -0.90
C LYS B 607 -33.32 13.68 -0.78
N THR B 608 -33.35 14.90 -1.28
CA THR B 608 -34.52 15.76 -1.23
C THR B 608 -34.91 16.19 -2.64
N PHE B 609 -36.16 15.95 -3.00
CA PHE B 609 -36.67 16.33 -4.32
C PHE B 609 -37.23 17.74 -4.27
N GLU B 610 -36.74 18.61 -5.16
CA GLU B 610 -37.14 20.00 -5.18
C GLU B 610 -37.65 20.38 -6.57
N ILE B 611 -38.65 21.24 -6.61
CA ILE B 611 -39.27 21.68 -7.86
C ILE B 611 -39.17 23.20 -7.96
N SER B 612 -39.19 23.70 -9.19
CA SER B 612 -39.13 25.14 -9.44
C SER B 612 -40.52 25.65 -9.75
N PRO B 613 -41.03 26.63 -9.01
CA PRO B 613 -42.39 27.13 -9.26
C PRO B 613 -42.49 28.10 -10.44
N LYS B 614 -41.40 28.38 -11.14
CA LYS B 614 -41.40 29.30 -12.27
C LYS B 614 -41.19 28.60 -13.61
N SER B 615 -41.42 27.29 -13.65
CA SER B 615 -41.28 26.53 -14.89
C SER B 615 -42.65 26.09 -15.40
N PRO B 616 -42.86 26.10 -16.72
CA PRO B 616 -44.18 25.72 -17.25
C PRO B 616 -44.56 24.28 -16.95
N ILE B 617 -43.60 23.39 -16.73
CA ILE B 617 -43.92 22.00 -16.43
C ILE B 617 -44.53 21.89 -15.03
N ILE B 618 -43.88 22.50 -14.03
CA ILE B 618 -44.38 22.44 -12.67
C ILE B 618 -45.69 23.23 -12.55
N LYS B 619 -45.79 24.36 -13.26
CA LYS B 619 -47.02 25.13 -13.24
C LYS B 619 -48.18 24.34 -13.85
N GLU B 620 -47.89 23.49 -14.85
CA GLU B 620 -48.95 22.64 -15.40
C GLU B 620 -49.35 21.55 -14.42
N LEU B 621 -48.40 21.04 -13.63
CA LEU B 621 -48.72 20.06 -12.61
C LEU B 621 -49.54 20.65 -11.47
N LYS B 622 -49.49 21.98 -11.30
CA LYS B 622 -50.24 22.61 -10.21
C LYS B 622 -51.74 22.56 -10.48
N LYS B 623 -52.16 22.81 -11.72
CA LYS B 623 -53.58 22.76 -12.06
C LYS B 623 -54.12 21.34 -12.16
N ARG B 624 -53.24 20.35 -12.31
CA ARG B 624 -53.70 18.97 -12.42
C ARG B 624 -54.25 18.47 -11.08
N VAL B 625 -53.58 18.81 -9.97
CA VAL B 625 -54.08 18.41 -8.67
C VAL B 625 -55.28 19.25 -8.23
N ASP B 626 -55.50 20.41 -8.88
CA ASP B 626 -56.68 21.21 -8.56
C ASP B 626 -57.94 20.60 -9.14
N GLU B 627 -57.84 19.96 -10.30
CA GLU B 627 -58.98 19.31 -10.93
C GLU B 627 -59.24 17.91 -10.39
N GLY B 628 -58.45 17.45 -9.43
CA GLY B 628 -58.61 16.11 -8.90
C GLY B 628 -57.70 15.07 -9.52
N GLY B 629 -56.52 15.47 -9.99
CA GLY B 629 -55.61 14.54 -10.62
C GLY B 629 -54.37 14.27 -9.81
N ALA B 630 -54.47 14.40 -8.49
CA ALA B 630 -53.32 14.12 -7.63
C ALA B 630 -52.93 12.65 -7.67
N GLN B 631 -53.91 11.76 -7.81
CA GLN B 631 -53.67 10.32 -7.92
C GLN B 631 -53.99 9.80 -9.33
N ASP B 632 -53.90 10.68 -10.33
CA ASP B 632 -54.22 10.30 -11.69
C ASP B 632 -53.16 9.38 -12.27
N LYS B 633 -53.59 8.46 -13.14
CA LYS B 633 -52.67 7.50 -13.74
C LYS B 633 -51.80 8.15 -14.82
N THR B 634 -52.37 9.02 -15.63
CA THR B 634 -51.62 9.62 -16.73
C THR B 634 -50.52 10.54 -16.22
N VAL B 635 -50.76 11.25 -15.12
CA VAL B 635 -49.74 12.16 -14.59
C VAL B 635 -48.59 11.40 -13.94
N LYS B 636 -48.81 10.15 -13.51
CA LYS B 636 -47.74 9.39 -12.89
C LYS B 636 -46.65 9.02 -13.89
N ASP B 637 -47.01 8.86 -15.16
CA ASP B 637 -46.01 8.55 -16.18
C ASP B 637 -45.05 9.71 -16.42
N LEU B 638 -45.44 10.94 -16.07
CA LEU B 638 -44.62 12.11 -16.29
C LEU B 638 -43.85 12.53 -15.03
N THR B 639 -44.50 12.53 -13.87
CA THR B 639 -43.82 12.94 -12.64
C THR B 639 -42.75 11.93 -12.24
N ASN B 640 -42.95 10.65 -12.56
CA ASN B 640 -41.90 9.66 -12.33
C ASN B 640 -40.78 9.77 -13.35
N LEU B 641 -41.12 10.13 -14.60
CA LEU B 641 -40.09 10.36 -15.61
C LEU B 641 -39.33 11.65 -15.32
N LEU B 642 -40.02 12.69 -14.89
CA LEU B 642 -39.36 13.94 -14.55
C LEU B 642 -38.47 13.79 -13.32
N PHE B 643 -38.83 12.90 -12.40
CA PHE B 643 -38.00 12.66 -11.22
C PHE B 643 -36.71 11.94 -11.59
N GLU B 644 -36.82 10.87 -12.38
CA GLU B 644 -35.63 10.12 -12.77
C GLU B 644 -34.78 10.91 -13.77
N THR B 645 -35.38 11.84 -14.52
CA THR B 645 -34.60 12.68 -15.41
C THR B 645 -33.74 13.67 -14.64
N ALA B 646 -34.32 14.26 -13.58
CA ALA B 646 -33.55 15.19 -12.75
C ALA B 646 -32.49 14.46 -11.93
N LEU B 647 -32.64 13.16 -11.70
CA LEU B 647 -31.59 12.40 -11.03
C LEU B 647 -30.32 12.34 -11.87
N LEU B 648 -30.47 12.30 -13.20
CA LEU B 648 -29.29 12.29 -14.07
C LEU B 648 -28.59 13.65 -14.07
N THR B 649 -29.35 14.74 -13.94
CA THR B 649 -28.74 16.07 -13.93
C THR B 649 -28.01 16.34 -12.63
N SER B 650 -28.49 15.79 -11.51
CA SER B 650 -27.84 16.01 -10.23
C SER B 650 -26.68 15.06 -9.99
N GLY B 651 -26.58 13.97 -10.74
CA GLY B 651 -25.50 13.02 -10.60
C GLY B 651 -25.82 11.78 -9.82
N PHE B 652 -27.09 11.52 -9.52
CA PHE B 652 -27.46 10.33 -8.76
C PHE B 652 -27.51 9.11 -9.68
N SER B 653 -27.35 7.94 -9.07
CA SER B 653 -27.41 6.69 -9.82
C SER B 653 -28.86 6.40 -10.22
N LEU B 654 -29.04 5.97 -11.47
CA LEU B 654 -30.35 5.67 -12.01
C LEU B 654 -30.65 4.20 -11.79
N GLU B 655 -31.60 3.91 -10.90
CA GLU B 655 -31.99 2.53 -10.64
C GLU B 655 -32.97 2.05 -11.70
N GLU B 656 -32.77 0.83 -12.17
CA GLU B 656 -33.55 0.21 -13.24
C GLU B 656 -33.60 1.13 -14.46
N PRO B 657 -32.50 1.23 -15.22
CA PRO B 657 -32.50 2.09 -16.41
C PRO B 657 -33.43 1.59 -17.51
N THR B 658 -33.81 0.32 -17.49
CA THR B 658 -34.70 -0.20 -18.53
C THR B 658 -36.09 0.42 -18.44
N SER B 659 -36.62 0.54 -17.21
CA SER B 659 -37.92 1.19 -17.04
C SER B 659 -37.87 2.66 -17.41
N PHE B 660 -36.72 3.32 -17.21
CA PHE B 660 -36.59 4.71 -17.63
C PHE B 660 -36.58 4.83 -19.15
N ALA B 661 -35.95 3.87 -19.84
CA ALA B 661 -35.92 3.90 -21.30
C ALA B 661 -37.25 3.49 -21.90
N SER B 662 -38.00 2.61 -21.23
CA SER B 662 -39.30 2.19 -21.74
C SER B 662 -40.28 3.35 -21.78
N ARG B 663 -40.29 4.17 -20.73
CA ARG B 663 -41.16 5.35 -20.72
C ARG B 663 -40.71 6.39 -21.73
N ILE B 664 -39.41 6.44 -22.03
CA ILE B 664 -38.93 7.33 -23.09
C ILE B 664 -39.36 6.80 -24.45
N ASN B 665 -39.29 5.47 -24.64
CA ASN B 665 -39.69 4.89 -25.91
C ASN B 665 -41.18 5.08 -26.17
N ARG B 666 -41.99 5.16 -25.11
CA ARG B 666 -43.42 5.40 -25.29
C ARG B 666 -43.69 6.82 -25.78
N LEU B 667 -42.91 7.79 -25.29
CA LEU B 667 -43.08 9.17 -25.76
C LEU B 667 -42.53 9.33 -27.18
N ILE B 668 -41.47 8.60 -27.52
CA ILE B 668 -40.97 8.62 -28.90
C ILE B 668 -42.01 8.01 -29.85
N SER B 669 -42.72 6.98 -29.40
CA SER B 669 -43.79 6.41 -30.21
C SER B 669 -44.92 7.41 -30.42
N LEU B 670 -45.22 8.22 -29.40
CA LEU B 670 -46.22 9.27 -29.55
C LEU B 670 -45.76 10.34 -30.53
N GLY B 671 -44.47 10.66 -30.54
CA GLY B 671 -43.93 11.59 -31.52
C GLY B 671 -43.92 11.05 -32.93
N LEU B 672 -43.93 9.73 -33.09
CA LEU B 672 -43.97 9.08 -34.40
C LEU B 672 -45.38 8.65 -34.79
N ASN B 673 -46.38 9.01 -33.99
CA ASN B 673 -47.79 8.71 -34.28
C ASN B 673 -48.02 7.19 -34.41
N ILE B 674 -47.50 6.45 -33.45
CA ILE B 674 -47.70 5.00 -33.40
C ILE B 674 -48.04 4.60 -31.96
N ASP B 675 -48.86 3.57 -31.83
CA ASP B 675 -49.28 3.09 -30.52
C ASP B 675 -48.66 1.74 -30.21
N PRO C 206 3.16 -14.64 46.54
CA PRO C 206 2.00 -13.75 46.73
C PRO C 206 0.71 -14.35 46.20
N GLN C 207 -0.40 -13.66 46.43
CA GLN C 207 -1.70 -14.15 45.98
C GLN C 207 -1.85 -13.96 44.47
N ASN C 208 -2.68 -14.81 43.86
CA ASN C 208 -2.95 -14.75 42.44
C ASN C 208 -4.17 -13.85 42.19
N GLY C 209 -4.04 -12.97 41.21
CA GLY C 209 -5.12 -12.06 40.89
C GLY C 209 -4.94 -11.46 39.51
N SER C 210 -5.63 -10.33 39.31
CA SER C 210 -5.61 -9.61 38.05
C SER C 210 -4.87 -8.28 38.22
N GLY C 211 -4.87 -7.46 37.17
CA GLY C 211 -4.21 -6.18 37.18
C GLY C 211 -5.20 -5.02 37.29
N ASN C 212 -4.63 -3.82 37.41
CA ASN C 212 -5.44 -2.61 37.49
C ASN C 212 -6.03 -2.27 36.12
N SER C 213 -6.87 -1.24 36.11
CA SER C 213 -7.52 -0.77 34.90
C SER C 213 -6.90 0.55 34.45
N THR C 214 -7.40 1.07 33.34
CA THR C 214 -6.92 2.33 32.78
C THR C 214 -8.08 3.00 32.05
N SER C 215 -7.76 4.07 31.32
CA SER C 215 -8.78 4.82 30.59
C SER C 215 -8.16 5.42 29.34
N ILE C 216 -8.98 5.55 28.30
CA ILE C 216 -8.58 6.15 27.04
C ILE C 216 -9.59 7.23 26.67
N TYR C 217 -9.26 7.99 25.63
CA TYR C 217 -10.12 9.07 25.14
C TYR C 217 -10.06 9.09 23.63
N LEU C 218 -11.23 8.99 23.00
CA LEU C 218 -11.36 9.07 21.56
C LEU C 218 -12.33 10.18 21.19
N GLU C 219 -12.17 10.74 19.99
CA GLU C 219 -13.00 11.85 19.54
C GLU C 219 -13.20 11.75 18.02
N PRO C 220 -13.99 10.78 17.57
CA PRO C 220 -14.29 10.68 16.15
C PRO C 220 -15.32 11.71 15.73
N THR C 221 -15.18 12.19 14.50
CA THR C 221 -16.08 13.19 13.93
C THR C 221 -16.93 12.54 12.85
N PHE C 222 -18.24 12.72 12.95
CA PHE C 222 -19.20 12.14 12.01
C PHE C 222 -19.98 13.24 11.32
N ASN C 223 -20.22 13.07 10.02
CA ASN C 223 -21.01 14.01 9.24
C ASN C 223 -22.48 13.64 9.33
N VAL C 224 -23.04 13.85 10.52
CA VAL C 224 -24.43 13.50 10.82
C VAL C 224 -24.85 14.28 12.05
N PRO C 225 -26.07 14.79 12.11
CA PRO C 225 -26.51 15.52 13.31
C PRO C 225 -26.69 14.58 14.49
N SER C 226 -26.75 15.19 15.69
CA SER C 226 -26.90 14.40 16.92
C SER C 226 -28.27 13.76 17.03
N SER C 227 -29.25 14.19 16.22
CA SER C 227 -30.56 13.56 16.26
C SER C 227 -30.55 12.20 15.60
N GLU C 228 -29.73 12.01 14.57
CA GLU C 228 -29.62 10.74 13.87
C GLU C 228 -28.53 9.85 14.45
N LEU C 229 -27.42 10.45 14.89
CA LEU C 229 -26.33 9.66 15.46
C LEU C 229 -26.73 9.06 16.81
N TYR C 230 -27.58 9.74 17.57
CA TYR C 230 -28.04 9.19 18.84
C TYR C 230 -28.94 7.98 18.64
N GLU C 231 -29.74 7.97 17.57
CA GLU C 231 -30.57 6.83 17.26
C GLU C 231 -29.79 5.67 16.65
N THR C 232 -28.57 5.93 16.18
CA THR C 232 -27.76 4.87 15.59
C THR C 232 -27.35 3.85 16.64
N PHE C 233 -27.02 4.30 17.85
CA PHE C 233 -26.59 3.42 18.92
C PHE C 233 -27.75 2.84 19.71
N LEU C 234 -28.99 3.09 19.30
CA LEU C 234 -30.16 2.59 20.03
C LEU C 234 -31.11 1.79 19.16
N ASP C 235 -31.28 2.16 17.89
CA ASP C 235 -32.19 1.45 17.00
C ASP C 235 -31.63 0.05 16.72
N LYS C 236 -32.33 -0.98 17.19
CA LYS C 236 -31.83 -2.35 17.03
C LYS C 236 -31.74 -2.74 15.57
N GLN C 237 -32.68 -2.29 14.74
CA GLN C 237 -32.60 -2.58 13.31
C GLN C 237 -31.42 -1.88 12.65
N ARG C 238 -31.05 -0.70 13.16
CA ARG C 238 -29.88 0.01 12.64
C ARG C 238 -28.59 -0.42 13.32
N ILE C 239 -28.65 -0.90 14.56
CA ILE C 239 -27.45 -1.43 15.21
C ILE C 239 -26.96 -2.67 14.48
N LEU C 240 -27.87 -3.53 14.06
CA LEU C 240 -27.50 -4.73 13.33
C LEU C 240 -26.85 -4.42 11.98
N ALA C 241 -27.06 -3.21 11.46
CA ALA C 241 -26.49 -2.84 10.17
C ALA C 241 -24.97 -2.68 10.27
N TRP C 242 -24.50 -1.80 11.14
CA TRP C 242 -23.07 -1.54 11.27
C TRP C 242 -22.36 -2.53 12.17
N THR C 243 -23.06 -3.54 12.69
CA THR C 243 -22.43 -4.58 13.49
C THR C 243 -22.45 -5.95 12.85
N ARG C 244 -23.47 -6.24 12.03
CA ARG C 244 -23.61 -7.51 11.32
C ARG C 244 -23.77 -8.70 12.27
N SER C 245 -23.87 -8.42 13.57
CA SER C 245 -24.04 -9.47 14.57
C SER C 245 -24.54 -8.82 15.85
N ALA C 246 -25.75 -9.18 16.28
CA ALA C 246 -26.34 -8.61 17.48
C ALA C 246 -27.26 -9.61 18.13
N GLN C 247 -27.37 -9.52 19.45
CA GLN C 247 -28.23 -10.41 20.24
C GLN C 247 -28.95 -9.56 21.29
N PHE C 248 -30.18 -9.16 20.97
CA PHE C 248 -31.01 -8.39 21.88
C PHE C 248 -31.95 -9.31 22.63
N PHE C 249 -32.07 -9.10 23.94
CA PHE C 249 -32.90 -9.93 24.81
C PHE C 249 -34.25 -9.32 25.12
N ASN C 250 -34.53 -8.12 24.63
CA ASN C 250 -35.80 -7.44 24.88
C ASN C 250 -36.54 -7.22 23.56
N SER C 251 -37.86 -7.35 23.60
CA SER C 251 -38.68 -7.19 22.41
C SER C 251 -38.85 -5.74 21.99
N GLY C 252 -38.47 -4.79 22.83
CA GLY C 252 -38.58 -3.38 22.51
C GLY C 252 -37.80 -3.01 21.27
N PRO C 253 -38.33 -2.05 20.50
CA PRO C 253 -37.61 -1.64 19.27
C PRO C 253 -36.37 -0.83 19.55
N LYS C 254 -36.36 -0.02 20.61
CA LYS C 254 -35.23 0.82 20.95
C LYS C 254 -34.66 0.39 22.30
N LEU C 255 -33.36 0.62 22.47
CA LEU C 255 -32.70 0.25 23.71
C LEU C 255 -33.21 1.10 24.87
N GLU C 256 -33.29 0.48 26.04
CA GLU C 256 -33.74 1.14 27.26
C GLU C 256 -32.63 1.14 28.30
N THR C 257 -32.90 1.79 29.42
CA THR C 257 -31.94 1.85 30.52
C THR C 257 -31.82 0.49 31.18
N LYS C 258 -30.58 0.12 31.53
CA LYS C 258 -30.28 -1.16 32.17
C LYS C 258 -30.75 -2.32 31.31
N GLU C 259 -30.44 -2.26 30.01
CA GLU C 259 -30.81 -3.28 29.04
C GLU C 259 -29.53 -3.88 28.46
N LYS C 260 -29.37 -5.19 28.64
CA LYS C 260 -28.17 -5.88 28.16
C LYS C 260 -28.39 -6.44 26.77
N PHE C 261 -27.31 -6.47 25.98
CA PHE C 261 -27.35 -6.99 24.64
C PHE C 261 -25.94 -7.40 24.23
N GLU C 262 -25.84 -8.49 23.48
CA GLU C 262 -24.55 -9.01 23.02
C GLU C 262 -24.31 -8.61 21.58
N LEU C 263 -23.05 -8.33 21.26
CA LEU C 263 -22.64 -7.91 19.94
C LEU C 263 -21.45 -8.72 19.46
N PHE C 264 -21.33 -8.84 18.14
CA PHE C 264 -20.22 -9.54 17.49
C PHE C 264 -20.13 -11.00 17.96
N GLY C 265 -21.20 -11.73 17.70
CA GLY C 265 -21.25 -13.14 18.05
C GLY C 265 -21.25 -13.42 19.54
N GLY C 266 -21.69 -12.47 20.36
CA GLY C 266 -21.73 -12.65 21.79
C GLY C 266 -20.43 -12.37 22.51
N ASN C 267 -19.39 -11.93 21.81
CA ASN C 267 -18.13 -11.63 22.46
C ASN C 267 -18.15 -10.27 23.14
N VAL C 268 -18.96 -9.35 22.65
CA VAL C 268 -19.06 -8.00 23.19
C VAL C 268 -20.38 -7.88 23.94
N ILE C 269 -20.31 -7.64 25.25
CA ILE C 269 -21.49 -7.49 26.09
C ILE C 269 -21.57 -6.02 26.51
N SER C 270 -22.68 -5.37 26.18
CA SER C 270 -22.90 -3.97 26.51
C SER C 270 -24.25 -3.80 27.18
N GLU C 271 -24.38 -2.72 27.93
CA GLU C 271 -25.61 -2.42 28.65
C GLU C 271 -25.77 -0.92 28.77
N LEU C 272 -26.90 -0.40 28.29
CA LEU C 272 -27.18 1.03 28.38
C LEU C 272 -27.59 1.37 29.81
N VAL C 273 -26.81 2.22 30.47
CA VAL C 273 -27.06 2.58 31.86
C VAL C 273 -27.73 3.94 31.97
N SER C 274 -27.24 4.94 31.23
CA SER C 274 -27.79 6.28 31.28
C SER C 274 -27.66 6.92 29.92
N CYS C 275 -28.65 7.74 29.56
CA CYS C 275 -28.65 8.39 28.26
C CYS C 275 -29.56 9.61 28.31
N GLU C 276 -29.09 10.72 27.74
CA GLU C 276 -29.89 11.93 27.58
C GLU C 276 -30.31 12.08 26.12
N LYS C 277 -31.26 12.98 25.89
CA LYS C 277 -31.81 13.17 24.56
C LYS C 277 -30.76 13.78 23.64
N ASP C 278 -30.14 12.95 22.80
CA ASP C 278 -29.18 13.37 21.78
C ASP C 278 -27.95 14.04 22.37
N LYS C 279 -27.68 13.87 23.67
CA LYS C 279 -26.54 14.55 24.28
C LYS C 279 -25.61 13.60 25.02
N LYS C 280 -26.16 12.55 25.64
CA LYS C 280 -25.39 11.66 26.50
C LYS C 280 -25.70 10.21 26.19
N LEU C 281 -24.67 9.37 26.25
CA LEU C 281 -24.81 7.93 26.07
C LEU C 281 -23.80 7.23 26.97
N VAL C 282 -24.28 6.45 27.93
CA VAL C 282 -23.43 5.73 28.88
C VAL C 282 -23.71 4.24 28.72
N PHE C 283 -22.65 3.47 28.47
CA PHE C 283 -22.76 2.03 28.30
C PHE C 283 -21.77 1.33 29.22
N HIS C 284 -22.14 0.13 29.66
CA HIS C 284 -21.26 -0.72 30.46
C HIS C 284 -20.63 -1.77 29.52
N TRP C 285 -19.56 -1.36 28.86
CA TRP C 285 -18.89 -2.22 27.91
C TRP C 285 -18.02 -3.24 28.62
N LYS C 286 -18.07 -4.49 28.16
CA LYS C 286 -17.25 -5.55 28.71
C LYS C 286 -17.05 -6.63 27.66
N LEU C 287 -15.84 -7.15 27.58
CA LEU C 287 -15.50 -8.19 26.62
C LEU C 287 -15.60 -9.56 27.28
N LYS C 288 -16.00 -10.56 26.47
CA LYS C 288 -16.13 -11.91 27.00
C LYS C 288 -14.78 -12.49 27.39
N ASP C 289 -13.70 -12.07 26.73
CA ASP C 289 -12.37 -12.55 27.08
C ASP C 289 -11.92 -12.03 28.44
N TRP C 290 -12.48 -10.93 28.91
CA TRP C 290 -12.10 -10.38 30.21
C TRP C 290 -12.60 -11.29 31.33
N SER C 291 -11.99 -11.15 32.50
CA SER C 291 -12.35 -11.94 33.66
C SER C 291 -13.64 -11.39 34.29
N ALA C 292 -14.01 -11.93 35.45
CA ALA C 292 -15.25 -11.50 36.09
C ALA C 292 -15.19 -10.07 36.63
N PRO C 293 -14.18 -9.68 37.42
CA PRO C 293 -14.22 -8.33 38.00
C PRO C 293 -14.00 -7.21 37.00
N PHE C 294 -13.41 -7.49 35.84
CA PHE C 294 -13.15 -6.44 34.87
C PHE C 294 -14.45 -5.99 34.21
N ASN C 295 -14.69 -4.69 34.22
CA ASN C 295 -15.86 -4.09 33.58
C ASN C 295 -15.55 -2.63 33.29
N SER C 296 -15.90 -2.19 32.09
CA SER C 296 -15.62 -0.84 31.64
C SER C 296 -16.91 -0.05 31.44
N THR C 297 -16.75 1.26 31.30
CA THR C 297 -17.89 2.16 31.12
C THR C 297 -17.54 3.18 30.03
N ILE C 298 -18.37 3.24 29.00
CA ILE C 298 -18.18 4.17 27.89
C ILE C 298 -19.09 5.38 28.12
N GLU C 299 -18.50 6.57 28.05
CA GLU C 299 -19.23 7.83 28.23
C GLU C 299 -19.13 8.60 26.93
N MET C 300 -20.25 8.68 26.20
CA MET C 300 -20.30 9.36 24.91
C MET C 300 -20.94 10.73 25.08
N THR C 301 -20.25 11.78 24.60
CA THR C 301 -20.75 13.14 24.67
C THR C 301 -20.78 13.71 23.25
N PHE C 302 -21.92 14.30 22.88
CA PHE C 302 -22.10 14.86 21.55
C PHE C 302 -21.65 16.32 21.52
N HIS C 303 -20.92 16.67 20.45
CA HIS C 303 -20.40 18.01 20.25
C HIS C 303 -20.74 18.50 18.85
N GLU C 304 -22.02 18.36 18.48
CA GLU C 304 -22.48 18.76 17.16
C GLU C 304 -22.17 20.23 16.89
N SER C 305 -21.59 20.50 15.71
CA SER C 305 -21.24 21.85 15.29
C SER C 305 -22.03 22.18 14.03
N GLN C 306 -22.98 23.11 14.15
CA GLN C 306 -23.80 23.49 13.01
C GLN C 306 -23.05 24.32 11.98
N GLU C 307 -21.87 24.84 12.33
CA GLU C 307 -21.10 25.65 11.38
C GLU C 307 -20.56 24.78 10.24
N PHE C 308 -20.15 23.56 10.55
CA PHE C 308 -19.61 22.65 9.55
C PHE C 308 -20.52 21.47 9.26
N HIS C 309 -21.69 21.41 9.90
CA HIS C 309 -22.67 20.34 9.70
C HIS C 309 -22.06 18.97 9.99
N GLU C 310 -21.59 18.81 11.22
CA GLU C 310 -20.97 17.57 11.65
C GLU C 310 -21.18 17.41 13.15
N THR C 311 -20.73 16.28 13.68
CA THR C 311 -20.85 16.00 15.11
C THR C 311 -19.61 15.22 15.55
N LYS C 312 -18.90 15.74 16.54
CA LYS C 312 -17.71 15.10 17.09
C LYS C 312 -18.10 14.42 18.38
N LEU C 313 -18.16 13.08 18.35
CA LEU C 313 -18.64 12.30 19.50
C LEU C 313 -17.48 12.08 20.47
N GLN C 314 -17.44 12.88 21.53
CA GLN C 314 -16.41 12.73 22.55
C GLN C 314 -16.68 11.47 23.36
N VAL C 315 -15.75 10.53 23.33
CA VAL C 315 -15.89 9.24 24.01
C VAL C 315 -14.84 9.16 25.10
N LYS C 316 -15.29 9.13 26.35
CA LYS C 316 -14.43 8.98 27.52
C LYS C 316 -14.60 7.55 28.04
N TRP C 317 -13.73 6.66 27.60
CA TRP C 317 -13.82 5.24 27.91
C TRP C 317 -12.94 4.93 29.11
N THR C 318 -13.56 4.49 30.20
CA THR C 318 -12.86 4.16 31.44
C THR C 318 -13.21 2.73 31.86
N GLY C 319 -12.32 2.14 32.66
CA GLY C 319 -12.53 0.82 33.19
C GLY C 319 -11.92 -0.31 32.39
N ILE C 320 -11.24 -0.03 31.29
CA ILE C 320 -10.63 -1.06 30.47
C ILE C 320 -9.32 -1.50 31.11
N PRO C 321 -8.92 -2.77 30.97
CA PRO C 321 -7.66 -3.22 31.55
C PRO C 321 -6.46 -2.53 30.89
N VAL C 322 -5.33 -2.58 31.60
CA VAL C 322 -4.12 -1.95 31.08
C VAL C 322 -3.59 -2.70 29.86
N GLY C 323 -3.78 -4.01 29.81
CA GLY C 323 -3.35 -4.80 28.68
C GLY C 323 -4.28 -4.82 27.50
N GLU C 324 -5.43 -4.12 27.59
CA GLU C 324 -6.39 -4.08 26.51
C GLU C 324 -6.75 -2.66 26.09
N GLU C 325 -5.99 -1.66 26.54
CA GLU C 325 -6.33 -0.28 26.21
C GLU C 325 -6.11 0.01 24.73
N ASP C 326 -5.15 -0.67 24.09
CA ASP C 326 -4.92 -0.51 22.66
C ASP C 326 -5.72 -1.50 21.83
N ARG C 327 -6.13 -2.63 22.41
CA ARG C 327 -6.93 -3.61 21.67
C ARG C 327 -8.33 -3.07 21.40
N VAL C 328 -9.00 -2.58 22.45
CA VAL C 328 -10.35 -2.04 22.28
C VAL C 328 -10.33 -0.71 21.53
N ARG C 329 -9.19 -0.04 21.48
CA ARG C 329 -9.10 1.22 20.75
C ARG C 329 -8.85 0.98 19.27
N ALA C 330 -8.01 0.00 18.93
CA ALA C 330 -7.77 -0.31 17.53
C ALA C 330 -9.01 -0.86 16.85
N ASN C 331 -9.87 -1.55 17.60
CA ASN C 331 -11.11 -2.10 17.04
C ASN C 331 -12.27 -1.10 17.10
N PHE C 332 -12.16 -0.05 17.90
CA PHE C 332 -13.23 0.94 17.96
C PHE C 332 -13.29 1.77 16.67
N GLU C 333 -12.12 2.13 16.12
CA GLU C 333 -12.06 2.83 14.86
C GLU C 333 -12.40 1.96 13.66
N GLU C 334 -12.72 0.68 13.88
CA GLU C 334 -13.06 -0.24 12.80
C GLU C 334 -14.45 -0.84 12.95
N TYR C 335 -14.87 -1.18 14.17
CA TYR C 335 -16.18 -1.77 14.41
C TYR C 335 -17.21 -0.76 14.88
N TYR C 336 -16.80 0.43 15.31
CA TYR C 336 -17.72 1.46 15.78
C TYR C 336 -17.65 2.74 14.97
N VAL C 337 -16.46 3.15 14.55
CA VAL C 337 -16.30 4.41 13.83
C VAL C 337 -16.42 4.17 12.33
N ARG C 338 -15.54 3.32 11.78
CA ARG C 338 -15.54 3.10 10.34
C ARG C 338 -16.75 2.29 9.89
N SER C 339 -17.27 1.40 10.74
CA SER C 339 -18.42 0.60 10.37
C SER C 339 -19.66 1.45 10.19
N ILE C 340 -19.81 2.50 11.00
CA ILE C 340 -20.96 3.39 10.85
C ILE C 340 -20.76 4.33 9.67
N LYS C 341 -19.54 4.81 9.47
CA LYS C 341 -19.26 5.72 8.36
C LYS C 341 -19.36 5.03 7.00
N LEU C 342 -19.34 3.70 6.97
CA LEU C 342 -19.46 2.95 5.72
C LEU C 342 -20.85 2.38 5.48
N THR C 343 -21.53 1.95 6.54
CA THR C 343 -22.88 1.39 6.37
C THR C 343 -23.90 2.49 6.13
N PHE C 344 -23.88 3.54 6.94
CA PHE C 344 -24.82 4.65 6.81
C PHE C 344 -24.23 5.83 6.03
N GLY C 345 -22.92 5.83 5.78
CA GLY C 345 -22.31 6.90 5.02
C GLY C 345 -22.19 8.21 5.77
N PHE C 346 -21.81 8.16 7.05
CA PHE C 346 -21.68 9.38 7.86
C PHE C 346 -20.27 9.95 7.74
N GLY C 347 -19.91 10.29 6.50
CA GLY C 347 -18.61 10.88 6.23
C GLY C 347 -17.76 10.06 5.29
N ALA C 348 -16.84 10.71 4.57
CA ALA C 348 -15.96 10.00 3.66
C ALA C 348 -14.93 9.18 4.42
N VAL C 349 -14.65 7.99 3.91
CA VAL C 349 -13.69 7.06 4.52
C VAL C 349 -12.53 6.89 3.56
N LEU C 350 -11.33 7.17 4.02
CA LEU C 350 -10.13 7.02 3.21
C LEU C 350 -8.89 6.85 4.08
N PRO D 206 45.77 -0.91 -18.69
CA PRO D 206 44.45 -0.82 -19.34
C PRO D 206 43.98 0.63 -19.49
N GLN D 207 43.47 0.96 -20.67
CA GLN D 207 42.99 2.31 -20.95
C GLN D 207 41.55 2.48 -20.49
N ASN D 208 41.17 3.74 -20.29
CA ASN D 208 39.80 4.04 -19.86
C ASN D 208 38.84 3.88 -21.03
N GLY D 209 37.79 3.08 -20.81
CA GLY D 209 36.79 2.82 -21.84
C GLY D 209 35.42 2.62 -21.24
N SER D 210 34.71 1.61 -21.72
CA SER D 210 33.36 1.31 -21.26
C SER D 210 33.22 -0.20 -21.15
N GLY D 211 31.98 -0.67 -20.98
CA GLY D 211 31.69 -2.07 -20.82
C GLY D 211 31.01 -2.69 -22.03
N ASN D 212 30.56 -3.92 -21.85
CA ASN D 212 29.89 -4.67 -22.90
C ASN D 212 28.40 -4.36 -22.89
N SER D 213 27.62 -5.12 -23.66
CA SER D 213 26.18 -4.94 -23.75
C SER D 213 25.47 -6.24 -23.38
N THR D 214 24.16 -6.12 -23.16
CA THR D 214 23.32 -7.25 -22.80
C THR D 214 22.02 -7.17 -23.58
N SER D 215 21.09 -8.08 -23.27
CA SER D 215 19.80 -8.13 -23.94
C SER D 215 18.74 -8.61 -22.97
N ILE D 216 17.50 -8.24 -23.24
CA ILE D 216 16.35 -8.62 -22.44
C ILE D 216 15.24 -9.12 -23.36
N TYR D 217 14.13 -9.53 -22.76
CA TYR D 217 12.99 -10.03 -23.51
C TYR D 217 11.72 -9.74 -22.73
N LEU D 218 10.79 -9.02 -23.35
CA LEU D 218 9.51 -8.71 -22.74
C LEU D 218 8.38 -9.09 -23.69
N GLU D 219 7.24 -9.47 -23.11
CA GLU D 219 6.05 -9.84 -23.88
C GLU D 219 4.80 -9.41 -23.14
N PRO D 220 4.53 -8.10 -23.09
CA PRO D 220 3.31 -7.63 -22.43
C PRO D 220 2.09 -7.88 -23.32
N THR D 221 0.98 -8.23 -22.68
CA THR D 221 -0.27 -8.53 -23.37
C THR D 221 -1.14 -7.28 -23.40
N PHE D 222 -1.59 -6.90 -24.60
CA PHE D 222 -2.44 -5.74 -24.79
C PHE D 222 -3.79 -6.17 -25.34
N ASN D 223 -4.83 -5.44 -24.95
CA ASN D 223 -6.19 -5.69 -25.42
C ASN D 223 -6.49 -4.75 -26.59
N VAL D 224 -5.84 -5.03 -27.72
CA VAL D 224 -5.95 -4.21 -28.91
C VAL D 224 -5.53 -5.06 -30.11
N PRO D 225 -6.20 -4.94 -31.26
CA PRO D 225 -5.75 -5.69 -32.45
C PRO D 225 -4.33 -5.32 -32.83
N SER D 226 -3.65 -6.29 -33.45
CA SER D 226 -2.26 -6.06 -33.89
C SER D 226 -2.16 -4.97 -34.94
N SER D 227 -3.24 -4.69 -35.67
CA SER D 227 -3.22 -3.63 -36.66
C SER D 227 -3.32 -2.26 -36.02
N GLU D 228 -4.15 -2.12 -34.98
CA GLU D 228 -4.29 -0.83 -34.30
C GLU D 228 -3.09 -0.54 -33.41
N LEU D 229 -2.56 -1.57 -32.74
CA LEU D 229 -1.37 -1.37 -31.92
C LEU D 229 -0.15 -1.03 -32.76
N TYR D 230 -0.11 -1.51 -34.01
CA TYR D 230 0.99 -1.17 -34.90
C TYR D 230 0.98 0.31 -35.26
N GLU D 231 -0.22 0.89 -35.43
CA GLU D 231 -0.32 2.31 -35.76
C GLU D 231 -0.05 3.20 -34.55
N THR D 232 -0.09 2.65 -33.34
CA THR D 232 0.16 3.45 -32.14
C THR D 232 1.62 3.89 -32.07
N PHE D 233 2.54 3.01 -32.44
CA PHE D 233 3.96 3.31 -32.39
C PHE D 233 4.46 4.10 -33.60
N LEU D 234 3.58 4.43 -34.55
CA LEU D 234 3.97 5.15 -35.75
C LEU D 234 3.24 6.48 -35.93
N ASP D 235 1.96 6.55 -35.58
CA ASP D 235 1.20 7.79 -35.73
C ASP D 235 1.74 8.83 -34.77
N LYS D 236 2.25 9.93 -35.31
CA LYS D 236 2.88 10.95 -34.49
C LYS D 236 1.88 11.61 -33.55
N GLN D 237 0.63 11.80 -34.01
CA GLN D 237 -0.39 12.37 -33.14
C GLN D 237 -0.79 11.40 -32.04
N ARG D 238 -0.69 10.09 -32.30
CA ARG D 238 -1.00 9.10 -31.29
C ARG D 238 0.19 8.80 -30.37
N ILE D 239 1.41 9.06 -30.83
CA ILE D 239 2.58 8.87 -29.97
C ILE D 239 2.59 9.91 -28.85
N LEU D 240 2.29 11.16 -29.18
CA LEU D 240 2.25 12.22 -28.18
C LEU D 240 1.20 11.99 -27.10
N ALA D 241 0.26 11.08 -27.32
CA ALA D 241 -0.77 10.81 -26.31
C ALA D 241 -0.19 10.04 -25.14
N TRP D 242 0.54 8.95 -25.41
CA TRP D 242 1.09 8.11 -24.36
C TRP D 242 2.52 8.48 -23.98
N THR D 243 3.16 9.39 -24.72
CA THR D 243 4.51 9.82 -24.39
C THR D 243 4.56 11.19 -23.72
N ARG D 244 3.61 12.07 -24.05
CA ARG D 244 3.48 13.43 -23.53
C ARG D 244 4.63 14.34 -23.93
N SER D 245 5.61 13.84 -24.69
CA SER D 245 6.73 14.66 -25.15
C SER D 245 7.38 13.96 -26.33
N ALA D 246 7.33 14.58 -27.50
CA ALA D 246 7.90 14.00 -28.71
C ALA D 246 8.33 15.12 -29.65
N GLN D 247 9.46 14.90 -30.33
CA GLN D 247 10.00 15.85 -31.28
C GLN D 247 10.35 15.10 -32.56
N PHE D 248 9.55 15.30 -33.61
CA PHE D 248 9.76 14.65 -34.89
C PHE D 248 10.43 15.62 -35.86
N PHE D 249 11.28 15.07 -36.73
CA PHE D 249 12.07 15.88 -37.65
C PHE D 249 11.60 15.80 -39.10
N ASN D 250 10.76 14.83 -39.45
CA ASN D 250 10.26 14.68 -40.80
C ASN D 250 8.89 15.33 -40.96
N SER D 251 8.58 15.68 -42.22
CA SER D 251 7.31 16.34 -42.52
C SER D 251 6.13 15.39 -42.55
N GLY D 252 6.37 14.10 -42.80
CA GLY D 252 5.32 13.12 -42.85
C GLY D 252 4.53 13.01 -41.56
N PRO D 253 3.23 12.75 -41.66
CA PRO D 253 2.41 12.62 -40.45
C PRO D 253 2.64 11.34 -39.69
N LYS D 254 3.24 10.32 -40.32
CA LYS D 254 3.49 9.04 -39.68
C LYS D 254 4.99 8.73 -39.77
N LEU D 255 5.46 7.92 -38.82
CA LEU D 255 6.87 7.57 -38.78
C LEU D 255 7.27 6.79 -40.03
N GLU D 256 8.49 7.05 -40.49
CA GLU D 256 9.04 6.40 -41.68
C GLU D 256 10.37 5.73 -41.33
N THR D 257 10.86 4.94 -42.28
CA THR D 257 12.13 4.25 -42.07
C THR D 257 13.28 5.24 -42.07
N LYS D 258 14.29 4.96 -41.23
CA LYS D 258 15.48 5.80 -41.12
C LYS D 258 15.11 7.23 -40.73
N GLU D 259 14.22 7.36 -39.74
CA GLU D 259 13.76 8.65 -39.26
C GLU D 259 14.03 8.74 -37.76
N LYS D 260 14.81 9.76 -37.37
CA LYS D 260 15.15 9.97 -35.98
C LYS D 260 14.14 10.89 -35.31
N PHE D 261 13.87 10.61 -34.03
CA PHE D 261 12.94 11.42 -33.25
C PHE D 261 13.30 11.30 -31.78
N GLU D 262 13.20 12.40 -31.05
CA GLU D 262 13.52 12.44 -29.63
C GLU D 262 12.25 12.35 -28.80
N LEU D 263 12.35 11.65 -27.67
CA LEU D 263 11.21 11.44 -26.78
C LEU D 263 11.59 11.83 -25.36
N PHE D 264 10.57 12.27 -24.61
CA PHE D 264 10.70 12.62 -23.19
C PHE D 264 11.76 13.70 -22.98
N GLY D 265 11.51 14.87 -23.58
CA GLY D 265 12.39 16.00 -23.43
C GLY D 265 13.72 15.88 -24.15
N GLY D 266 13.86 14.92 -25.06
CA GLY D 266 15.08 14.75 -25.81
C GLY D 266 16.08 13.78 -25.23
N ASN D 267 15.78 13.16 -24.10
CA ASN D 267 16.68 12.18 -23.51
C ASN D 267 16.61 10.82 -24.17
N VAL D 268 15.50 10.50 -24.82
CA VAL D 268 15.29 9.22 -25.49
C VAL D 268 15.35 9.47 -26.99
N ILE D 269 16.39 8.98 -27.64
CA ILE D 269 16.58 9.12 -29.08
C ILE D 269 16.35 7.76 -29.73
N SER D 270 15.33 7.68 -30.57
CA SER D 270 14.98 6.45 -31.27
C SER D 270 14.94 6.71 -32.77
N GLU D 271 14.93 5.63 -33.55
CA GLU D 271 14.92 5.73 -35.00
C GLU D 271 14.33 4.45 -35.58
N LEU D 272 13.30 4.59 -36.40
CA LEU D 272 12.68 3.45 -37.06
C LEU D 272 13.55 3.01 -38.23
N VAL D 273 14.05 1.78 -38.19
CA VAL D 273 14.94 1.27 -39.22
C VAL D 273 14.32 0.15 -40.04
N SER D 274 13.33 -0.57 -39.51
CA SER D 274 12.71 -1.67 -40.23
C SER D 274 11.35 -1.96 -39.60
N CYS D 275 10.38 -2.30 -40.44
CA CYS D 275 9.03 -2.59 -39.97
C CYS D 275 8.27 -3.34 -41.05
N GLU D 276 7.40 -4.26 -40.62
CA GLU D 276 6.52 -4.99 -41.50
C GLU D 276 5.07 -4.57 -41.25
N LYS D 277 4.17 -5.04 -42.12
CA LYS D 277 2.76 -4.66 -42.06
C LYS D 277 2.11 -5.34 -40.87
N ASP D 278 1.95 -4.58 -39.77
CA ASP D 278 1.24 -5.02 -38.56
C ASP D 278 1.88 -6.23 -37.91
N LYS D 279 3.13 -6.54 -38.23
CA LYS D 279 3.76 -7.72 -37.66
C LYS D 279 5.12 -7.45 -37.01
N LYS D 280 5.90 -6.52 -37.56
CA LYS D 280 7.25 -6.27 -37.08
C LYS D 280 7.49 -4.78 -36.90
N LEU D 281 8.22 -4.44 -35.85
CA LEU D 281 8.63 -3.05 -35.58
C LEU D 281 10.02 -3.08 -34.98
N VAL D 282 11.01 -2.62 -35.75
CA VAL D 282 12.40 -2.59 -35.32
C VAL D 282 12.84 -1.14 -35.24
N PHE D 283 13.41 -0.76 -34.11
CA PHE D 283 13.87 0.61 -33.86
C PHE D 283 15.33 0.57 -33.41
N HIS D 284 15.89 1.75 -33.14
CA HIS D 284 17.25 1.90 -32.60
C HIS D 284 17.14 2.80 -31.37
N TRP D 285 16.90 2.18 -30.22
CA TRP D 285 16.71 2.92 -28.98
C TRP D 285 18.05 3.38 -28.42
N LYS D 286 18.07 4.61 -27.91
CA LYS D 286 19.29 5.19 -27.35
C LYS D 286 18.92 6.24 -26.32
N LEU D 287 19.76 6.35 -25.29
CA LEU D 287 19.59 7.33 -24.23
C LEU D 287 20.66 8.41 -24.35
N LYS D 288 20.30 9.63 -23.97
CA LYS D 288 21.27 10.72 -23.97
C LYS D 288 22.38 10.47 -22.95
N ASP D 289 22.06 9.78 -21.85
CA ASP D 289 23.06 9.48 -20.83
C ASP D 289 24.02 8.39 -21.27
N TRP D 290 23.63 7.55 -22.22
CA TRP D 290 24.49 6.47 -22.68
C TRP D 290 25.68 7.04 -23.46
N SER D 291 26.73 6.23 -23.55
CA SER D 291 27.92 6.62 -24.27
C SER D 291 27.67 6.58 -25.78
N ALA D 292 28.65 7.07 -26.54
CA ALA D 292 28.51 7.14 -27.99
C ALA D 292 28.44 5.76 -28.65
N PRO D 293 29.33 4.81 -28.36
CA PRO D 293 29.25 3.52 -29.04
C PRO D 293 28.01 2.71 -28.70
N PHE D 294 27.36 2.98 -27.57
CA PHE D 294 26.19 2.22 -27.14
C PHE D 294 24.98 2.67 -27.94
N ASN D 295 24.48 1.79 -28.81
CA ASN D 295 23.27 2.05 -29.60
C ASN D 295 22.45 0.77 -29.59
N SER D 296 21.41 0.74 -28.76
CA SER D 296 20.61 -0.46 -28.61
C SER D 296 19.64 -0.62 -29.77
N THR D 297 19.24 -1.86 -30.01
CA THR D 297 18.30 -2.21 -31.07
C THR D 297 17.15 -2.99 -30.45
N ILE D 298 15.94 -2.45 -30.57
CA ILE D 298 14.74 -3.06 -30.00
C ILE D 298 13.87 -3.58 -31.14
N GLU D 299 13.43 -4.82 -31.02
CA GLU D 299 12.59 -5.46 -32.04
C GLU D 299 11.24 -5.81 -31.42
N MET D 300 10.17 -5.40 -32.10
CA MET D 300 8.81 -5.65 -31.64
C MET D 300 8.13 -6.60 -32.61
N THR D 301 7.76 -7.78 -32.12
CA THR D 301 7.07 -8.79 -32.91
C THR D 301 5.65 -8.93 -32.40
N PHE D 302 4.68 -8.74 -33.28
CA PHE D 302 3.27 -8.80 -32.90
C PHE D 302 2.72 -10.21 -33.04
N HIS D 303 1.94 -10.62 -32.06
CA HIS D 303 1.27 -11.92 -32.07
C HIS D 303 -0.16 -11.71 -31.58
N GLU D 304 -1.12 -11.73 -32.51
CA GLU D 304 -2.52 -11.48 -32.20
C GLU D 304 -3.21 -12.78 -31.83
N SER D 305 -3.94 -12.77 -30.72
CA SER D 305 -4.69 -13.92 -30.24
C SER D 305 -6.16 -13.73 -30.58
N GLN D 306 -6.65 -14.51 -31.55
CA GLN D 306 -8.03 -14.33 -32.00
C GLN D 306 -9.03 -14.90 -30.99
N GLU D 307 -8.71 -16.05 -30.40
CA GLU D 307 -9.66 -16.69 -29.49
C GLU D 307 -9.83 -15.91 -28.19
N PHE D 308 -8.82 -15.13 -27.80
CA PHE D 308 -8.89 -14.33 -26.58
C PHE D 308 -9.00 -12.84 -26.85
N HIS D 309 -8.89 -12.41 -28.11
CA HIS D 309 -9.01 -10.99 -28.50
C HIS D 309 -7.98 -10.14 -27.76
N GLU D 310 -6.71 -10.48 -27.97
CA GLU D 310 -5.60 -9.77 -27.35
C GLU D 310 -4.38 -9.86 -28.26
N THR D 311 -3.35 -9.11 -27.91
CA THR D 311 -2.11 -9.08 -28.69
C THR D 311 -0.93 -9.11 -27.73
N LYS D 312 -0.09 -10.14 -27.85
CA LYS D 312 1.13 -10.28 -27.06
C LYS D 312 2.29 -9.72 -27.88
N LEU D 313 2.82 -8.57 -27.45
CA LEU D 313 3.89 -7.89 -28.15
C LEU D 313 5.24 -8.42 -27.65
N GLN D 314 5.79 -9.40 -28.36
CA GLN D 314 7.09 -9.94 -28.00
C GLN D 314 8.18 -8.93 -28.35
N VAL D 315 8.95 -8.51 -27.35
CA VAL D 315 10.00 -7.52 -27.52
C VAL D 315 11.35 -8.20 -27.36
N LYS D 316 12.14 -8.20 -28.42
CA LYS D 316 13.49 -8.74 -28.42
C LYS D 316 14.45 -7.55 -28.44
N TRP D 317 14.79 -7.06 -27.25
CA TRP D 317 15.63 -5.87 -27.11
C TRP D 317 17.08 -6.28 -26.95
N THR D 318 17.95 -5.68 -27.75
CA THR D 318 19.38 -5.97 -27.73
C THR D 318 20.16 -4.67 -27.78
N GLY D 319 21.45 -4.77 -27.42
CA GLY D 319 22.32 -3.61 -27.43
C GLY D 319 22.26 -2.74 -26.20
N ILE D 320 21.67 -3.23 -25.12
CA ILE D 320 21.52 -2.46 -23.89
C ILE D 320 22.78 -2.65 -23.04
N PRO D 321 23.33 -1.59 -22.46
CA PRO D 321 24.48 -1.76 -21.56
C PRO D 321 24.13 -2.63 -20.37
N VAL D 322 25.17 -3.26 -19.80
CA VAL D 322 24.95 -4.16 -18.67
C VAL D 322 24.56 -3.37 -17.43
N GLY D 323 24.99 -2.12 -17.32
CA GLY D 323 24.64 -1.32 -16.16
C GLY D 323 23.24 -0.74 -16.23
N GLU D 324 22.74 -0.47 -17.44
CA GLU D 324 21.43 0.11 -17.64
C GLU D 324 20.40 -0.91 -18.11
N GLU D 325 20.57 -2.18 -17.71
CA GLU D 325 19.63 -3.21 -18.14
C GLU D 325 18.31 -3.12 -17.37
N ASP D 326 18.39 -3.14 -16.04
CA ASP D 326 17.17 -3.07 -15.24
C ASP D 326 16.56 -1.67 -15.24
N ARG D 327 17.32 -0.66 -15.67
CA ARG D 327 16.77 0.70 -15.73
C ARG D 327 15.77 0.82 -16.87
N VAL D 328 16.14 0.37 -18.07
CA VAL D 328 15.25 0.46 -19.23
C VAL D 328 14.15 -0.59 -19.21
N ARG D 329 14.24 -1.58 -18.32
CA ARG D 329 13.21 -2.62 -18.21
C ARG D 329 12.07 -2.20 -17.30
N ALA D 330 12.38 -1.58 -16.16
CA ALA D 330 11.34 -1.14 -15.25
C ALA D 330 10.58 0.05 -15.82
N ASN D 331 11.27 0.95 -16.53
CA ASN D 331 10.62 2.10 -17.14
C ASN D 331 9.85 1.74 -18.40
N PHE D 332 10.18 0.63 -19.05
CA PHE D 332 9.41 0.21 -20.22
C PHE D 332 7.99 -0.18 -19.83
N GLU D 333 7.81 -0.74 -18.65
CA GLU D 333 6.47 -1.04 -18.14
C GLU D 333 5.70 0.20 -17.71
N GLU D 334 6.40 1.33 -17.54
CA GLU D 334 5.77 2.58 -17.11
C GLU D 334 5.61 3.59 -18.24
N TYR D 335 6.61 3.73 -19.11
CA TYR D 335 6.55 4.69 -20.19
C TYR D 335 6.00 4.11 -21.48
N TYR D 336 5.98 2.79 -21.64
CA TYR D 336 5.51 2.15 -22.85
C TYR D 336 4.31 1.25 -22.63
N VAL D 337 4.35 0.38 -21.60
CA VAL D 337 3.29 -0.59 -21.41
C VAL D 337 2.07 0.06 -20.75
N ARG D 338 2.25 0.57 -19.53
CA ARG D 338 1.13 1.17 -18.81
C ARG D 338 0.72 2.52 -19.37
N SER D 339 1.62 3.22 -20.08
CA SER D 339 1.27 4.50 -20.66
C SER D 339 0.26 4.35 -21.79
N ILE D 340 0.38 3.28 -22.58
CA ILE D 340 -0.55 3.05 -23.67
C ILE D 340 -1.86 2.46 -23.16
N LYS D 341 -1.79 1.56 -22.17
CA LYS D 341 -2.99 0.93 -21.64
C LYS D 341 -3.90 1.93 -20.94
N LEU D 342 -3.33 2.97 -20.32
CA LEU D 342 -4.12 3.96 -19.61
C LEU D 342 -4.57 5.11 -20.50
N THR D 343 -3.90 5.35 -21.62
CA THR D 343 -4.26 6.44 -22.52
C THR D 343 -5.34 6.03 -23.52
N PHE D 344 -5.13 4.92 -24.21
CA PHE D 344 -6.06 4.45 -25.23
C PHE D 344 -7.01 3.37 -24.71
N GLY D 345 -6.81 2.88 -23.50
CA GLY D 345 -7.68 1.84 -22.97
C GLY D 345 -7.41 0.46 -23.52
N PHE D 346 -6.14 0.12 -23.73
CA PHE D 346 -5.75 -1.19 -24.26
C PHE D 346 -5.43 -2.20 -23.17
N GLY D 347 -6.00 -2.03 -21.97
CA GLY D 347 -5.74 -2.95 -20.88
C GLY D 347 -6.31 -2.47 -19.56
N ALA D 348 -6.55 -3.41 -18.65
CA ALA D 348 -7.11 -3.10 -17.33
C ALA D 348 -5.98 -3.05 -16.32
N VAL D 349 -5.62 -1.84 -15.89
CA VAL D 349 -4.56 -1.62 -14.92
C VAL D 349 -5.19 -1.07 -13.64
N LEU D 350 -4.93 -1.74 -12.52
CA LEU D 350 -5.46 -1.31 -11.23
C LEU D 350 -4.36 -0.81 -10.32
PG ANP E . 21.10 -16.15 22.58
O1G ANP E . 21.82 -14.84 22.73
O2G ANP E . 20.79 -16.41 21.06
O3G ANP E . 19.76 -16.12 23.40
PB ANP E . 22.22 -17.27 24.84
O1B ANP E . 20.87 -17.28 25.45
O2B ANP E . 23.06 -18.46 25.39
N3B ANP E . 22.09 -17.40 23.18
PA ANP E . 23.05 -15.48 26.72
O1A ANP E . 21.78 -14.89 27.19
O2A ANP E . 24.26 -14.54 26.79
O3A ANP E . 22.93 -15.93 25.20
O5' ANP E . 23.30 -16.82 27.52
C5' ANP E . 24.57 -17.09 28.15
C4' ANP E . 24.42 -18.34 28.99
O4' ANP E . 24.13 -17.96 30.36
C3' ANP E . 23.28 -19.26 28.58
O3' ANP E . 23.70 -20.16 27.57
C2' ANP E . 22.97 -19.98 29.90
O2' ANP E . 23.82 -21.10 30.11
C1' ANP E . 23.25 -18.90 30.95
N9 ANP E . 22.05 -18.17 31.39
C8 ANP E . 21.55 -17.02 30.87
N7 ANP E . 20.46 -16.60 31.47
C5 ANP E . 20.23 -17.54 32.45
C6 ANP E . 19.23 -17.68 33.43
N6 ANP E . 18.23 -16.81 33.59
N1 ANP E . 19.30 -18.74 34.26
C2 ANP E . 20.30 -19.62 34.10
N3 ANP E . 21.30 -19.59 33.21
C4 ANP E . 21.21 -18.53 32.41
MG MG F . 19.93 -15.04 25.49
K K G . 27.41 -14.83 27.28
PG ANP H . 33.43 -0.28 10.06
O1G ANP H . 33.25 -1.75 10.26
O2G ANP H . 32.15 0.48 10.62
O3G ANP H . 33.60 0.04 8.53
PB ANP H . 36.18 -0.35 10.14
O1B ANP H . 36.15 0.01 8.70
O2B ANP H . 37.44 0.28 10.81
N3B ANP H . 34.81 0.25 10.90
PA ANP H . 37.24 -2.74 9.44
O1A ANP H . 36.81 -2.85 8.04
O2A ANP H . 37.39 -4.09 10.17
O3A ANP H . 36.21 -1.90 10.29
O5' ANP H . 38.59 -1.92 9.48
C5' ANP H . 39.73 -2.38 10.23
C4' ANP H . 40.87 -1.43 9.99
O4' ANP H . 41.73 -1.96 8.97
C3' ANP H . 40.48 -0.05 9.49
O3' ANP H . 40.15 0.82 10.57
C2' ANP H . 41.74 0.40 8.76
O2' ANP H . 42.68 1.00 9.63
C1' ANP H . 42.28 -0.92 8.19
N9 ANP H . 41.93 -1.15 6.79
C8 ANP H . 40.88 -1.87 6.31
N7 ANP H . 40.80 -1.92 5.00
C5 ANP H . 41.90 -1.17 4.60
C6 ANP H . 42.39 -0.82 3.31
N6 ANP H . 41.82 -1.21 2.17
N1 ANP H . 43.49 -0.05 3.25
C2 ANP H . 44.07 0.34 4.40
N3 ANP H . 43.70 0.08 5.66
C4 ANP H . 42.60 -0.68 5.68
MG MG I . 35.20 -1.44 7.46
K K J . 39.12 -5.05 12.39
#